data_4Q3Q
#
_entry.id   4Q3Q
#
_cell.length_a   178.224
_cell.length_b   178.224
_cell.length_c   178.224
_cell.angle_alpha   90.00
_cell.angle_beta   90.00
_cell.angle_gamma   90.00
#
_symmetry.space_group_name_H-M   'P 21 3'
#
loop_
_entity.id
_entity.type
_entity.pdbx_description
1 polymer Arginase
2 non-polymer 'MANGANESE (II) ION'
3 non-polymer GLYCEROL
4 non-polymer '2(S)-AMINO-6-BORONOHEXANOIC ACID'
5 water water
#
_entity_poly.entity_id   1
_entity_poly.type   'polypeptide(L)'
_entity_poly.pdbx_seq_one_letter_code
;MGSSHHHHHHSSGLVPRGSHMMLKSVATPYYPIQDEKPKLLYTSANFLGIPTNRGQPKIGTYQGPELIRKSNFFQLVAED
GIQLTDCGDIIPVELNEAEDPQRFGMKWSRSFSLTTLRIAERVEELMKQSNKHTVELSGSKSTPLVIVGGDHSMATGTIL
GHAEAKPDLCVLWIDAHGDINTPLNSASGNMHGMPLSFLVKELQDQIPWLDDFEGIKPCLNASNIAYIGLRDLDAHETHD
IRKHGIAYFTMLDVDRMGIEAVIKEALLAVNPRLEKAIHLSFDIDALDPLVAPSTGTAVPGGLTLREGLRICEEVSATGK
LSVVELAELNPLLGSQEDVLKTQSSAVHILRACLGHCRSGHLPFKVRNLTDQGIMSRAAHMQTKQ
;
_entity_poly.pdbx_strand_id   A,B,C,D
#
loop_
_chem_comp.id
_chem_comp.type
_chem_comp.name
_chem_comp.formula
ABH non-polymer '2(S)-AMINO-6-BORONOHEXANOIC ACID' 'C6 H15 B N O5 -1'
GOL non-polymer GLYCEROL 'C3 H8 O3'
MN non-polymer 'MANGANESE (II) ION' 'Mn 2'
#
# COMPACT_ATOMS: atom_id res chain seq x y z
N LYS A 39 -8.20 32.67 -3.40
CA LYS A 39 -9.20 33.53 -2.76
C LYS A 39 -10.64 33.08 -3.04
N LEU A 40 -10.85 32.26 -4.08
CA LEU A 40 -12.19 31.73 -4.39
C LEU A 40 -12.20 30.22 -4.47
N LEU A 41 -13.19 29.61 -3.82
CA LEU A 41 -13.35 28.17 -3.86
C LEU A 41 -13.86 27.76 -5.22
N TYR A 42 -14.72 28.60 -5.79
CA TYR A 42 -15.27 28.37 -7.11
C TYR A 42 -15.06 29.63 -7.92
N THR A 43 -14.33 29.54 -9.04
CA THR A 43 -14.05 30.72 -9.85
C THR A 43 -14.96 30.82 -11.06
N SER A 44 -15.60 29.72 -11.42
CA SER A 44 -16.64 29.78 -12.45
C SER A 44 -17.86 28.98 -12.04
N ALA A 45 -18.99 29.28 -12.67
CA ALA A 45 -20.21 28.54 -12.42
C ALA A 45 -21.07 28.61 -13.67
N ASN A 46 -21.97 27.64 -13.80
CA ASN A 46 -23.00 27.64 -14.83
C ASN A 46 -24.36 27.92 -14.24
N PHE A 47 -25.23 28.51 -15.05
CA PHE A 47 -26.58 28.88 -14.66
C PHE A 47 -27.55 28.30 -15.69
N LEU A 48 -28.61 27.68 -15.21
CA LEU A 48 -29.59 27.06 -16.08
C LEU A 48 -30.98 27.31 -15.52
N GLY A 49 -31.93 27.73 -16.37
CA GLY A 49 -33.32 27.86 -15.99
C GLY A 49 -34.10 26.60 -16.37
N ILE A 50 -35.02 26.18 -15.51
CA ILE A 50 -35.94 25.08 -15.82
C ILE A 50 -37.32 25.53 -15.41
N PRO A 51 -38.10 26.04 -16.37
CA PRO A 51 -39.40 26.66 -16.06
C PRO A 51 -40.54 25.65 -15.91
N THR A 52 -40.34 24.59 -15.11
CA THR A 52 -41.39 23.61 -14.86
C THR A 52 -42.65 24.22 -14.22
N ASN A 53 -43.82 23.82 -14.72
CA ASN A 53 -45.08 24.32 -14.16
C ASN A 53 -46.17 23.26 -14.25
N ARG A 54 -45.82 22.04 -14.63
CA ARG A 54 -46.80 20.96 -14.73
C ARG A 54 -46.69 20.05 -13.51
N GLY A 55 -45.93 20.49 -12.52
CA GLY A 55 -45.77 19.74 -11.29
C GLY A 55 -46.79 20.16 -10.25
N GLN A 56 -47.49 21.26 -10.52
CA GLN A 56 -48.45 21.80 -9.56
C GLN A 56 -49.35 22.77 -10.30
N PRO A 57 -50.55 23.04 -9.74
CA PRO A 57 -51.60 23.69 -10.54
C PRO A 57 -51.52 25.21 -10.66
N LYS A 58 -50.76 25.90 -9.82
CA LYS A 58 -50.72 27.36 -9.88
C LYS A 58 -49.81 27.85 -10.99
N ILE A 59 -50.38 28.58 -11.95
CA ILE A 59 -49.59 29.15 -13.02
C ILE A 59 -48.58 30.16 -12.46
N GLY A 60 -47.35 30.09 -12.93
CA GLY A 60 -46.36 31.11 -12.60
C GLY A 60 -44.96 30.64 -12.25
N THR A 61 -44.80 29.38 -11.86
CA THR A 61 -43.45 28.88 -11.59
C THR A 61 -42.59 28.94 -12.86
N TYR A 62 -43.24 28.91 -14.03
CA TYR A 62 -42.50 29.01 -15.29
C TYR A 62 -41.74 30.33 -15.39
N GLN A 63 -42.12 31.31 -14.58
CA GLN A 63 -41.47 32.62 -14.58
C GLN A 63 -40.31 32.77 -13.58
N GLY A 64 -40.05 31.72 -12.82
CA GLY A 64 -38.98 31.77 -11.82
C GLY A 64 -37.61 32.10 -12.40
N PRO A 65 -37.23 31.44 -13.50
CA PRO A 65 -35.89 31.76 -14.02
C PRO A 65 -35.76 33.22 -14.44
N GLU A 66 -36.76 33.75 -15.11
CA GLU A 66 -36.74 35.17 -15.49
C GLU A 66 -36.69 36.11 -14.27
N LEU A 67 -37.35 35.72 -13.18
CA LEU A 67 -37.32 36.56 -11.97
C LEU A 67 -35.90 36.75 -11.46
N ILE A 68 -35.09 35.70 -11.58
CA ILE A 68 -33.68 35.78 -11.21
C ILE A 68 -32.84 36.52 -12.28
N ARG A 69 -33.12 36.27 -13.57
CA ARG A 69 -32.36 36.97 -14.62
C ARG A 69 -32.61 38.48 -14.61
N LYS A 70 -33.83 38.88 -14.25
CA LYS A 70 -34.20 40.30 -14.16
C LYS A 70 -33.63 40.96 -12.92
N SER A 71 -33.14 40.17 -11.98
CA SER A 71 -32.56 40.71 -10.75
C SER A 71 -31.12 41.17 -11.00
N ASN A 72 -30.44 41.63 -9.95
CA ASN A 72 -29.02 41.96 -10.09
C ASN A 72 -28.07 40.80 -9.77
N PHE A 73 -28.61 39.58 -9.70
CA PHE A 73 -27.80 38.39 -9.40
C PHE A 73 -26.51 38.28 -10.23
N PHE A 74 -26.62 38.27 -11.55
CA PHE A 74 -25.43 38.10 -12.39
C PHE A 74 -24.36 39.16 -12.09
N GLN A 75 -24.80 40.41 -12.00
CA GLN A 75 -23.88 41.51 -11.70
C GLN A 75 -23.16 41.29 -10.37
N LEU A 76 -23.89 40.87 -9.34
CA LEU A 76 -23.30 40.71 -8.01
C LEU A 76 -22.29 39.58 -7.95
N VAL A 77 -22.59 38.50 -8.66
CA VAL A 77 -21.71 37.36 -8.75
C VAL A 77 -20.40 37.74 -9.47
N ALA A 78 -20.53 38.48 -10.57
CA ALA A 78 -19.35 39.00 -11.25
C ALA A 78 -18.54 39.90 -10.32
N GLU A 79 -19.21 40.72 -9.52
CA GLU A 79 -18.50 41.61 -8.61
C GLU A 79 -17.68 40.85 -7.56
N ASP A 80 -18.05 39.60 -7.30
CA ASP A 80 -17.30 38.76 -6.37
C ASP A 80 -16.15 38.00 -7.05
N GLY A 81 -16.00 38.16 -8.36
CA GLY A 81 -14.87 37.57 -9.06
C GLY A 81 -15.16 36.24 -9.71
N ILE A 82 -16.45 35.87 -9.73
CA ILE A 82 -16.87 34.61 -10.33
C ILE A 82 -17.35 34.77 -11.78
N GLN A 83 -16.87 33.89 -12.65
CA GLN A 83 -17.30 33.88 -14.03
C GLN A 83 -18.52 32.98 -14.17
N LEU A 84 -19.70 33.59 -14.34
CA LEU A 84 -20.95 32.85 -14.42
C LEU A 84 -21.46 32.81 -15.86
N THR A 85 -21.63 31.60 -16.41
CA THR A 85 -22.15 31.46 -17.76
C THR A 85 -23.63 31.08 -17.77
N ASP A 86 -24.46 31.90 -18.42
CA ASP A 86 -25.88 31.58 -18.56
C ASP A 86 -26.06 30.55 -19.67
N CYS A 87 -26.43 29.35 -19.28
CA CYS A 87 -26.58 28.25 -20.22
C CYS A 87 -27.99 28.12 -20.81
N GLY A 88 -28.83 29.13 -20.59
CA GLY A 88 -30.18 29.16 -21.15
C GLY A 88 -31.19 28.42 -20.29
N ASP A 89 -32.25 27.94 -20.92
CA ASP A 89 -33.37 27.30 -20.24
C ASP A 89 -33.59 25.93 -20.85
N ILE A 90 -34.00 24.97 -20.03
CA ILE A 90 -34.56 23.74 -20.56
C ILE A 90 -36.02 23.99 -20.92
N ILE A 91 -36.45 23.46 -22.07
CA ILE A 91 -37.86 23.56 -22.46
C ILE A 91 -38.58 22.32 -21.92
N PRO A 92 -39.51 22.51 -20.98
CA PRO A 92 -40.24 21.33 -20.46
C PRO A 92 -41.17 20.75 -21.53
N VAL A 93 -41.45 19.45 -21.45
CA VAL A 93 -42.47 18.85 -22.30
C VAL A 93 -43.83 19.04 -21.65
N GLU A 94 -44.73 19.75 -22.33
CA GLU A 94 -46.06 20.04 -21.81
C GLU A 94 -47.11 19.48 -22.77
N LEU A 95 -47.55 18.26 -22.51
CA LEU A 95 -48.52 17.59 -23.37
C LEU A 95 -49.90 18.17 -23.14
N ASN A 96 -50.85 17.84 -24.02
CA ASN A 96 -52.22 18.26 -23.75
C ASN A 96 -52.97 17.22 -22.92
N GLU A 97 -54.13 17.60 -22.41
CA GLU A 97 -54.92 16.72 -21.56
C GLU A 97 -55.14 15.34 -22.18
N ALA A 98 -55.45 15.34 -23.48
CA ALA A 98 -55.77 14.11 -24.18
C ALA A 98 -54.58 13.14 -24.22
N GLU A 99 -53.38 13.69 -24.38
CA GLU A 99 -52.17 12.88 -24.45
C GLU A 99 -51.68 12.45 -23.07
N ASP A 100 -52.15 13.12 -22.04
CA ASP A 100 -51.57 12.92 -20.71
C ASP A 100 -52.68 12.83 -19.66
N PRO A 101 -53.49 11.76 -19.72
CA PRO A 101 -54.58 11.64 -18.72
C PRO A 101 -54.03 11.22 -17.36
N GLN A 102 -54.84 11.36 -16.30
CA GLN A 102 -54.41 10.88 -14.98
C GLN A 102 -54.04 9.41 -15.08
N ARG A 103 -52.99 9.01 -14.37
CA ARG A 103 -52.61 7.61 -14.22
C ARG A 103 -52.11 7.42 -12.79
N PHE A 104 -52.70 6.46 -12.09
CA PHE A 104 -52.46 6.26 -10.67
C PHE A 104 -52.66 7.56 -9.88
N GLY A 105 -53.63 8.36 -10.32
CA GLY A 105 -53.97 9.62 -9.68
C GLY A 105 -53.02 10.75 -10.00
N MET A 106 -51.89 10.46 -10.64
CA MET A 106 -50.90 11.49 -10.95
C MET A 106 -51.39 12.43 -12.04
N LYS A 107 -51.23 13.72 -11.83
CA LYS A 107 -51.56 14.71 -12.84
C LYS A 107 -50.33 14.99 -13.69
N TRP A 108 -50.51 14.95 -15.01
CA TRP A 108 -49.46 15.26 -15.98
C TRP A 108 -48.23 14.36 -15.83
N SER A 109 -48.44 13.07 -15.61
CA SER A 109 -47.33 12.15 -15.39
C SER A 109 -46.48 11.85 -16.62
N ARG A 110 -47.04 11.97 -17.83
CA ARG A 110 -46.21 11.70 -19.01
C ARG A 110 -45.43 12.95 -19.40
N SER A 111 -46.03 14.12 -19.22
CA SER A 111 -45.27 15.35 -19.34
C SER A 111 -44.07 15.29 -18.38
N PHE A 112 -44.32 14.77 -17.19
CA PHE A 112 -43.29 14.64 -16.15
C PHE A 112 -42.18 13.67 -16.55
N SER A 113 -42.53 12.49 -17.04
CA SER A 113 -41.51 11.52 -17.38
C SER A 113 -40.63 11.99 -18.57
N LEU A 114 -41.26 12.61 -19.58
CA LEU A 114 -40.52 13.13 -20.72
C LEU A 114 -39.67 14.34 -20.33
N THR A 115 -40.23 15.21 -19.49
CA THR A 115 -39.48 16.37 -19.02
C THR A 115 -38.29 15.91 -18.19
N THR A 116 -38.52 14.91 -17.35
CA THR A 116 -37.49 14.36 -16.48
C THR A 116 -36.27 13.86 -17.30
N LEU A 117 -36.53 13.09 -18.36
CA LEU A 117 -35.46 12.60 -19.22
C LEU A 117 -34.75 13.73 -19.96
N ARG A 118 -35.49 14.72 -20.43
CA ARG A 118 -34.88 15.86 -21.11
C ARG A 118 -33.99 16.67 -20.16
N ILE A 119 -34.48 16.92 -18.95
CA ILE A 119 -33.67 17.57 -17.94
C ILE A 119 -32.39 16.77 -17.63
N ALA A 120 -32.56 15.48 -17.39
CA ALA A 120 -31.42 14.63 -17.01
C ALA A 120 -30.32 14.64 -18.07
N GLU A 121 -30.71 14.58 -19.34
CA GLU A 121 -29.73 14.62 -20.42
C GLU A 121 -28.92 15.91 -20.42
N ARG A 122 -29.63 17.03 -20.26
CA ARG A 122 -28.98 18.33 -20.28
C ARG A 122 -28.06 18.50 -19.08
N VAL A 123 -28.53 18.11 -17.90
CA VAL A 123 -27.72 18.27 -16.70
C VAL A 123 -26.49 17.35 -16.77
N GLU A 124 -26.68 16.12 -17.25
CA GLU A 124 -25.56 15.20 -17.36
C GLU A 124 -24.49 15.80 -18.28
N GLU A 125 -24.92 16.31 -19.42
CA GLU A 125 -24.00 16.92 -20.39
C GLU A 125 -23.22 18.08 -19.74
N LEU A 126 -23.93 18.98 -19.07
CA LEU A 126 -23.26 20.11 -18.40
C LEU A 126 -22.31 19.66 -17.30
N MET A 127 -22.69 18.67 -16.51
CA MET A 127 -21.85 18.24 -15.41
C MET A 127 -20.60 17.49 -15.91
N LYS A 128 -20.72 16.84 -17.07
CA LYS A 128 -19.57 16.12 -17.64
C LYS A 128 -18.58 17.06 -18.32
N GLN A 129 -19.08 18.10 -18.99
CA GLN A 129 -18.19 19.11 -19.55
C GLN A 129 -17.39 19.76 -18.41
N SER A 130 -17.90 19.64 -17.19
CA SER A 130 -17.28 20.25 -16.00
C SER A 130 -16.33 19.31 -15.29
N ASN A 131 -16.36 18.02 -15.67
CA ASN A 131 -15.44 17.04 -15.13
C ASN A 131 -14.07 17.16 -15.79
N LYS A 141 -10.34 23.50 -8.92
CA LYS A 141 -11.62 24.13 -8.61
C LYS A 141 -12.69 23.69 -9.58
N SER A 142 -13.71 23.03 -9.04
CA SER A 142 -14.82 22.54 -9.86
C SER A 142 -15.80 23.67 -10.16
N THR A 143 -16.74 23.40 -11.07
CA THR A 143 -17.64 24.44 -11.55
C THR A 143 -19.08 24.08 -11.17
N PRO A 144 -19.62 24.75 -10.14
CA PRO A 144 -20.99 24.45 -9.71
C PRO A 144 -22.00 24.79 -10.80
N LEU A 145 -23.10 24.08 -10.80
CA LEU A 145 -24.22 24.41 -11.67
C LEU A 145 -25.35 24.96 -10.79
N VAL A 146 -25.77 26.18 -11.12
CA VAL A 146 -26.89 26.83 -10.45
C VAL A 146 -28.13 26.66 -11.33
N ILE A 147 -29.16 26.03 -10.77
CA ILE A 147 -30.41 25.81 -11.48
C ILE A 147 -31.56 26.58 -10.83
N VAL A 148 -32.27 27.39 -11.61
CA VAL A 148 -33.45 28.08 -11.07
C VAL A 148 -34.73 27.53 -11.72
N GLY A 149 -35.66 27.06 -10.88
CA GLY A 149 -36.96 26.57 -11.36
C GLY A 149 -37.98 27.68 -11.42
N GLY A 150 -39.24 27.37 -11.76
CA GLY A 150 -39.69 26.00 -11.94
C GLY A 150 -40.18 25.36 -10.65
N ASP A 151 -41.25 24.59 -10.72
CA ASP A 151 -41.72 23.86 -9.55
C ASP A 151 -40.80 22.67 -9.25
N HIS A 152 -40.89 22.14 -8.05
CA HIS A 152 -39.90 21.19 -7.55
C HIS A 152 -39.91 19.82 -8.26
N SER A 153 -40.87 19.58 -9.15
CA SER A 153 -40.87 18.31 -9.89
C SER A 153 -39.62 18.16 -10.75
N MET A 154 -38.98 19.28 -11.09
CA MET A 154 -37.73 19.23 -11.88
C MET A 154 -36.62 18.41 -11.20
N ALA A 155 -36.69 18.24 -9.89
CA ALA A 155 -35.61 17.62 -9.13
C ALA A 155 -35.33 16.17 -9.52
N THR A 156 -36.36 15.44 -9.94
CA THR A 156 -36.15 14.07 -10.39
C THR A 156 -35.15 14.05 -11.54
N GLY A 157 -35.38 14.93 -12.52
CA GLY A 157 -34.46 15.06 -13.64
C GLY A 157 -33.09 15.60 -13.28
N THR A 158 -33.02 16.61 -12.41
CA THR A 158 -31.72 17.25 -12.15
C THR A 158 -30.84 16.28 -11.39
N ILE A 159 -31.43 15.53 -10.46
CA ILE A 159 -30.64 14.61 -9.65
C ILE A 159 -30.28 13.38 -10.50
N LEU A 160 -31.21 12.89 -11.30
CA LEU A 160 -30.91 11.78 -12.22
C LEU A 160 -29.69 12.09 -13.10
N GLY A 161 -29.70 13.25 -13.75
CA GLY A 161 -28.57 13.62 -14.61
C GLY A 161 -27.29 13.89 -13.84
N HIS A 162 -27.43 14.53 -12.70
CA HIS A 162 -26.27 14.85 -11.85
C HIS A 162 -25.60 13.53 -11.45
N ALA A 163 -26.41 12.56 -11.04
CA ALA A 163 -25.87 11.28 -10.55
C ALA A 163 -25.19 10.47 -11.67
N GLU A 164 -25.61 10.69 -12.91
CA GLU A 164 -24.95 10.05 -14.06
C GLU A 164 -23.50 10.55 -14.13
N ALA A 165 -23.30 11.84 -13.89
CA ALA A 165 -21.97 12.41 -13.86
C ALA A 165 -21.26 12.12 -12.53
N LYS A 166 -22.00 12.08 -11.42
CA LYS A 166 -21.38 11.89 -10.10
C LYS A 166 -22.17 10.89 -9.27
N PRO A 167 -21.96 9.59 -9.52
CA PRO A 167 -22.84 8.55 -8.96
C PRO A 167 -22.81 8.50 -7.42
N ASP A 168 -21.72 8.97 -6.83
CA ASP A 168 -21.62 8.93 -5.37
C ASP A 168 -22.11 10.19 -4.65
N LEU A 169 -23.00 10.95 -5.28
CA LEU A 169 -23.40 12.22 -4.69
C LEU A 169 -24.28 12.06 -3.45
N CYS A 170 -24.41 13.13 -2.67
CA CYS A 170 -25.39 13.17 -1.59
C CYS A 170 -26.35 14.31 -1.86
N VAL A 171 -27.53 14.28 -1.24
CA VAL A 171 -28.54 15.29 -1.50
C VAL A 171 -28.92 15.98 -0.19
N LEU A 172 -28.87 17.31 -0.17
CA LEU A 172 -29.41 18.07 0.96
C LEU A 172 -30.68 18.76 0.50
N TRP A 173 -31.81 18.39 1.10
CA TRP A 173 -33.11 18.83 0.61
C TRP A 173 -33.65 19.83 1.60
N ILE A 174 -33.75 21.10 1.21
CA ILE A 174 -34.13 22.17 2.13
C ILE A 174 -35.54 22.56 1.77
N ASP A 175 -36.50 22.28 2.65
CA ASP A 175 -37.89 22.36 2.24
C ASP A 175 -38.79 22.29 3.47
N ALA A 176 -39.95 22.94 3.40
CA ALA A 176 -40.98 22.75 4.41
C ALA A 176 -41.63 21.36 4.25
N HIS A 177 -41.49 20.78 3.06
CA HIS A 177 -42.16 19.52 2.70
C HIS A 177 -41.19 18.38 2.35
N GLY A 178 -41.68 17.14 2.43
CA GLY A 178 -40.85 15.98 2.14
C GLY A 178 -40.65 15.69 0.66
N ASP A 179 -41.60 16.11 -0.17
CA ASP A 179 -41.55 15.88 -1.62
C ASP A 179 -41.20 14.43 -1.92
N ILE A 180 -41.73 13.53 -1.11
CA ILE A 180 -41.37 12.12 -1.25
C ILE A 180 -42.59 11.21 -1.19
N ASN A 181 -43.76 11.78 -1.47
CA ASN A 181 -44.96 10.95 -1.59
C ASN A 181 -44.83 9.96 -2.75
N THR A 182 -45.24 8.72 -2.52
CA THR A 182 -45.38 7.80 -3.63
C THR A 182 -46.78 7.97 -4.23
N PRO A 183 -46.94 7.66 -5.52
CA PRO A 183 -48.15 8.07 -6.26
C PRO A 183 -49.49 7.65 -5.66
N LEU A 184 -49.60 6.46 -5.09
CA LEU A 184 -50.89 6.04 -4.52
C LEU A 184 -51.18 6.70 -3.19
N ASN A 185 -50.17 7.31 -2.56
CA ASN A 185 -50.41 7.99 -1.28
C ASN A 185 -50.64 9.48 -1.42
N SER A 186 -50.34 10.02 -2.59
CA SER A 186 -50.52 11.46 -2.80
C SER A 186 -51.99 11.81 -2.80
N ALA A 187 -52.40 12.67 -1.88
CA ALA A 187 -53.76 13.22 -1.91
C ALA A 187 -54.03 14.13 -3.12
N SER A 188 -53.03 14.87 -3.59
CA SER A 188 -53.25 15.87 -4.65
C SER A 188 -52.97 15.36 -6.08
N GLY A 189 -52.13 14.34 -6.21
CA GLY A 189 -51.64 13.96 -7.53
C GLY A 189 -50.69 14.95 -8.19
N ASN A 190 -50.18 15.92 -7.42
CA ASN A 190 -49.23 16.91 -7.95
C ASN A 190 -47.80 16.37 -7.92
N MET A 191 -47.15 16.34 -9.07
CA MET A 191 -45.84 15.70 -9.16
C MET A 191 -44.77 16.41 -8.31
N HIS A 192 -44.93 17.70 -8.04
CA HIS A 192 -43.90 18.44 -7.28
C HIS A 192 -43.80 17.94 -5.84
N GLY A 193 -44.80 17.14 -5.42
CA GLY A 193 -44.79 16.52 -4.11
C GLY A 193 -44.28 15.09 -4.09
N MET A 194 -43.77 14.64 -5.23
CA MET A 194 -43.29 13.25 -5.37
C MET A 194 -41.87 13.06 -5.93
N PRO A 195 -41.10 14.15 -6.18
CA PRO A 195 -39.90 13.93 -7.01
C PRO A 195 -38.84 12.97 -6.44
N LEU A 196 -38.71 12.89 -5.12
CA LEU A 196 -37.71 11.98 -4.53
C LEU A 196 -38.14 10.53 -4.56
N SER A 197 -39.44 10.26 -4.61
CA SER A 197 -39.91 8.88 -4.45
C SER A 197 -39.40 8.00 -5.59
N PHE A 198 -39.30 8.58 -6.79
CA PHE A 198 -38.83 7.86 -7.96
C PHE A 198 -37.33 7.58 -7.92
N LEU A 199 -36.60 8.32 -7.08
CA LEU A 199 -35.14 8.22 -7.04
C LEU A 199 -34.63 7.30 -5.96
N VAL A 200 -35.45 7.05 -4.95
CA VAL A 200 -34.99 6.34 -3.75
C VAL A 200 -35.18 4.83 -3.92
N LYS A 201 -34.07 4.10 -3.88
CA LYS A 201 -34.11 2.66 -4.19
C LYS A 201 -35.01 1.92 -3.23
N GLU A 202 -34.94 2.26 -1.95
CA GLU A 202 -35.73 1.58 -0.94
C GLU A 202 -37.25 1.75 -1.12
N LEU A 203 -37.67 2.66 -1.98
CA LEU A 203 -39.09 2.99 -2.10
C LEU A 203 -39.75 2.29 -3.29
N GLN A 204 -38.97 1.54 -4.05
CA GLN A 204 -39.41 1.11 -5.38
C GLN A 204 -40.53 0.08 -5.39
N ASP A 205 -40.78 -0.55 -4.24
CA ASP A 205 -41.91 -1.48 -4.14
C ASP A 205 -43.22 -0.73 -3.90
N GLN A 206 -43.14 0.59 -3.80
CA GLN A 206 -44.33 1.39 -3.52
C GLN A 206 -44.62 2.33 -4.69
N ILE A 207 -43.78 2.24 -5.73
CA ILE A 207 -43.95 3.00 -6.95
C ILE A 207 -44.60 2.12 -8.03
N PRO A 208 -45.77 2.53 -8.57
CA PRO A 208 -46.35 1.71 -9.65
C PRO A 208 -45.47 1.73 -10.88
N TRP A 209 -45.37 0.59 -11.54
CA TRP A 209 -44.62 0.52 -12.80
C TRP A 209 -45.38 1.23 -13.92
N LEU A 210 -44.68 2.10 -14.65
CA LEU A 210 -45.17 2.69 -15.89
C LEU A 210 -44.03 2.61 -16.92
N ASP A 211 -44.34 2.14 -18.13
CA ASP A 211 -43.33 1.94 -19.18
C ASP A 211 -42.51 3.20 -19.45
N ASP A 212 -43.17 4.34 -19.50
CA ASP A 212 -42.47 5.58 -19.81
C ASP A 212 -41.59 6.08 -18.65
N PHE A 213 -41.70 5.46 -17.47
CA PHE A 213 -40.85 5.80 -16.32
C PHE A 213 -39.61 4.91 -16.25
N GLU A 214 -39.45 4.01 -17.21
CA GLU A 214 -38.39 3.02 -17.14
C GLU A 214 -37.01 3.65 -17.09
N GLY A 215 -36.81 4.68 -17.89
CA GLY A 215 -35.53 5.37 -17.94
C GLY A 215 -35.24 6.22 -16.70
N ILE A 216 -36.22 6.32 -15.81
CA ILE A 216 -36.02 7.02 -14.56
C ILE A 216 -35.55 5.99 -13.54
N LYS A 217 -34.25 5.79 -13.49
CA LYS A 217 -33.70 4.76 -12.65
C LYS A 217 -33.41 5.32 -11.27
N PRO A 218 -33.83 4.60 -10.22
CA PRO A 218 -33.58 5.05 -8.85
C PRO A 218 -32.08 5.08 -8.60
N CYS A 219 -31.55 6.26 -8.30
CA CYS A 219 -30.11 6.41 -8.19
C CYS A 219 -29.65 6.88 -6.80
N LEU A 220 -30.57 6.94 -5.84
CA LEU A 220 -30.21 7.36 -4.49
C LEU A 220 -30.50 6.26 -3.50
N ASN A 221 -29.60 6.06 -2.55
CA ASN A 221 -29.95 5.31 -1.36
C ASN A 221 -30.55 6.26 -0.33
N ALA A 222 -31.42 5.74 0.54
CA ALA A 222 -32.02 6.53 1.60
C ALA A 222 -30.95 7.18 2.49
N SER A 223 -29.80 6.52 2.60
CA SER A 223 -28.71 7.03 3.42
C SER A 223 -27.97 8.21 2.79
N ASN A 224 -28.30 8.57 1.55
CA ASN A 224 -27.60 9.66 0.86
C ASN A 224 -28.35 11.00 0.93
N ILE A 225 -29.49 11.02 1.61
CA ILE A 225 -30.35 12.22 1.63
C ILE A 225 -30.47 12.74 3.06
N ALA A 226 -30.46 14.07 3.21
CA ALA A 226 -30.80 14.67 4.51
C ALA A 226 -31.70 15.87 4.26
N TYR A 227 -32.76 15.99 5.06
CA TYR A 227 -33.64 17.13 4.99
C TYR A 227 -33.32 18.16 6.06
N ILE A 228 -33.51 19.44 5.73
CA ILE A 228 -33.57 20.53 6.71
C ILE A 228 -34.77 21.43 6.43
N GLY A 229 -35.55 21.74 7.46
CA GLY A 229 -36.56 22.78 7.36
C GLY A 229 -38.00 22.26 7.42
N LEU A 230 -38.17 20.94 7.49
CA LEU A 230 -39.48 20.31 7.38
C LEU A 230 -40.43 20.80 8.45
N ARG A 231 -41.68 21.00 8.08
CA ARG A 231 -42.72 21.36 9.03
C ARG A 231 -44.11 21.00 8.54
N ASP A 232 -44.21 20.40 7.37
CA ASP A 232 -45.53 19.98 6.85
C ASP A 232 -45.45 18.65 6.10
N LEU A 233 -45.06 17.58 6.79
CA LEU A 233 -44.98 16.24 6.20
C LEU A 233 -46.34 15.56 6.15
N ASP A 234 -46.63 14.84 5.07
CA ASP A 234 -47.80 13.96 5.03
C ASP A 234 -47.49 12.73 5.88
N ALA A 235 -48.52 12.10 6.46
CA ALA A 235 -48.34 10.91 7.28
C ALA A 235 -47.53 9.81 6.61
N HIS A 236 -47.84 9.52 5.35
CA HIS A 236 -47.09 8.45 4.66
C HIS A 236 -45.63 8.81 4.40
N GLU A 237 -45.35 10.09 4.22
CA GLU A 237 -43.95 10.54 4.11
C GLU A 237 -43.23 10.30 5.41
N THR A 238 -43.87 10.69 6.50
CA THR A 238 -43.31 10.49 7.84
C THR A 238 -42.99 9.02 8.02
N HIS A 239 -43.95 8.17 7.70
CA HIS A 239 -43.73 6.73 7.79
C HIS A 239 -42.51 6.28 6.98
N ASP A 240 -42.40 6.70 5.71
CA ASP A 240 -41.31 6.25 4.84
C ASP A 240 -39.95 6.77 5.27
N ILE A 241 -39.89 8.04 5.63
CA ILE A 241 -38.66 8.63 6.15
C ILE A 241 -38.12 7.90 7.39
N ARG A 242 -39.00 7.58 8.33
CA ARG A 242 -38.54 6.93 9.55
C ARG A 242 -38.20 5.48 9.27
N LYS A 243 -39.05 4.80 8.50
CA LYS A 243 -38.81 3.39 8.20
C LYS A 243 -37.44 3.18 7.56
N HIS A 244 -37.12 4.01 6.60
CA HIS A 244 -35.90 3.80 5.84
C HIS A 244 -34.68 4.56 6.37
N GLY A 245 -34.87 5.26 7.49
CA GLY A 245 -33.76 5.89 8.19
C GLY A 245 -33.20 7.13 7.48
N ILE A 246 -34.03 7.86 6.76
CA ILE A 246 -33.57 9.06 6.09
C ILE A 246 -33.32 10.15 7.15
N ALA A 247 -32.14 10.76 7.10
CA ALA A 247 -31.79 11.79 8.08
C ALA A 247 -32.68 13.00 7.86
N TYR A 248 -33.29 13.51 8.93
CA TYR A 248 -34.15 14.67 8.73
C TYR A 248 -34.13 15.58 9.94
N PHE A 249 -34.11 16.88 9.67
CA PHE A 249 -34.07 17.89 10.72
C PHE A 249 -35.21 18.85 10.45
N THR A 250 -36.25 18.73 11.26
CA THR A 250 -37.45 19.54 11.05
C THR A 250 -37.28 20.89 11.75
N MET A 251 -38.24 21.78 11.61
CA MET A 251 -38.15 23.07 12.32
C MET A 251 -38.10 22.90 13.84
N LEU A 252 -38.69 21.83 14.36
CA LEU A 252 -38.56 21.50 15.78
C LEU A 252 -37.09 21.27 16.13
N ASP A 253 -36.39 20.49 15.32
CA ASP A 253 -34.97 20.26 15.54
C ASP A 253 -34.16 21.55 15.44
N VAL A 254 -34.49 22.39 14.45
CA VAL A 254 -33.80 23.67 14.31
C VAL A 254 -34.02 24.55 15.56
N ASP A 255 -35.25 24.57 16.08
CA ASP A 255 -35.55 25.28 17.33
C ASP A 255 -34.74 24.76 18.51
N ARG A 256 -34.71 23.45 18.70
CA ARG A 256 -34.01 22.86 19.85
C ARG A 256 -32.49 22.79 19.70
N MET A 257 -32.00 22.51 18.50
CA MET A 257 -30.56 22.34 18.30
C MET A 257 -29.85 23.62 17.87
N GLY A 258 -30.58 24.51 17.20
CA GLY A 258 -29.97 25.66 16.56
C GLY A 258 -29.50 25.24 15.16
N ILE A 259 -29.58 26.15 14.18
CA ILE A 259 -29.18 25.84 12.80
C ILE A 259 -27.71 25.41 12.67
N GLU A 260 -26.81 25.96 13.49
CA GLU A 260 -25.40 25.55 13.40
C GLU A 260 -25.22 24.05 13.60
N ALA A 261 -25.81 23.52 14.68
CA ALA A 261 -25.72 22.07 14.92
C ALA A 261 -26.47 21.24 13.88
N VAL A 262 -27.61 21.74 13.42
CA VAL A 262 -28.37 21.04 12.39
C VAL A 262 -27.54 20.85 11.10
N ILE A 263 -26.88 21.91 10.66
CA ILE A 263 -26.10 21.83 9.43
C ILE A 263 -24.98 20.81 9.62
N LYS A 264 -24.27 20.93 10.73
CA LYS A 264 -23.20 19.99 11.04
C LYS A 264 -23.70 18.53 11.04
N GLU A 265 -24.81 18.26 11.71
CA GLU A 265 -25.34 16.90 11.77
C GLU A 265 -25.83 16.39 10.41
N ALA A 266 -26.44 17.27 9.62
CA ALA A 266 -26.90 16.87 8.29
C ALA A 266 -25.70 16.50 7.40
N LEU A 267 -24.64 17.30 7.43
CA LEU A 267 -23.45 16.95 6.65
C LEU A 267 -22.77 15.69 7.17
N LEU A 268 -22.78 15.52 8.50
CA LEU A 268 -22.21 14.31 9.09
C LEU A 268 -22.99 13.08 8.65
N ALA A 269 -24.32 13.22 8.54
CA ALA A 269 -25.14 12.07 8.19
C ALA A 269 -24.93 11.60 6.75
N VAL A 270 -24.78 12.52 5.80
CA VAL A 270 -24.70 12.10 4.40
C VAL A 270 -23.36 12.36 3.71
N ASN A 271 -22.48 13.12 4.35
CA ASN A 271 -21.20 13.44 3.74
C ASN A 271 -20.10 13.57 4.80
N PRO A 272 -19.90 12.52 5.63
CA PRO A 272 -19.11 12.58 6.86
C PRO A 272 -17.71 13.18 6.71
N ARG A 273 -17.02 12.84 5.63
CA ARG A 273 -15.64 13.32 5.46
C ARG A 273 -15.51 14.17 4.21
N LEU A 274 -16.62 14.73 3.78
CA LEU A 274 -16.63 15.63 2.62
C LEU A 274 -16.06 14.94 1.38
N GLU A 275 -16.34 13.65 1.24
CA GLU A 275 -15.85 12.89 0.09
C GLU A 275 -16.81 13.01 -1.10
N LYS A 276 -18.08 13.29 -0.84
CA LYS A 276 -19.11 13.25 -1.89
C LYS A 276 -19.48 14.62 -2.44
N ALA A 277 -19.80 14.65 -3.73
CA ALA A 277 -20.40 15.81 -4.37
C ALA A 277 -21.77 16.09 -3.72
N ILE A 278 -22.13 17.36 -3.63
CA ILE A 278 -23.37 17.73 -2.98
C ILE A 278 -24.35 18.26 -3.98
N HIS A 279 -25.56 17.70 -3.95
CA HIS A 279 -26.68 18.25 -4.68
C HIS A 279 -27.54 18.98 -3.64
N LEU A 280 -27.58 20.30 -3.71
CA LEU A 280 -28.35 21.10 -2.76
C LEU A 280 -29.69 21.46 -3.39
N SER A 281 -30.78 20.88 -2.89
CA SER A 281 -32.08 21.18 -3.49
C SER A 281 -32.85 22.09 -2.56
N PHE A 282 -32.94 23.37 -2.92
CA PHE A 282 -33.49 24.37 -2.02
C PHE A 282 -34.89 24.83 -2.49
N ASP A 283 -35.93 24.38 -1.79
CA ASP A 283 -37.28 24.91 -2.04
C ASP A 283 -37.37 26.27 -1.36
N ILE A 284 -37.68 27.32 -2.11
CA ILE A 284 -37.80 28.64 -1.51
C ILE A 284 -38.80 28.63 -0.34
N ASP A 285 -39.78 27.71 -0.36
CA ASP A 285 -40.75 27.67 0.75
C ASP A 285 -40.20 27.12 2.07
N ALA A 286 -38.94 26.69 2.06
CA ALA A 286 -38.26 26.38 3.32
C ALA A 286 -38.17 27.63 4.20
N LEU A 287 -37.98 28.78 3.56
CA LEU A 287 -37.92 30.06 4.26
C LEU A 287 -39.30 30.50 4.71
N ASP A 288 -39.33 31.25 5.79
CA ASP A 288 -40.60 31.76 6.32
C ASP A 288 -41.32 32.59 5.27
N PRO A 289 -42.65 32.45 5.18
CA PRO A 289 -43.42 33.30 4.27
C PRO A 289 -43.21 34.82 4.46
N LEU A 290 -42.76 35.27 5.64
CA LEU A 290 -42.40 36.69 5.81
C LEU A 290 -41.25 37.13 4.90
N VAL A 291 -40.36 36.20 4.53
CA VAL A 291 -39.28 36.58 3.62
C VAL A 291 -39.39 36.00 2.21
N ALA A 292 -40.25 34.98 2.04
CA ALA A 292 -40.48 34.45 0.70
C ALA A 292 -41.96 34.15 0.51
N PRO A 293 -42.78 35.19 0.42
CA PRO A 293 -44.24 34.99 0.30
C PRO A 293 -44.70 34.44 -1.06
N SER A 294 -43.95 34.68 -2.13
CA SER A 294 -44.45 34.38 -3.48
C SER A 294 -44.04 32.96 -3.90
N THR A 295 -44.74 31.98 -3.32
CA THR A 295 -44.49 30.58 -3.58
C THR A 295 -45.83 29.86 -3.32
N GLY A 296 -46.04 28.70 -3.92
CA GLY A 296 -47.38 28.12 -3.98
C GLY A 296 -47.91 27.44 -2.74
N THR A 297 -47.02 26.92 -1.91
CA THR A 297 -47.42 26.21 -0.71
C THR A 297 -46.62 26.73 0.49
N ALA A 298 -46.86 27.98 0.85
CA ALA A 298 -46.19 28.64 1.97
C ALA A 298 -46.66 28.08 3.30
N VAL A 299 -45.74 27.88 4.25
CA VAL A 299 -46.10 27.35 5.56
C VAL A 299 -45.43 28.21 6.61
N PRO A 300 -46.22 28.77 7.55
CA PRO A 300 -45.66 29.68 8.56
C PRO A 300 -44.61 29.00 9.43
N GLY A 301 -43.74 29.79 10.05
CA GLY A 301 -42.77 29.23 11.00
C GLY A 301 -41.58 28.58 10.30
N GLY A 302 -41.10 29.21 9.24
CA GLY A 302 -39.98 28.64 8.50
C GLY A 302 -38.61 29.18 8.90
N LEU A 303 -37.62 28.86 8.07
CA LEU A 303 -36.26 29.32 8.33
C LEU A 303 -36.22 30.83 8.15
N THR A 304 -35.46 31.53 9.00
CA THR A 304 -35.20 32.94 8.72
C THR A 304 -34.26 32.99 7.52
N LEU A 305 -34.15 34.14 6.85
CA LEU A 305 -33.18 34.29 5.76
C LEU A 305 -31.76 33.96 6.25
N ARG A 306 -31.42 34.45 7.44
CA ARG A 306 -30.12 34.19 8.05
C ARG A 306 -29.85 32.70 8.19
N GLU A 307 -30.85 31.95 8.68
CA GLU A 307 -30.69 30.51 8.80
C GLU A 307 -30.48 29.88 7.42
N GLY A 308 -31.26 30.33 6.44
CA GLY A 308 -31.10 29.87 5.06
C GLY A 308 -29.70 30.19 4.54
N LEU A 309 -29.23 31.40 4.82
CA LEU A 309 -27.86 31.78 4.44
C LEU A 309 -26.82 30.87 5.08
N ARG A 310 -27.01 30.55 6.35
CA ARG A 310 -26.03 29.72 7.05
C ARG A 310 -25.94 28.33 6.39
N ILE A 311 -27.08 27.76 6.02
CA ILE A 311 -27.04 26.46 5.32
C ILE A 311 -26.20 26.57 4.04
N CYS A 312 -26.48 27.59 3.24
CA CYS A 312 -25.80 27.74 1.96
C CYS A 312 -24.31 28.06 2.11
N GLU A 313 -23.98 28.95 3.05
CA GLU A 313 -22.58 29.26 3.35
C GLU A 313 -21.78 28.03 3.74
N GLU A 314 -22.33 27.20 4.62
CA GLU A 314 -21.60 26.00 5.08
C GLU A 314 -21.47 24.96 3.96
N VAL A 315 -22.55 24.74 3.23
CA VAL A 315 -22.48 23.84 2.08
C VAL A 315 -21.45 24.35 1.05
N SER A 316 -21.52 25.62 0.70
CA SER A 316 -20.56 26.21 -0.23
C SER A 316 -19.11 25.98 0.23
N ALA A 317 -18.87 26.24 1.52
CA ALA A 317 -17.53 26.16 2.09
C ALA A 317 -16.93 24.76 2.13
N THR A 318 -17.73 23.73 1.93
CA THR A 318 -17.18 22.38 1.89
C THR A 318 -16.28 22.18 0.68
N GLY A 319 -16.43 23.02 -0.34
CA GLY A 319 -15.75 22.82 -1.61
C GLY A 319 -16.40 21.73 -2.46
N LYS A 320 -17.49 21.15 -1.97
CA LYS A 320 -18.16 20.04 -2.66
C LYS A 320 -19.51 20.37 -3.29
N LEU A 321 -19.86 21.65 -3.31
CA LEU A 321 -21.11 22.03 -3.92
C LEU A 321 -21.03 21.80 -5.43
N SER A 322 -21.85 20.90 -5.94
CA SER A 322 -21.79 20.49 -7.34
C SER A 322 -23.01 21.01 -8.12
N VAL A 323 -24.20 20.81 -7.58
CA VAL A 323 -25.40 21.46 -8.11
C VAL A 323 -26.17 22.14 -6.97
N VAL A 324 -26.62 23.37 -7.19
CA VAL A 324 -27.64 23.95 -6.33
C VAL A 324 -28.83 24.29 -7.21
N GLU A 325 -30.01 23.86 -6.78
CA GLU A 325 -31.22 24.25 -7.48
C GLU A 325 -32.15 24.97 -6.52
N LEU A 326 -32.83 25.98 -7.03
CA LEU A 326 -33.75 26.75 -6.22
C LEU A 326 -35.14 26.61 -6.83
N ALA A 327 -36.07 26.00 -6.10
CA ALA A 327 -37.36 25.63 -6.66
C ALA A 327 -38.52 26.47 -6.11
N GLU A 328 -39.61 26.56 -6.89
CA GLU A 328 -40.91 27.04 -6.41
C GLU A 328 -41.09 28.55 -6.32
N LEU A 329 -40.19 29.32 -6.92
CA LEU A 329 -40.46 30.75 -7.10
C LEU A 329 -41.70 30.89 -7.97
N ASN A 330 -42.65 31.71 -7.54
CA ASN A 330 -43.81 32.02 -8.37
C ASN A 330 -44.13 33.51 -8.32
N PRO A 331 -43.62 34.25 -9.30
CA PRO A 331 -43.79 35.71 -9.36
C PRO A 331 -45.24 36.12 -9.67
N LEU A 332 -46.12 35.16 -9.94
CA LEU A 332 -47.53 35.52 -10.16
C LEU A 332 -48.32 35.47 -8.87
N LEU A 333 -47.66 35.15 -7.76
CA LEU A 333 -48.32 35.08 -6.45
C LEU A 333 -47.93 36.26 -5.57
N GLY A 334 -48.90 36.83 -4.87
CA GLY A 334 -48.66 37.90 -3.93
C GLY A 334 -48.57 39.28 -4.58
N SER A 335 -48.29 40.29 -3.77
CA SER A 335 -48.22 41.66 -4.26
C SER A 335 -46.88 41.90 -4.94
N GLN A 336 -46.75 43.04 -5.60
CA GLN A 336 -45.48 43.42 -6.20
C GLN A 336 -44.34 43.41 -5.19
N GLU A 337 -44.59 43.95 -4.00
CA GLU A 337 -43.62 43.93 -2.92
C GLU A 337 -43.31 42.52 -2.40
N ASP A 338 -44.33 41.65 -2.32
CA ASP A 338 -44.10 40.24 -2.04
C ASP A 338 -43.11 39.61 -3.02
N VAL A 339 -43.28 39.91 -4.30
CA VAL A 339 -42.42 39.33 -5.32
C VAL A 339 -40.98 39.87 -5.18
N LEU A 340 -40.85 41.15 -4.85
CA LEU A 340 -39.52 41.74 -4.65
C LEU A 340 -38.81 41.12 -3.45
N LYS A 341 -39.55 40.89 -2.36
CA LYS A 341 -38.99 40.25 -1.17
C LYS A 341 -38.51 38.85 -1.48
N THR A 342 -39.33 38.12 -2.25
CA THR A 342 -39.01 36.75 -2.60
C THR A 342 -37.80 36.70 -3.54
N GLN A 343 -37.77 37.61 -4.51
CA GLN A 343 -36.65 37.69 -5.44
C GLN A 343 -35.36 38.00 -4.69
N SER A 344 -35.45 38.99 -3.81
CA SER A 344 -34.33 39.39 -2.95
C SER A 344 -33.78 38.23 -2.12
N SER A 345 -34.67 37.51 -1.41
CA SER A 345 -34.25 36.34 -0.63
C SER A 345 -33.55 35.32 -1.51
N ALA A 346 -34.13 35.04 -2.67
CA ALA A 346 -33.55 34.05 -3.59
C ALA A 346 -32.14 34.46 -4.02
N VAL A 347 -31.97 35.74 -4.33
CA VAL A 347 -30.66 36.23 -4.79
C VAL A 347 -29.61 36.11 -3.69
N HIS A 348 -29.95 36.48 -2.46
CA HIS A 348 -29.02 36.33 -1.32
C HIS A 348 -28.64 34.88 -1.09
N ILE A 349 -29.63 33.99 -1.16
CA ILE A 349 -29.40 32.56 -1.03
C ILE A 349 -28.42 32.04 -2.09
N LEU A 350 -28.68 32.36 -3.34
CA LEU A 350 -27.85 31.83 -4.44
C LEU A 350 -26.44 32.37 -4.39
N ARG A 351 -26.30 33.64 -4.03
CA ARG A 351 -24.98 34.25 -3.90
C ARG A 351 -24.19 33.54 -2.81
N ALA A 352 -24.85 33.21 -1.70
CA ALA A 352 -24.19 32.46 -0.63
C ALA A 352 -23.69 31.10 -1.12
N CYS A 353 -24.52 30.42 -1.89
CA CYS A 353 -24.13 29.12 -2.43
C CYS A 353 -22.84 29.22 -3.24
N LEU A 354 -22.67 30.33 -3.96
CA LEU A 354 -21.50 30.50 -4.82
C LEU A 354 -20.26 31.05 -4.10
N GLY A 355 -20.37 31.29 -2.79
CA GLY A 355 -19.22 31.69 -2.00
C GLY A 355 -19.26 33.12 -1.46
N HIS A 356 -20.37 33.81 -1.67
CA HIS A 356 -20.45 35.17 -1.13
C HIS A 356 -20.29 35.17 0.39
N CYS A 357 -19.46 36.07 0.90
CA CYS A 357 -19.19 36.14 2.33
C CYS A 357 -19.75 37.41 2.92
N ARG A 358 -20.59 37.27 3.94
CA ARG A 358 -21.22 38.44 4.57
C ARG A 358 -20.21 39.29 5.31
N SER A 359 -19.07 38.71 5.64
CA SER A 359 -18.00 39.40 6.35
C SER A 359 -17.04 40.11 5.41
N GLY A 360 -17.36 40.10 4.12
CA GLY A 360 -16.61 40.92 3.17
C GLY A 360 -15.65 40.13 2.29
N HIS A 361 -15.29 40.73 1.16
CA HIS A 361 -14.26 40.22 0.25
C HIS A 361 -13.17 41.29 0.08
N LEU A 362 -11.93 40.87 -0.16
CA LEU A 362 -10.82 41.80 -0.41
C LEU A 362 -10.82 42.27 -1.86
N PRO A 363 -10.29 43.48 -2.10
CA PRO A 363 -10.28 44.00 -3.48
C PRO A 363 -9.25 43.20 -4.29
N PHE A 364 -9.46 43.13 -5.61
CA PHE A 364 -8.50 42.43 -6.45
C PHE A 364 -7.24 43.27 -6.59
N LYS A 365 -7.43 44.59 -6.66
CA LYS A 365 -6.32 45.51 -6.66
C LYS A 365 -6.55 46.64 -5.66
N VAL A 366 -5.56 46.88 -4.81
CA VAL A 366 -5.64 47.93 -3.81
C VAL A 366 -5.19 49.28 -4.38
N ARG A 367 -6.12 50.24 -4.42
CA ARG A 367 -5.86 51.56 -4.96
C ARG A 367 -5.01 52.41 -4.01
N ASN A 368 -4.21 53.33 -4.57
CA ASN A 368 -3.32 54.20 -3.80
C ASN A 368 -3.27 55.65 -4.35
N LEU A 369 -3.31 56.64 -3.45
CA LEU A 369 -3.37 58.05 -3.84
C LEU A 369 -2.21 58.56 -4.68
N THR A 370 -0.98 58.41 -4.18
CA THR A 370 0.19 58.86 -4.91
C THR A 370 0.17 58.43 -6.39
N ASP A 371 -0.32 57.23 -6.67
CA ASP A 371 -0.40 56.71 -8.03
C ASP A 371 -1.10 57.68 -8.98
N GLN A 372 -2.12 58.36 -8.48
CA GLN A 372 -2.88 59.26 -9.33
C GLN A 372 -2.31 60.67 -9.26
N GLY A 373 -1.23 60.82 -8.50
CA GLY A 373 -0.59 62.12 -8.35
C GLY A 373 -1.40 63.01 -7.42
N ILE A 374 -2.08 62.40 -6.45
CA ILE A 374 -2.91 63.15 -5.49
C ILE A 374 -2.24 63.30 -4.12
N MET A 375 -2.39 64.46 -3.50
CA MET A 375 -1.80 64.71 -2.19
C MET A 375 -2.77 64.30 -1.06
N SER A 376 -2.27 63.49 -0.13
CA SER A 376 -3.08 62.99 0.97
C SER A 376 -2.98 63.92 2.17
N ARG A 377 -3.91 63.78 3.10
CA ARG A 377 -3.84 64.55 4.33
C ARG A 377 -2.54 64.26 5.07
N ALA A 378 -2.20 62.99 5.20
CA ALA A 378 -0.96 62.63 5.88
C ALA A 378 0.24 63.28 5.18
N ALA A 379 0.29 63.20 3.86
CA ALA A 379 1.40 63.77 3.11
C ALA A 379 1.47 65.26 3.36
N HIS A 380 0.33 65.94 3.28
CA HIS A 380 0.27 67.37 3.49
C HIS A 380 0.79 67.80 4.86
N MET A 381 0.40 67.09 5.91
CA MET A 381 0.84 67.41 7.26
C MET A 381 2.36 67.28 7.41
N GLN A 382 2.97 66.45 6.56
CA GLN A 382 4.42 66.25 6.61
C GLN A 382 5.15 67.28 5.76
N LYS B 39 -17.03 -0.88 7.96
CA LYS B 39 -17.24 -0.42 9.33
C LYS B 39 -16.01 0.28 9.91
N LEU B 40 -14.84 0.01 9.32
CA LEU B 40 -13.60 0.59 9.84
C LEU B 40 -12.96 1.58 8.88
N LEU B 41 -12.68 2.78 9.39
CA LEU B 41 -11.99 3.80 8.63
C LEU B 41 -10.54 3.42 8.31
N TYR B 42 -9.86 2.83 9.29
CA TYR B 42 -8.49 2.34 9.08
C TYR B 42 -8.51 0.86 9.46
N THR B 43 -8.20 -0.01 8.51
CA THR B 43 -8.23 -1.44 8.81
C THR B 43 -6.83 -1.96 9.11
N SER B 44 -5.81 -1.16 8.81
CA SER B 44 -4.47 -1.52 9.26
C SER B 44 -3.67 -0.30 9.72
N ALA B 45 -2.66 -0.54 10.53
CA ALA B 45 -1.78 0.54 11.00
C ALA B 45 -0.38 0.00 11.24
N ASN B 46 0.60 0.89 11.22
CA ASN B 46 1.98 0.56 11.57
C ASN B 46 2.34 1.16 12.94
N PHE B 47 3.23 0.49 13.67
CA PHE B 47 3.68 0.95 14.98
C PHE B 47 5.21 1.07 14.98
N LEU B 48 5.72 2.20 15.46
CA LEU B 48 7.16 2.46 15.47
C LEU B 48 7.56 3.10 16.78
N GLY B 49 8.62 2.58 17.42
CA GLY B 49 9.13 3.17 18.64
C GLY B 49 10.34 4.03 18.34
N ILE B 50 10.43 5.19 18.98
CA ILE B 50 11.59 6.07 18.83
C ILE B 50 12.06 6.50 20.21
N PRO B 51 13.03 5.78 20.77
CA PRO B 51 13.37 5.99 22.18
C PRO B 51 14.29 7.19 22.47
N THR B 52 13.98 8.35 21.90
CA THR B 52 14.81 9.54 22.09
C THR B 52 14.90 9.97 23.56
N ASN B 53 16.11 10.31 24.00
CA ASN B 53 16.34 10.71 25.37
C ASN B 53 17.42 11.81 25.47
N ARG B 54 17.89 12.29 24.32
CA ARG B 54 18.89 13.37 24.35
C ARG B 54 18.26 14.75 24.12
N GLY B 55 16.94 14.81 24.08
CA GLY B 55 16.26 16.10 23.91
C GLY B 55 15.96 16.75 25.25
N GLN B 56 16.21 16.01 26.33
CA GLN B 56 15.97 16.51 27.67
C GLN B 56 16.73 15.67 28.70
N PRO B 57 16.97 16.24 29.90
CA PRO B 57 17.95 15.66 30.84
C PRO B 57 17.48 14.47 31.68
N LYS B 58 16.18 14.22 31.81
CA LYS B 58 15.74 13.13 32.69
C LYS B 58 15.79 11.79 32.00
N ILE B 59 16.59 10.87 32.53
CA ILE B 59 16.66 9.52 31.98
C ILE B 59 15.26 8.90 32.07
N GLY B 60 14.84 8.20 31.03
CA GLY B 60 13.62 7.40 31.14
C GLY B 60 12.70 7.43 29.93
N THR B 61 12.74 8.52 29.18
CA THR B 61 11.89 8.60 27.98
C THR B 61 12.26 7.50 26.99
N TYR B 62 13.48 6.96 27.08
CA TYR B 62 13.88 5.88 26.19
C TYR B 62 13.04 4.63 26.46
N GLN B 63 12.39 4.55 27.61
CA GLN B 63 11.55 3.40 27.92
C GLN B 63 10.10 3.57 27.49
N GLY B 64 9.77 4.71 26.88
CA GLY B 64 8.41 4.94 26.45
C GLY B 64 7.84 3.88 25.52
N PRO B 65 8.57 3.54 24.44
CA PRO B 65 8.02 2.53 23.53
C PRO B 65 7.72 1.20 24.23
N GLU B 66 8.61 0.78 25.13
CA GLU B 66 8.39 -0.48 25.87
C GLU B 66 7.18 -0.43 26.83
N LEU B 67 6.92 0.75 27.39
CA LEU B 67 5.74 0.92 28.25
C LEU B 67 4.47 0.63 27.46
N ILE B 68 4.47 0.99 26.19
CA ILE B 68 3.29 0.75 25.38
C ILE B 68 3.27 -0.71 24.85
N ARG B 69 4.44 -1.23 24.47
CA ARG B 69 4.50 -2.65 24.08
C ARG B 69 4.12 -3.62 25.21
N LYS B 70 4.47 -3.26 26.44
CA LYS B 70 4.14 -4.10 27.60
C LYS B 70 2.69 -3.98 28.02
N SER B 71 1.97 -3.01 27.47
CA SER B 71 0.57 -2.83 27.84
C SER B 71 -0.30 -3.78 27.03
N ASN B 72 -1.62 -3.63 27.13
CA ASN B 72 -2.51 -4.43 26.30
C ASN B 72 -2.93 -3.69 25.03
N PHE B 73 -2.17 -2.66 24.65
CA PHE B 73 -2.47 -1.88 23.44
C PHE B 73 -2.66 -2.73 22.19
N PHE B 74 -1.67 -3.58 21.86
CA PHE B 74 -1.74 -4.38 20.65
C PHE B 74 -2.97 -5.31 20.63
N GLN B 75 -3.24 -5.94 21.76
CA GLN B 75 -4.38 -6.84 21.90
C GLN B 75 -5.72 -6.11 21.75
N LEU B 76 -5.83 -4.93 22.34
CA LEU B 76 -7.08 -4.16 22.23
C LEU B 76 -7.34 -3.68 20.81
N VAL B 77 -6.28 -3.29 20.10
CA VAL B 77 -6.41 -2.84 18.72
C VAL B 77 -6.83 -4.02 17.81
N ALA B 78 -6.20 -5.17 18.01
CA ALA B 78 -6.60 -6.37 17.27
C ALA B 78 -8.09 -6.69 17.51
N GLU B 79 -8.56 -6.51 18.74
CA GLU B 79 -9.95 -6.81 19.05
C GLU B 79 -10.94 -5.88 18.33
N ASP B 80 -10.51 -4.65 18.05
CA ASP B 80 -11.37 -3.76 17.27
C ASP B 80 -11.27 -4.09 15.79
N GLY B 81 -10.47 -5.09 15.45
CA GLY B 81 -10.42 -5.61 14.09
C GLY B 81 -9.39 -4.90 13.22
N ILE B 82 -8.45 -4.20 13.86
CA ILE B 82 -7.39 -3.51 13.13
C ILE B 82 -6.14 -4.36 13.09
N GLN B 83 -5.51 -4.45 11.91
CA GLN B 83 -4.21 -5.15 11.82
C GLN B 83 -3.03 -4.20 12.06
N LEU B 84 -2.37 -4.34 13.19
CA LEU B 84 -1.27 -3.47 13.59
C LEU B 84 0.06 -4.20 13.40
N THR B 85 0.93 -3.64 12.57
CA THR B 85 2.24 -4.23 12.32
C THR B 85 3.31 -3.50 13.11
N ASP B 86 4.05 -4.23 13.93
CA ASP B 86 5.14 -3.64 14.70
C ASP B 86 6.34 -3.46 13.80
N CYS B 87 6.74 -2.22 13.56
CA CYS B 87 7.87 -1.95 12.67
C CYS B 87 9.19 -1.74 13.40
N GLY B 88 9.26 -2.12 14.67
CA GLY B 88 10.49 -2.05 15.42
C GLY B 88 10.74 -0.69 16.05
N ASP B 89 11.99 -0.41 16.42
CA ASP B 89 12.40 0.85 17.02
C ASP B 89 13.46 1.47 16.14
N ILE B 90 13.47 2.81 16.10
CA ILE B 90 14.60 3.53 15.53
C ILE B 90 15.69 3.57 16.61
N ILE B 91 16.96 3.48 16.20
CA ILE B 91 18.05 3.56 17.16
C ILE B 91 18.55 5.00 17.11
N PRO B 92 18.32 5.76 18.19
CA PRO B 92 18.76 7.15 18.10
C PRO B 92 20.30 7.22 18.07
N VAL B 93 20.84 8.29 17.53
CA VAL B 93 22.28 8.50 17.60
C VAL B 93 22.58 9.22 18.90
N GLU B 94 23.33 8.56 19.78
CA GLU B 94 23.66 9.16 21.06
C GLU B 94 25.19 9.31 21.19
N LEU B 95 25.69 10.45 20.79
CA LEU B 95 27.13 10.72 20.80
C LEU B 95 27.68 10.79 22.22
N ASN B 96 28.98 10.55 22.35
CA ASN B 96 29.68 10.72 23.62
C ASN B 96 29.73 12.21 23.92
N GLU B 97 29.69 12.56 25.21
CA GLU B 97 29.69 13.99 25.55
C GLU B 97 30.83 14.74 24.89
N ALA B 98 32.00 14.09 24.79
CA ALA B 98 33.16 14.75 24.20
C ALA B 98 32.97 15.00 22.71
N GLU B 99 32.14 14.20 22.07
CA GLU B 99 31.82 14.40 20.65
C GLU B 99 30.77 15.49 20.37
N ASP B 100 30.09 15.98 21.41
CA ASP B 100 28.86 16.75 21.19
C ASP B 100 28.79 17.88 22.19
N PRO B 101 29.75 18.81 22.15
CA PRO B 101 29.72 19.91 23.12
C PRO B 101 28.56 20.86 22.82
N GLN B 102 28.26 21.76 23.75
CA GLN B 102 27.19 22.74 23.53
C GLN B 102 27.58 23.66 22.38
N ARG B 103 26.61 23.98 21.53
CA ARG B 103 26.80 24.99 20.49
C ARG B 103 25.56 25.87 20.53
N PHE B 104 25.77 27.19 20.58
CA PHE B 104 24.68 28.15 20.72
C PHE B 104 23.77 27.78 21.88
N GLY B 105 24.36 27.26 22.95
CA GLY B 105 23.61 26.88 24.13
C GLY B 105 22.89 25.53 24.05
N MET B 106 22.71 25.00 22.84
CA MET B 106 21.99 23.76 22.65
C MET B 106 22.73 22.58 23.25
N LYS B 107 21.99 21.72 23.96
CA LYS B 107 22.56 20.50 24.51
C LYS B 107 22.33 19.31 23.58
N TRP B 108 23.40 18.56 23.29
CA TRP B 108 23.35 17.42 22.39
C TRP B 108 22.82 17.75 21.00
N SER B 109 23.23 18.88 20.44
CA SER B 109 22.73 19.29 19.13
C SER B 109 23.16 18.39 17.96
N ARG B 110 24.33 17.77 18.06
CA ARG B 110 24.78 16.94 16.95
C ARG B 110 24.16 15.54 17.05
N SER B 111 23.93 15.07 18.28
CA SER B 111 23.13 13.85 18.42
C SER B 111 21.74 14.13 17.80
N PHE B 112 21.25 15.34 18.04
CA PHE B 112 19.95 15.76 17.50
C PHE B 112 19.92 15.75 15.96
N SER B 113 20.86 16.42 15.32
CA SER B 113 20.81 16.49 13.84
C SER B 113 20.96 15.11 13.19
N LEU B 114 21.87 14.30 13.72
CA LEU B 114 22.08 12.96 13.19
C LEU B 114 20.86 12.06 13.45
N THR B 115 20.30 12.16 14.64
CA THR B 115 19.08 11.41 14.94
C THR B 115 17.92 11.86 14.05
N THR B 116 17.82 13.16 13.84
CA THR B 116 16.73 13.73 13.03
C THR B 116 16.74 13.15 11.61
N LEU B 117 17.91 13.16 10.99
CA LEU B 117 18.05 12.62 9.64
C LEU B 117 17.76 11.12 9.59
N ARG B 118 18.21 10.39 10.61
CA ARG B 118 17.94 8.95 10.67
C ARG B 118 16.44 8.68 10.81
N ILE B 119 15.77 9.46 11.66
CA ILE B 119 14.32 9.29 11.83
C ILE B 119 13.58 9.61 10.54
N ALA B 120 13.96 10.71 9.90
CA ALA B 120 13.24 11.18 8.72
C ALA B 120 13.33 10.13 7.61
N GLU B 121 14.49 9.52 7.47
CA GLU B 121 14.68 8.51 6.45
C GLU B 121 13.70 7.36 6.65
N ARG B 122 13.62 6.85 7.88
CA ARG B 122 12.80 5.68 8.16
C ARG B 122 11.30 6.00 8.04
N VAL B 123 10.92 7.18 8.50
CA VAL B 123 9.51 7.58 8.42
C VAL B 123 9.08 7.79 6.95
N GLU B 124 9.95 8.41 6.16
CA GLU B 124 9.67 8.56 4.75
C GLU B 124 9.45 7.21 4.09
N GLU B 125 10.34 6.26 4.36
CA GLU B 125 10.21 4.92 3.81
C GLU B 125 8.88 4.29 4.21
N LEU B 126 8.56 4.33 5.50
CA LEU B 126 7.30 3.79 5.96
C LEU B 126 6.09 4.46 5.29
N MET B 127 6.12 5.78 5.15
CA MET B 127 4.96 6.49 4.60
C MET B 127 4.82 6.27 3.10
N LYS B 128 5.94 6.15 2.39
CA LYS B 128 5.92 5.92 0.95
C LYS B 128 5.54 4.48 0.62
N GLN B 129 5.83 3.58 1.55
CA GLN B 129 5.49 2.18 1.37
C GLN B 129 3.98 2.04 1.39
N SER B 130 3.32 2.84 2.21
CA SER B 130 1.86 2.81 2.32
C SER B 130 1.21 3.99 1.59
N ASN B 131 1.86 4.44 0.51
CA ASN B 131 1.33 5.49 -0.36
C ASN B 131 0.78 4.93 -1.67
N LYS B 141 -8.26 4.15 1.60
CA LYS B 141 -8.18 3.72 2.99
C LYS B 141 -6.72 3.64 3.43
N SER B 142 -6.21 4.76 3.96
CA SER B 142 -4.80 4.90 4.33
C SER B 142 -4.40 4.06 5.54
N THR B 143 -3.10 3.89 5.72
CA THR B 143 -2.54 3.15 6.84
C THR B 143 -1.79 4.09 7.78
N PRO B 144 -2.41 4.45 8.91
CA PRO B 144 -1.76 5.39 9.82
C PRO B 144 -0.49 4.78 10.43
N LEU B 145 0.46 5.64 10.74
CA LEU B 145 1.66 5.23 11.44
C LEU B 145 1.59 5.75 12.87
N VAL B 146 1.64 4.85 13.83
CA VAL B 146 1.63 5.22 15.25
C VAL B 146 3.05 5.21 15.75
N ILE B 147 3.52 6.35 16.24
CA ILE B 147 4.87 6.46 16.74
C ILE B 147 4.85 6.72 18.25
N VAL B 148 5.63 5.97 19.01
CA VAL B 148 5.71 6.21 20.46
C VAL B 148 7.12 6.62 20.86
N GLY B 149 7.24 7.81 21.46
CA GLY B 149 8.53 8.29 21.97
C GLY B 149 8.84 7.71 23.34
N GLY B 150 9.93 8.13 23.96
CA GLY B 150 10.82 9.14 23.41
C GLY B 150 10.42 10.57 23.74
N ASP B 151 11.42 11.44 23.95
CA ASP B 151 11.14 12.85 24.20
C ASP B 151 10.78 13.52 22.88
N HIS B 152 10.17 14.71 22.98
CA HIS B 152 9.54 15.36 21.83
C HIS B 152 10.51 15.88 20.75
N SER B 153 11.83 15.82 21.01
CA SER B 153 12.80 16.24 19.99
C SER B 153 12.68 15.37 18.72
N MET B 154 12.13 14.17 18.85
CA MET B 154 11.95 13.27 17.70
C MET B 154 11.07 13.88 16.62
N ALA B 155 10.23 14.86 16.99
CA ALA B 155 9.25 15.44 16.07
C ALA B 155 9.88 16.12 14.85
N THR B 156 11.06 16.70 15.01
CA THR B 156 11.71 17.32 13.87
C THR B 156 11.90 16.26 12.79
N GLY B 157 12.37 15.09 13.19
CA GLY B 157 12.61 14.01 12.25
C GLY B 157 11.35 13.37 11.71
N THR B 158 10.37 13.13 12.58
CA THR B 158 9.14 12.48 12.11
C THR B 158 8.40 13.36 11.12
N ILE B 159 8.29 14.64 11.41
CA ILE B 159 7.60 15.54 10.50
C ILE B 159 8.38 15.72 9.19
N LEU B 160 9.70 15.82 9.27
CA LEU B 160 10.54 15.94 8.06
C LEU B 160 10.31 14.74 7.12
N GLY B 161 10.41 13.53 7.66
CA GLY B 161 10.17 12.32 6.87
C GLY B 161 8.74 12.25 6.35
N HIS B 162 7.79 12.64 7.21
CA HIS B 162 6.39 12.62 6.84
C HIS B 162 6.14 13.58 5.67
N ALA B 163 6.67 14.80 5.78
CA ALA B 163 6.45 15.81 4.75
C ALA B 163 7.14 15.49 3.42
N GLU B 164 8.19 14.65 3.46
CA GLU B 164 8.86 14.18 2.26
C GLU B 164 7.91 13.29 1.47
N ALA B 165 7.13 12.49 2.18
CA ALA B 165 6.14 11.65 1.53
C ALA B 165 4.83 12.42 1.26
N LYS B 166 4.48 13.34 2.13
CA LYS B 166 3.24 14.10 1.99
C LYS B 166 3.47 15.58 2.28
N PRO B 167 4.01 16.30 1.28
CA PRO B 167 4.46 17.70 1.35
C PRO B 167 3.37 18.66 1.81
N ASP B 168 2.12 18.28 1.59
CA ASP B 168 0.98 19.15 1.88
C ASP B 168 0.32 18.91 3.25
N LEU B 169 0.99 18.18 4.15
CA LEU B 169 0.37 17.82 5.43
C LEU B 169 0.10 19.03 6.33
N CYS B 170 -0.74 18.84 7.34
CA CYS B 170 -0.89 19.85 8.39
C CYS B 170 -0.49 19.19 9.71
N VAL B 171 -0.19 20.00 10.71
CA VAL B 171 0.27 19.48 12.00
C VAL B 171 -0.66 19.97 13.12
N LEU B 172 -1.14 19.05 13.95
CA LEU B 172 -1.91 19.42 15.13
C LEU B 172 -1.02 19.08 16.30
N TRP B 173 -0.64 20.09 17.07
CA TRP B 173 0.34 19.92 18.13
C TRP B 173 -0.36 20.04 19.49
N ILE B 174 -0.47 18.93 20.20
CA ILE B 174 -1.24 18.88 21.45
C ILE B 174 -0.24 18.86 22.58
N ASP B 175 -0.18 19.93 23.36
CA ASP B 175 0.96 20.09 24.26
C ASP B 175 0.68 21.20 25.24
N ALA B 176 1.21 21.08 26.45
CA ALA B 176 1.22 22.21 27.39
C ALA B 176 2.17 23.30 26.92
N HIS B 177 3.14 22.93 26.08
CA HIS B 177 4.26 23.80 25.67
C HIS B 177 4.28 24.04 24.16
N GLY B 178 4.89 25.15 23.73
CA GLY B 178 5.00 25.47 22.31
C GLY B 178 6.05 24.66 21.55
N ASP B 179 7.08 24.19 22.25
CA ASP B 179 8.17 23.42 21.62
C ASP B 179 8.72 24.12 20.35
N ILE B 180 8.76 25.45 20.39
CA ILE B 180 9.11 26.22 19.20
C ILE B 180 10.11 27.31 19.55
N ASN B 181 10.82 27.13 20.66
CA ASN B 181 11.90 28.05 20.99
C ASN B 181 12.99 27.95 19.93
N THR B 182 13.53 29.09 19.52
CA THR B 182 14.74 29.09 18.70
C THR B 182 15.97 29.01 19.62
N PRO B 183 17.07 28.44 19.12
CA PRO B 183 18.22 28.12 19.98
C PRO B 183 18.70 29.27 20.85
N LEU B 184 18.78 30.48 20.32
CA LEU B 184 19.32 31.57 21.11
C LEU B 184 18.34 32.12 22.15
N ASN B 185 17.09 31.66 22.09
CA ASN B 185 16.09 32.09 23.06
C ASN B 185 15.84 31.04 24.14
N SER B 186 16.28 29.81 23.89
CA SER B 186 16.05 28.74 24.86
C SER B 186 16.84 28.95 26.14
N ALA B 187 16.14 29.09 27.25
CA ALA B 187 16.79 29.17 28.56
C ALA B 187 17.45 27.84 28.94
N SER B 188 16.86 26.72 28.51
CA SER B 188 17.34 25.41 28.95
C SER B 188 18.38 24.76 28.01
N GLY B 189 18.30 25.08 26.73
CA GLY B 189 19.13 24.40 25.74
C GLY B 189 18.70 22.95 25.52
N ASN B 190 17.53 22.59 26.04
CA ASN B 190 16.97 21.25 25.80
C ASN B 190 16.29 21.18 24.43
N MET B 191 16.74 20.26 23.58
CA MET B 191 16.20 20.17 22.22
C MET B 191 14.69 19.82 22.15
N HIS B 192 14.17 19.10 23.15
CA HIS B 192 12.74 18.78 23.12
C HIS B 192 11.88 20.06 23.17
N GLY B 193 12.51 21.19 23.50
CA GLY B 193 11.80 22.46 23.56
C GLY B 193 11.91 23.26 22.27
N MET B 194 12.56 22.71 21.24
CA MET B 194 12.82 23.45 20.00
C MET B 194 12.40 22.76 18.68
N PRO B 195 11.78 21.57 18.74
CA PRO B 195 11.72 20.83 17.47
C PRO B 195 10.96 21.53 16.35
N LEU B 196 9.97 22.37 16.65
CA LEU B 196 9.21 23.05 15.59
C LEU B 196 9.98 24.18 14.91
N SER B 197 10.87 24.83 15.66
CA SER B 197 11.58 25.99 15.12
C SER B 197 12.42 25.66 13.89
N PHE B 198 12.98 24.44 13.82
CA PHE B 198 13.78 24.00 12.66
C PHE B 198 12.94 23.68 11.43
N LEU B 199 11.63 23.52 11.62
CA LEU B 199 10.75 23.09 10.54
C LEU B 199 9.97 24.23 9.90
N VAL B 200 9.82 25.33 10.62
CA VAL B 200 8.89 26.37 10.22
C VAL B 200 9.64 27.40 9.38
N LYS B 201 9.25 27.50 8.12
CA LYS B 201 9.99 28.32 7.15
C LYS B 201 10.14 29.76 7.62
N GLU B 202 9.07 30.30 8.20
CA GLU B 202 9.08 31.69 8.64
C GLU B 202 10.05 32.00 9.76
N LEU B 203 10.63 30.98 10.40
CA LEU B 203 11.51 31.22 11.53
C LEU B 203 12.99 31.05 11.19
N GLN B 204 13.30 30.87 9.91
CA GLN B 204 14.65 30.45 9.55
C GLN B 204 15.72 31.55 9.70
N ASP B 205 15.30 32.80 9.75
CA ASP B 205 16.22 33.88 10.09
C ASP B 205 16.57 33.89 11.58
N GLN B 206 15.94 33.02 12.36
CA GLN B 206 16.22 32.95 13.80
C GLN B 206 17.00 31.71 14.20
N ILE B 207 17.27 30.85 13.23
CA ILE B 207 18.03 29.63 13.49
C ILE B 207 19.50 29.85 13.08
N PRO B 208 20.44 29.66 14.03
CA PRO B 208 21.86 29.77 13.69
C PRO B 208 22.29 28.71 12.69
N TRP B 209 23.07 29.11 11.70
CA TRP B 209 23.59 28.18 10.72
C TRP B 209 24.58 27.21 11.36
N LEU B 210 24.35 25.91 11.16
CA LEU B 210 25.29 24.88 11.61
C LEU B 210 25.37 23.86 10.49
N ASP B 211 26.58 23.47 10.11
CA ASP B 211 26.76 22.66 8.90
C ASP B 211 26.02 21.34 8.96
N ASP B 212 26.04 20.70 10.12
CA ASP B 212 25.40 19.40 10.25
C ASP B 212 23.86 19.51 10.21
N PHE B 213 23.34 20.75 10.25
CA PHE B 213 21.90 20.98 10.16
C PHE B 213 21.45 21.24 8.71
N GLU B 214 22.36 21.15 7.77
CA GLU B 214 22.00 21.48 6.39
C GLU B 214 20.88 20.60 5.82
N GLY B 215 20.89 19.30 6.15
CA GLY B 215 19.87 18.40 5.64
C GLY B 215 18.50 18.53 6.31
N ILE B 216 18.43 19.27 7.41
CA ILE B 216 17.16 19.48 8.08
C ILE B 216 16.49 20.69 7.44
N LYS B 217 15.71 20.45 6.39
CA LYS B 217 15.11 21.57 5.69
C LYS B 217 13.71 21.87 6.20
N PRO B 218 13.43 23.15 6.43
CA PRO B 218 12.13 23.61 6.91
C PRO B 218 11.07 23.20 5.91
N CYS B 219 10.07 22.46 6.36
CA CYS B 219 9.04 21.93 5.47
C CYS B 219 7.63 22.35 5.86
N LEU B 220 7.51 23.20 6.88
CA LEU B 220 6.19 23.65 7.32
C LEU B 220 6.05 25.15 7.15
N ASN B 221 4.90 25.59 6.66
CA ASN B 221 4.55 27.00 6.82
C ASN B 221 3.83 27.18 8.14
N ALA B 222 3.96 28.38 8.73
CA ALA B 222 3.27 28.71 9.97
C ALA B 222 1.76 28.46 9.85
N SER B 223 1.22 28.61 8.66
CA SER B 223 -0.22 28.44 8.44
C SER B 223 -0.69 26.98 8.46
N ASN B 224 0.24 26.03 8.51
CA ASN B 224 -0.10 24.61 8.51
C ASN B 224 -0.12 23.95 9.90
N ILE B 225 0.18 24.70 10.96
CA ILE B 225 0.27 24.17 12.33
C ILE B 225 -0.82 24.75 13.23
N ALA B 226 -1.42 23.93 14.08
CA ALA B 226 -2.34 24.43 15.11
C ALA B 226 -2.07 23.75 16.45
N TYR B 227 -2.02 24.55 17.51
CA TYR B 227 -1.78 24.01 18.84
C TYR B 227 -3.07 23.84 19.61
N ILE B 228 -3.17 22.78 20.40
CA ILE B 228 -4.19 22.70 21.44
C ILE B 228 -3.58 22.30 22.77
N GLY B 229 -3.93 23.03 23.84
CA GLY B 229 -3.63 22.59 25.18
C GLY B 229 -2.60 23.46 25.89
N LEU B 230 -2.11 24.49 25.20
CA LEU B 230 -1.02 25.32 25.72
C LEU B 230 -1.34 25.98 27.06
N ARG B 231 -0.38 25.96 27.97
CA ARG B 231 -0.52 26.66 29.25
C ARG B 231 0.84 27.09 29.85
N ASP B 232 1.94 26.86 29.12
CA ASP B 232 3.23 27.25 29.64
C ASP B 232 4.21 27.67 28.53
N LEU B 233 3.80 28.66 27.74
CA LEU B 233 4.64 29.21 26.67
C LEU B 233 5.71 30.11 27.23
N ASP B 234 6.91 30.06 26.64
CA ASP B 234 7.92 31.07 26.97
C ASP B 234 7.59 32.35 26.19
N ALA B 235 8.01 33.52 26.70
CA ALA B 235 7.66 34.79 26.05
C ALA B 235 8.07 34.88 24.57
N HIS B 236 9.26 34.38 24.25
CA HIS B 236 9.69 34.39 22.85
C HIS B 236 8.90 33.46 21.96
N GLU B 237 8.35 32.38 22.51
CA GLU B 237 7.43 31.54 21.76
C GLU B 237 6.12 32.30 21.47
N THR B 238 5.58 32.94 22.50
CA THR B 238 4.37 33.71 22.34
C THR B 238 4.57 34.74 21.23
N HIS B 239 5.71 35.42 21.25
CA HIS B 239 6.00 36.44 20.25
C HIS B 239 5.98 35.85 18.83
N ASP B 240 6.73 34.76 18.61
CA ASP B 240 6.78 34.13 17.28
C ASP B 240 5.44 33.55 16.81
N ILE B 241 4.71 32.92 17.73
CA ILE B 241 3.42 32.33 17.39
C ILE B 241 2.45 33.40 16.91
N ARG B 242 2.42 34.51 17.63
CA ARG B 242 1.54 35.61 17.28
C ARG B 242 2.02 36.35 16.03
N LYS B 243 3.31 36.68 15.98
CA LYS B 243 3.87 37.36 14.81
C LYS B 243 3.54 36.63 13.51
N HIS B 244 3.73 35.31 13.49
CA HIS B 244 3.53 34.56 12.26
C HIS B 244 2.15 33.96 12.11
N GLY B 245 1.24 34.32 13.01
CA GLY B 245 -0.15 33.89 12.90
C GLY B 245 -0.36 32.38 12.98
N ILE B 246 0.42 31.69 13.80
CA ILE B 246 0.20 30.26 14.03
C ILE B 246 -1.08 30.10 14.84
N ALA B 247 -2.00 29.25 14.39
CA ALA B 247 -3.24 29.05 15.11
C ALA B 247 -2.93 28.36 16.45
N TYR B 248 -3.51 28.87 17.53
CA TYR B 248 -3.25 28.26 18.83
C TYR B 248 -4.44 28.38 19.78
N PHE B 249 -4.74 27.28 20.45
CA PHE B 249 -5.83 27.23 21.39
C PHE B 249 -5.30 26.77 22.74
N THR B 250 -5.21 27.70 23.66
CA THR B 250 -4.62 27.42 24.97
C THR B 250 -5.69 26.84 25.89
N MET B 251 -5.30 26.49 27.11
CA MET B 251 -6.29 26.00 28.08
C MET B 251 -7.32 27.08 28.40
N LEU B 252 -6.93 28.34 28.28
CA LEU B 252 -7.90 29.43 28.43
C LEU B 252 -9.00 29.36 27.36
N ASP B 253 -8.61 29.15 26.10
CA ASP B 253 -9.59 28.91 25.03
C ASP B 253 -10.45 27.66 25.27
N VAL B 254 -9.81 26.59 25.71
CA VAL B 254 -10.54 25.38 26.05
C VAL B 254 -11.60 25.67 27.14
N ASP B 255 -11.23 26.40 28.18
CA ASP B 255 -12.19 26.76 29.24
C ASP B 255 -13.32 27.64 28.68
N ARG B 256 -12.95 28.66 27.91
CA ARG B 256 -13.97 29.56 27.35
C ARG B 256 -14.83 29.01 26.21
N MET B 257 -14.24 28.22 25.31
CA MET B 257 -14.97 27.77 24.11
C MET B 257 -15.54 26.38 24.25
N GLY B 258 -14.92 25.58 25.13
CA GLY B 258 -15.20 24.15 25.18
C GLY B 258 -14.32 23.41 24.17
N ILE B 259 -13.96 22.16 24.48
CA ILE B 259 -13.06 21.40 23.62
C ILE B 259 -13.70 21.13 22.25
N GLU B 260 -15.02 20.98 22.18
CA GLU B 260 -15.66 20.66 20.91
C GLU B 260 -15.41 21.78 19.90
N ALA B 261 -15.62 23.03 20.31
CA ALA B 261 -15.42 24.17 19.43
C ALA B 261 -13.94 24.37 19.13
N VAL B 262 -13.08 24.10 20.11
CA VAL B 262 -11.64 24.23 19.87
C VAL B 262 -11.17 23.25 18.78
N ILE B 263 -11.64 22.01 18.87
CA ILE B 263 -11.25 21.01 17.88
C ILE B 263 -11.71 21.43 16.48
N LYS B 264 -12.96 21.90 16.38
CA LYS B 264 -13.49 22.31 15.09
C LYS B 264 -12.72 23.51 14.52
N GLU B 265 -12.41 24.49 15.36
CA GLU B 265 -11.67 25.66 14.90
C GLU B 265 -10.24 25.32 14.53
N ALA B 266 -9.62 24.39 15.25
CA ALA B 266 -8.25 24.00 14.89
C ALA B 266 -8.22 23.33 13.50
N LEU B 267 -9.14 22.41 13.27
CA LEU B 267 -9.21 21.72 11.97
C LEU B 267 -9.56 22.70 10.85
N LEU B 268 -10.45 23.63 11.16
CA LEU B 268 -10.81 24.69 10.23
C LEU B 268 -9.60 25.53 9.86
N ALA B 269 -8.77 25.87 10.85
CA ALA B 269 -7.60 26.71 10.60
C ALA B 269 -6.56 26.06 9.69
N VAL B 270 -6.29 24.76 9.86
CA VAL B 270 -5.22 24.16 9.07
C VAL B 270 -5.66 23.07 8.11
N ASN B 271 -6.90 22.59 8.24
CA ASN B 271 -7.37 21.56 7.32
C ASN B 271 -8.86 21.72 6.95
N PRO B 272 -9.22 22.90 6.41
CA PRO B 272 -10.60 23.39 6.29
C PRO B 272 -11.57 22.47 5.53
N ARG B 273 -11.10 21.77 4.51
CA ARG B 273 -11.99 20.90 3.75
C ARG B 273 -11.51 19.46 3.82
N LEU B 274 -10.75 19.15 4.85
CA LEU B 274 -10.21 17.79 5.05
C LEU B 274 -9.43 17.31 3.82
N GLU B 275 -8.73 18.23 3.18
CA GLU B 275 -7.96 17.93 1.98
C GLU B 275 -6.56 17.38 2.33
N LYS B 276 -6.06 17.71 3.52
CA LYS B 276 -4.67 17.40 3.88
C LYS B 276 -4.48 16.21 4.83
N ALA B 277 -3.37 15.50 4.66
CA ALA B 277 -2.95 14.49 5.64
C ALA B 277 -2.67 15.20 6.97
N ILE B 278 -2.91 14.52 8.08
CA ILE B 278 -2.67 15.12 9.39
C ILE B 278 -1.55 14.41 10.12
N HIS B 279 -0.61 15.19 10.61
CA HIS B 279 0.38 14.73 11.57
C HIS B 279 -0.09 15.20 12.95
N LEU B 280 -0.49 14.25 13.79
CA LEU B 280 -0.96 14.60 15.13
C LEU B 280 0.20 14.35 16.09
N SER B 281 0.76 15.41 16.66
CA SER B 281 1.86 15.29 17.60
C SER B 281 1.37 15.55 19.03
N PHE B 282 1.25 14.49 19.81
CA PHE B 282 0.59 14.53 21.10
C PHE B 282 1.63 14.32 22.20
N ASP B 283 1.92 15.39 22.93
CA ASP B 283 2.77 15.32 24.11
C ASP B 283 1.89 14.86 25.25
N ILE B 284 2.25 13.76 25.90
CA ILE B 284 1.45 13.26 27.01
C ILE B 284 1.22 14.35 28.08
N ASP B 285 2.12 15.34 28.18
CA ASP B 285 1.97 16.38 29.20
C ASP B 285 0.90 17.43 28.85
N ALA B 286 0.25 17.27 27.71
CA ALA B 286 -0.93 18.10 27.41
C ALA B 286 -2.07 17.73 28.39
N LEU B 287 -2.10 16.47 28.81
CA LEU B 287 -3.07 15.97 29.78
C LEU B 287 -2.69 16.44 31.19
N ASP B 288 -3.71 16.59 32.02
CA ASP B 288 -3.48 17.02 33.39
C ASP B 288 -2.56 16.00 34.10
N PRO B 289 -1.67 16.49 34.96
CA PRO B 289 -0.78 15.59 35.72
C PRO B 289 -1.55 14.59 36.60
N LEU B 290 -2.82 14.86 36.91
CA LEU B 290 -3.61 13.87 37.65
C LEU B 290 -3.84 12.58 36.85
N VAL B 291 -3.82 12.65 35.52
CA VAL B 291 -3.98 11.42 34.73
C VAL B 291 -2.72 10.97 33.99
N ALA B 292 -1.74 11.86 33.86
CA ALA B 292 -0.48 11.51 33.20
C ALA B 292 0.69 12.11 33.98
N PRO B 293 0.89 11.61 35.22
CA PRO B 293 1.92 12.19 36.07
C PRO B 293 3.36 11.83 35.66
N SER B 294 3.57 10.73 34.94
CA SER B 294 4.95 10.25 34.69
C SER B 294 5.48 10.85 33.39
N THR B 295 5.84 12.12 33.47
CA THR B 295 6.35 12.84 32.31
C THR B 295 7.22 13.95 32.89
N GLY B 296 8.22 14.40 32.15
CA GLY B 296 9.25 15.25 32.73
C GLY B 296 8.91 16.71 33.02
N THR B 297 7.97 17.26 32.27
CA THR B 297 7.61 18.66 32.49
C THR B 297 6.10 18.82 32.67
N ALA B 298 5.60 18.28 33.78
CA ALA B 298 4.17 18.26 34.09
C ALA B 298 3.68 19.67 34.40
N VAL B 299 2.52 20.06 33.88
CA VAL B 299 1.96 21.37 34.21
C VAL B 299 0.50 21.25 34.64
N PRO B 300 0.17 21.72 35.85
CA PRO B 300 -1.21 21.60 36.34
C PRO B 300 -2.23 22.32 35.45
N GLY B 301 -3.50 21.93 35.57
CA GLY B 301 -4.58 22.56 34.84
C GLY B 301 -4.65 22.14 33.38
N GLY B 302 -4.40 20.86 33.10
CA GLY B 302 -4.35 20.36 31.73
C GLY B 302 -5.65 19.80 31.19
N LEU B 303 -5.57 19.15 30.03
CA LEU B 303 -6.75 18.52 29.45
C LEU B 303 -7.15 17.32 30.32
N THR B 304 -8.46 17.11 30.47
CA THR B 304 -8.91 15.88 31.09
C THR B 304 -8.63 14.75 30.11
N LEU B 305 -8.62 13.52 30.58
CA LEU B 305 -8.51 12.41 29.63
C LEU B 305 -9.61 12.48 28.59
N ARG B 306 -10.84 12.75 29.03
CA ARG B 306 -11.98 12.88 28.12
C ARG B 306 -11.75 13.91 27.03
N GLU B 307 -11.23 15.07 27.38
CA GLU B 307 -10.91 16.09 26.37
C GLU B 307 -9.83 15.59 25.38
N GLY B 308 -8.80 14.92 25.89
CA GLY B 308 -7.79 14.31 25.02
C GLY B 308 -8.41 13.32 24.06
N LEU B 309 -9.31 12.49 24.57
CA LEU B 309 -10.01 11.51 23.74
C LEU B 309 -10.81 12.17 22.64
N ARG B 310 -11.52 13.26 22.96
CA ARG B 310 -12.30 13.97 21.94
C ARG B 310 -11.40 14.48 20.83
N ILE B 311 -10.25 15.05 21.19
CA ILE B 311 -9.32 15.51 20.16
C ILE B 311 -8.94 14.34 19.23
N CYS B 312 -8.60 13.20 19.82
CA CYS B 312 -8.15 12.06 19.02
C CYS B 312 -9.30 11.44 18.23
N GLU B 313 -10.46 11.35 18.85
CA GLU B 313 -11.64 10.83 18.15
C GLU B 313 -12.00 11.65 16.92
N GLU B 314 -12.03 12.96 17.09
CA GLU B 314 -12.37 13.86 15.97
C GLU B 314 -11.30 13.82 14.86
N VAL B 315 -10.03 13.83 15.24
CA VAL B 315 -8.97 13.76 14.24
C VAL B 315 -9.04 12.41 13.51
N SER B 316 -9.20 11.32 14.27
CA SER B 316 -9.33 9.99 13.65
C SER B 316 -10.47 9.99 12.64
N ALA B 317 -11.63 10.51 13.05
CA ALA B 317 -12.83 10.48 12.21
C ALA B 317 -12.75 11.29 10.91
N THR B 318 -11.74 12.15 10.76
CA THR B 318 -11.58 12.86 9.48
C THR B 318 -11.22 11.91 8.35
N GLY B 319 -10.66 10.76 8.70
CA GLY B 319 -10.15 9.85 7.68
C GLY B 319 -8.78 10.29 7.17
N LYS B 320 -8.23 11.36 7.73
CA LYS B 320 -6.97 11.92 7.24
C LYS B 320 -5.80 11.77 8.22
N LEU B 321 -5.99 10.99 9.27
CA LEU B 321 -4.91 10.81 10.23
C LEU B 321 -3.81 9.98 9.56
N SER B 322 -2.63 10.57 9.40
CA SER B 322 -1.56 9.91 8.66
C SER B 322 -0.44 9.43 9.59
N VAL B 323 -0.03 10.28 10.51
CA VAL B 323 0.88 9.89 11.57
C VAL B 323 0.33 10.42 12.89
N VAL B 324 0.33 9.60 13.93
CA VAL B 324 0.18 10.11 15.28
C VAL B 324 1.41 9.70 16.07
N GLU B 325 2.01 10.66 16.78
CA GLU B 325 3.12 10.37 17.67
C GLU B 325 2.76 10.80 19.06
N LEU B 326 3.17 10.00 20.03
CA LEU B 326 2.92 10.28 21.41
C LEU B 326 4.26 10.41 22.10
N ALA B 327 4.56 11.62 22.58
CA ALA B 327 5.86 11.95 23.17
C ALA B 327 5.83 12.10 24.70
N GLU B 328 7.02 11.96 25.31
CA GLU B 328 7.31 12.34 26.70
C GLU B 328 6.82 11.39 27.79
N LEU B 329 6.41 10.18 27.42
CA LEU B 329 6.23 9.16 28.43
C LEU B 329 7.57 8.92 29.13
N ASN B 330 7.58 8.94 30.46
CA ASN B 330 8.79 8.56 31.18
C ASN B 330 8.46 7.71 32.40
N PRO B 331 8.51 6.39 32.22
CA PRO B 331 8.18 5.41 33.27
C PRO B 331 9.17 5.39 34.44
N LEU B 332 10.25 6.17 34.37
CA LEU B 332 11.17 6.25 35.49
C LEU B 332 10.78 7.38 36.45
N LEU B 333 9.68 8.08 36.16
CA LEU B 333 9.24 9.16 37.04
C LEU B 333 7.94 8.79 37.74
N GLY B 334 7.85 9.10 39.03
CA GLY B 334 6.66 8.85 39.82
C GLY B 334 6.61 7.45 40.41
N SER B 335 5.58 7.19 41.20
CA SER B 335 5.36 5.89 41.79
C SER B 335 4.92 4.87 40.75
N GLN B 336 4.89 3.60 41.15
CA GLN B 336 4.41 2.56 40.26
C GLN B 336 2.99 2.88 39.81
N GLU B 337 2.17 3.37 40.73
CA GLU B 337 0.79 3.72 40.38
C GLU B 337 0.72 4.89 39.39
N ASP B 338 1.58 5.89 39.58
CA ASP B 338 1.71 7.00 38.61
C ASP B 338 1.99 6.46 37.21
N VAL B 339 2.93 5.51 37.14
CA VAL B 339 3.29 4.91 35.85
C VAL B 339 2.11 4.18 35.22
N LEU B 340 1.38 3.40 36.00
CA LEU B 340 0.21 2.70 35.49
C LEU B 340 -0.87 3.66 35.01
N LYS B 341 -1.09 4.77 35.71
CA LYS B 341 -2.05 5.77 35.26
C LYS B 341 -1.62 6.38 33.93
N THR B 342 -0.33 6.70 33.83
CA THR B 342 0.19 7.33 32.63
C THR B 342 0.11 6.36 31.46
N GLN B 343 0.54 5.13 31.69
CA GLN B 343 0.43 4.06 30.69
C GLN B 343 -1.01 3.90 30.21
N SER B 344 -1.95 3.84 31.16
CA SER B 344 -3.36 3.69 30.83
C SER B 344 -3.91 4.87 30.01
N SER B 345 -3.57 6.10 30.39
CA SER B 345 -4.03 7.27 29.63
C SER B 345 -3.50 7.19 28.19
N ALA B 346 -2.23 6.84 28.07
CA ALA B 346 -1.59 6.74 26.76
C ALA B 346 -2.30 5.73 25.87
N VAL B 347 -2.64 4.57 26.45
CA VAL B 347 -3.28 3.52 25.68
C VAL B 347 -4.68 3.93 25.17
N HIS B 348 -5.46 4.56 26.03
CA HIS B 348 -6.78 5.04 25.62
C HIS B 348 -6.68 6.10 24.52
N ILE B 349 -5.70 6.99 24.66
CA ILE B 349 -5.44 8.02 23.66
C ILE B 349 -5.10 7.41 22.30
N LEU B 350 -4.17 6.46 22.30
CA LEU B 350 -3.76 5.81 21.05
C LEU B 350 -4.90 4.99 20.40
N ARG B 351 -5.67 4.29 21.21
CA ARG B 351 -6.83 3.56 20.67
C ARG B 351 -7.81 4.49 20.00
N ALA B 352 -8.05 5.64 20.62
CA ALA B 352 -8.95 6.63 20.03
C ALA B 352 -8.44 7.11 18.67
N CYS B 353 -7.12 7.29 18.57
CA CYS B 353 -6.55 7.77 17.30
C CYS B 353 -6.82 6.76 16.19
N LEU B 354 -6.83 5.48 16.52
CA LEU B 354 -6.99 4.44 15.52
C LEU B 354 -8.45 4.11 15.24
N GLY B 355 -9.36 4.72 16.00
CA GLY B 355 -10.77 4.65 15.67
C GLY B 355 -11.64 3.96 16.71
N HIS B 356 -11.08 3.70 17.89
CA HIS B 356 -11.90 3.07 18.92
C HIS B 356 -13.04 4.00 19.34
N CYS B 357 -14.24 3.46 19.48
CA CYS B 357 -15.41 4.27 19.76
C CYS B 357 -15.90 3.97 21.16
N ARG B 358 -16.01 4.99 22.00
CA ARG B 358 -16.46 4.77 23.37
C ARG B 358 -17.92 4.31 23.40
N SER B 359 -18.62 4.52 22.30
CA SER B 359 -20.03 4.13 22.20
C SER B 359 -20.24 2.71 21.70
N GLY B 360 -19.16 1.94 21.62
CA GLY B 360 -19.27 0.53 21.28
C GLY B 360 -18.94 0.20 19.83
N HIS B 361 -18.56 -1.04 19.60
CA HIS B 361 -18.33 -1.58 18.27
C HIS B 361 -19.22 -2.82 18.09
N LEU B 362 -19.69 -3.06 16.87
CA LEU B 362 -20.50 -4.26 16.58
C LEU B 362 -19.62 -5.50 16.41
N PRO B 363 -20.16 -6.68 16.71
CA PRO B 363 -19.40 -7.91 16.52
C PRO B 363 -19.20 -8.19 15.02
N PHE B 364 -18.06 -8.78 14.66
CA PHE B 364 -17.85 -9.19 13.28
C PHE B 364 -18.87 -10.26 12.92
N LYS B 365 -19.07 -11.19 13.85
CA LYS B 365 -20.04 -12.27 13.66
C LYS B 365 -20.99 -12.35 14.84
N VAL B 366 -22.29 -12.31 14.55
CA VAL B 366 -23.31 -12.34 15.58
C VAL B 366 -23.65 -13.76 16.01
N ARG B 367 -23.70 -13.97 17.31
CA ARG B 367 -23.98 -15.29 17.86
C ARG B 367 -25.48 -15.47 18.14
N ASN B 368 -25.98 -16.68 17.89
CA ASN B 368 -27.38 -17.01 18.15
C ASN B 368 -27.52 -18.45 18.65
N LEU B 369 -27.82 -18.59 19.94
CA LEU B 369 -27.75 -19.89 20.59
C LEU B 369 -28.60 -20.97 19.90
N THR B 370 -29.62 -20.55 19.17
CA THR B 370 -30.50 -21.49 18.50
C THR B 370 -29.75 -22.27 17.42
N ASP B 371 -28.68 -21.66 16.92
CA ASP B 371 -27.83 -22.31 15.92
C ASP B 371 -26.87 -23.30 16.59
N GLN B 372 -26.46 -22.97 17.80
CA GLN B 372 -25.62 -23.88 18.57
C GLN B 372 -26.42 -25.05 19.14
N GLY B 373 -27.68 -25.17 18.73
CA GLY B 373 -28.54 -26.24 19.22
C GLY B 373 -28.80 -26.20 20.71
N ILE B 374 -28.90 -24.99 21.26
CA ILE B 374 -29.16 -24.81 22.68
C ILE B 374 -30.58 -24.29 22.92
N MET B 375 -31.29 -24.96 23.83
CA MET B 375 -32.64 -24.58 24.20
C MET B 375 -32.64 -23.22 24.91
N SER B 376 -33.33 -22.24 24.35
CA SER B 376 -33.41 -20.92 24.98
C SER B 376 -34.61 -20.88 25.91
N ARG B 377 -34.63 -19.92 26.82
CA ARG B 377 -35.77 -19.77 27.70
C ARG B 377 -37.02 -19.48 26.86
N ALA B 378 -36.86 -18.66 25.83
CA ALA B 378 -38.00 -18.32 24.97
C ALA B 378 -38.49 -19.59 24.26
N ALA B 379 -37.56 -20.36 23.73
CA ALA B 379 -37.90 -21.62 23.07
C ALA B 379 -38.57 -22.58 24.04
N HIS B 380 -38.06 -22.64 25.27
CA HIS B 380 -38.60 -23.57 26.25
C HIS B 380 -40.03 -23.23 26.66
N MET B 381 -40.37 -21.95 26.63
CA MET B 381 -41.69 -21.52 27.03
C MET B 381 -42.73 -21.76 25.94
N GLN B 382 -42.33 -21.59 24.68
CA GLN B 382 -43.20 -21.80 23.53
C GLN B 382 -43.82 -23.21 23.53
N LYS C 39 -20.39 -3.59 -31.21
CA LYS C 39 -19.85 -2.81 -32.32
C LYS C 39 -18.35 -2.58 -32.16
N LEU C 40 -17.90 -2.43 -30.91
CA LEU C 40 -16.47 -2.34 -30.64
C LEU C 40 -15.90 -3.75 -30.56
N LEU C 41 -14.71 -3.96 -31.14
CA LEU C 41 -14.07 -5.28 -31.08
C LEU C 41 -13.57 -5.57 -29.68
N TYR C 42 -13.14 -4.51 -29.00
CA TYR C 42 -12.65 -4.57 -27.64
C TYR C 42 -13.45 -3.56 -26.82
N THR C 43 -14.19 -4.03 -25.81
CA THR C 43 -15.01 -3.16 -24.99
C THR C 43 -14.30 -2.83 -23.69
N SER C 44 -13.38 -3.69 -23.27
CA SER C 44 -12.54 -3.39 -22.12
C SER C 44 -11.07 -3.73 -22.39
N ALA C 45 -10.19 -3.20 -21.54
CA ALA C 45 -8.77 -3.47 -21.68
C ALA C 45 -8.07 -3.28 -20.35
N ASN C 46 -6.90 -3.90 -20.21
CA ASN C 46 -6.06 -3.70 -19.03
C ASN C 46 -4.83 -2.85 -19.38
N PHE C 47 -4.35 -2.10 -18.40
CA PHE C 47 -3.16 -1.27 -18.57
C PHE C 47 -2.12 -1.67 -17.53
N LEU C 48 -0.87 -1.81 -17.96
CA LEU C 48 0.19 -2.24 -17.05
C LEU C 48 1.46 -1.47 -17.36
N GLY C 49 2.05 -0.85 -16.35
CA GLY C 49 3.35 -0.20 -16.50
C GLY C 49 4.49 -1.12 -16.11
N ILE C 50 5.56 -1.13 -16.91
CA ILE C 50 6.77 -1.87 -16.54
C ILE C 50 7.98 -0.98 -16.73
N PRO C 51 8.44 -0.37 -15.64
CA PRO C 51 9.48 0.66 -15.69
C PRO C 51 10.92 0.13 -15.78
N THR C 52 11.15 -0.87 -16.61
CA THR C 52 12.51 -1.40 -16.78
C THR C 52 13.51 -0.32 -17.21
N ASN C 53 14.68 -0.33 -16.58
CA ASN C 53 15.75 0.61 -16.93
C ASN C 53 17.14 -0.03 -16.84
N ARG C 54 17.19 -1.34 -16.58
CA ARG C 54 18.46 -2.06 -16.51
C ARG C 54 18.79 -2.86 -17.78
N GLY C 55 18.03 -2.63 -18.85
CA GLY C 55 18.31 -3.27 -20.12
C GLY C 55 19.16 -2.37 -21.00
N GLN C 56 19.39 -1.15 -20.53
CA GLN C 56 20.16 -0.16 -21.29
C GLN C 56 20.64 0.95 -20.36
N PRO C 57 21.72 1.66 -20.75
CA PRO C 57 22.44 2.52 -19.80
C PRO C 57 21.86 3.92 -19.59
N LYS C 58 20.97 4.38 -20.47
CA LYS C 58 20.43 5.73 -20.32
C LYS C 58 19.28 5.77 -19.31
N ILE C 59 19.46 6.54 -18.24
CA ILE C 59 18.42 6.68 -17.21
C ILE C 59 17.19 7.37 -17.82
N GLY C 60 16.00 6.90 -17.51
CA GLY C 60 14.82 7.57 -18.02
C GLY C 60 13.69 6.69 -18.53
N THR C 61 14.00 5.51 -19.04
CA THR C 61 12.93 4.63 -19.51
C THR C 61 12.02 4.20 -18.37
N TYR C 62 12.49 4.33 -17.12
CA TYR C 62 11.62 4.01 -15.99
C TYR C 62 10.46 4.99 -15.90
N GLN C 63 10.59 6.15 -16.55
CA GLN C 63 9.54 7.16 -16.50
C GLN C 63 8.53 7.01 -17.64
N GLY C 64 8.72 6.02 -18.49
CA GLY C 64 7.81 5.79 -19.60
C GLY C 64 6.34 5.62 -19.23
N PRO C 65 6.04 4.73 -18.26
CA PRO C 65 4.62 4.56 -17.89
C PRO C 65 3.98 5.87 -17.39
N GLU C 66 4.71 6.63 -16.59
CA GLU C 66 4.23 7.93 -16.11
C GLU C 66 3.97 8.89 -17.28
N LEU C 67 4.78 8.79 -18.32
CA LEU C 67 4.61 9.66 -19.49
C LEU C 67 3.24 9.44 -20.12
N ILE C 68 2.78 8.20 -20.11
CA ILE C 68 1.49 7.87 -20.71
C ILE C 68 0.34 8.08 -19.71
N ARG C 69 0.57 7.77 -18.43
CA ARG C 69 -0.41 8.09 -17.40
C ARG C 69 -0.70 9.60 -17.29
N LYS C 70 0.31 10.42 -17.56
CA LYS C 70 0.16 11.88 -17.53
C LYS C 70 -0.51 12.47 -18.76
N SER C 71 -0.60 11.68 -19.82
CA SER C 71 -1.18 12.17 -21.06
C SER C 71 -2.69 12.08 -20.93
N ASN C 72 -3.39 12.36 -22.03
CA ASN C 72 -4.84 12.21 -22.03
C ASN C 72 -5.28 10.87 -22.58
N PHE C 73 -4.37 9.89 -22.54
CA PHE C 73 -4.65 8.57 -23.09
C PHE C 73 -5.87 7.90 -22.43
N PHE C 74 -5.89 7.84 -21.10
CA PHE C 74 -7.00 7.21 -20.41
C PHE C 74 -8.35 7.84 -20.77
N GLN C 75 -8.38 9.17 -20.77
CA GLN C 75 -9.58 9.91 -21.14
C GLN C 75 -10.02 9.66 -22.59
N LEU C 76 -9.09 9.70 -23.53
CA LEU C 76 -9.43 9.46 -24.93
C LEU C 76 -9.96 8.05 -25.13
N VAL C 77 -9.34 7.07 -24.47
CA VAL C 77 -9.80 5.69 -24.55
C VAL C 77 -11.21 5.56 -23.96
N ALA C 78 -11.44 6.23 -22.83
CA ALA C 78 -12.77 6.24 -22.21
C ALA C 78 -13.82 6.80 -23.18
N GLU C 79 -13.47 7.88 -23.85
CA GLU C 79 -14.38 8.54 -24.78
C GLU C 79 -14.73 7.70 -25.99
N ASP C 80 -13.88 6.74 -26.33
CA ASP C 80 -14.22 5.85 -27.44
C ASP C 80 -15.08 4.68 -26.95
N GLY C 81 -15.36 4.65 -25.66
CA GLY C 81 -16.28 3.68 -25.10
C GLY C 81 -15.61 2.41 -24.62
N ILE C 82 -14.33 2.50 -24.30
CA ILE C 82 -13.61 1.34 -23.78
C ILE C 82 -13.38 1.49 -22.28
N GLN C 83 -13.61 0.40 -21.56
CA GLN C 83 -13.36 0.40 -20.12
C GLN C 83 -11.91 -0.03 -19.83
N LEU C 84 -11.07 0.95 -19.50
CA LEU C 84 -9.65 0.71 -19.29
C LEU C 84 -9.31 0.61 -17.81
N THR C 85 -8.84 -0.55 -17.40
CA THR C 85 -8.47 -0.79 -16.00
C THR C 85 -6.96 -0.66 -15.77
N ASP C 86 -6.57 0.28 -14.92
CA ASP C 86 -5.16 0.45 -14.60
C ASP C 86 -4.75 -0.62 -13.61
N CYS C 87 -3.88 -1.52 -14.05
CA CYS C 87 -3.46 -2.64 -13.20
C CYS C 87 -2.15 -2.35 -12.48
N GLY C 88 -1.77 -1.08 -12.44
CA GLY C 88 -0.58 -0.65 -11.72
C GLY C 88 0.72 -0.91 -12.48
N ASP C 89 1.82 -0.99 -11.73
CA ASP C 89 3.15 -1.21 -12.31
C ASP C 89 3.79 -2.46 -11.73
N ILE C 90 4.57 -3.15 -12.55
CA ILE C 90 5.49 -4.14 -12.04
C ILE C 90 6.68 -3.43 -11.40
N ILE C 91 7.20 -3.98 -10.32
CA ILE C 91 8.41 -3.44 -9.70
C ILE C 91 9.60 -4.25 -10.18
N PRO C 92 10.48 -3.64 -11.01
CA PRO C 92 11.61 -4.43 -11.51
C PRO C 92 12.62 -4.73 -10.39
N VAL C 93 13.33 -5.84 -10.53
CA VAL C 93 14.41 -6.16 -9.59
C VAL C 93 15.68 -5.45 -10.07
N GLU C 94 16.20 -4.55 -9.24
CA GLU C 94 17.41 -3.83 -9.58
C GLU C 94 18.50 -4.05 -8.53
N LEU C 95 19.40 -5.00 -8.82
CA LEU C 95 20.46 -5.37 -7.90
C LEU C 95 21.61 -4.36 -7.97
N ASN C 96 22.52 -4.40 -7.01
CA ASN C 96 23.68 -3.51 -7.10
C ASN C 96 24.81 -4.20 -7.85
N GLU C 97 25.85 -3.43 -8.20
CA GLU C 97 26.97 -3.97 -8.97
C GLU C 97 27.59 -5.22 -8.37
N ALA C 98 27.80 -5.22 -7.05
CA ALA C 98 28.42 -6.36 -6.41
C ALA C 98 27.59 -7.62 -6.59
N GLU C 99 26.27 -7.48 -6.52
CA GLU C 99 25.38 -8.64 -6.62
C GLU C 99 25.16 -9.10 -8.06
N ASP C 100 25.47 -8.23 -9.02
CA ASP C 100 25.09 -8.48 -10.40
C ASP C 100 26.21 -8.06 -11.34
N PRO C 101 27.35 -8.77 -11.28
CA PRO C 101 28.50 -8.45 -12.14
C PRO C 101 28.24 -8.91 -13.56
N GLN C 102 29.01 -8.39 -14.49
CA GLN C 102 28.95 -8.81 -15.87
C GLN C 102 29.19 -10.32 -15.96
N ARG C 103 28.39 -11.01 -16.76
CA ARG C 103 28.53 -12.44 -16.99
C ARG C 103 28.30 -12.69 -18.47
N PHE C 104 29.24 -13.37 -19.13
CA PHE C 104 29.23 -13.54 -20.58
C PHE C 104 28.96 -12.24 -21.34
N GLY C 105 29.50 -11.13 -20.85
CA GLY C 105 29.39 -9.85 -21.52
C GLY C 105 28.13 -9.09 -21.14
N MET C 106 27.13 -9.80 -20.64
CA MET C 106 25.84 -9.17 -20.30
C MET C 106 25.92 -8.24 -19.08
N LYS C 107 25.30 -7.08 -19.20
CA LYS C 107 25.18 -6.15 -18.08
C LYS C 107 23.85 -6.34 -17.38
N TRP C 108 23.90 -6.52 -16.06
CA TRP C 108 22.69 -6.63 -15.25
C TRP C 108 21.85 -7.87 -15.60
N SER C 109 22.51 -8.99 -15.84
CA SER C 109 21.82 -10.19 -16.28
C SER C 109 21.01 -10.86 -15.16
N ARG C 110 21.43 -10.69 -13.92
CA ARG C 110 20.71 -11.27 -12.80
C ARG C 110 19.46 -10.42 -12.46
N SER C 111 19.61 -9.10 -12.53
CA SER C 111 18.45 -8.21 -12.46
C SER C 111 17.45 -8.59 -13.56
N PHE C 112 17.98 -8.87 -14.75
CA PHE C 112 17.17 -9.32 -15.88
C PHE C 112 16.41 -10.61 -15.60
N SER C 113 17.12 -11.65 -15.15
CA SER C 113 16.46 -12.95 -15.00
C SER C 113 15.37 -12.88 -13.93
N LEU C 114 15.67 -12.24 -12.80
CA LEU C 114 14.67 -12.03 -11.76
C LEU C 114 13.49 -11.14 -12.24
N THR C 115 13.80 -10.05 -12.92
CA THR C 115 12.75 -9.16 -13.41
C THR C 115 11.86 -9.87 -14.42
N THR C 116 12.48 -10.69 -15.27
CA THR C 116 11.77 -11.45 -16.28
C THR C 116 10.73 -12.39 -15.66
N LEU C 117 11.14 -13.17 -14.67
CA LEU C 117 10.24 -14.11 -14.00
C LEU C 117 9.12 -13.37 -13.28
N ARG C 118 9.45 -12.23 -12.70
CA ARG C 118 8.44 -11.41 -12.02
C ARG C 118 7.40 -10.87 -13.02
N ILE C 119 7.87 -10.33 -14.14
CA ILE C 119 6.97 -9.90 -15.20
C ILE C 119 6.08 -11.03 -15.70
N ALA C 120 6.70 -12.18 -16.02
CA ALA C 120 5.96 -13.30 -16.57
C ALA C 120 4.84 -13.75 -15.65
N GLU C 121 5.11 -13.79 -14.34
CA GLU C 121 4.10 -14.19 -13.37
C GLU C 121 2.87 -13.28 -13.40
N ARG C 122 3.12 -11.97 -13.36
CA ARG C 122 2.03 -11.00 -13.34
C ARG C 122 1.28 -10.95 -14.66
N VAL C 123 2.00 -11.18 -15.76
CA VAL C 123 1.36 -11.13 -17.06
C VAL C 123 0.50 -12.37 -17.31
N GLU C 124 1.00 -13.53 -16.89
CA GLU C 124 0.20 -14.76 -16.95
C GLU C 124 -1.09 -14.65 -16.14
N GLU C 125 -0.99 -14.08 -14.94
CA GLU C 125 -2.15 -13.85 -14.09
C GLU C 125 -3.19 -12.99 -14.80
N LEU C 126 -2.74 -11.86 -15.36
CA LEU C 126 -3.64 -10.95 -16.05
C LEU C 126 -4.32 -11.61 -17.25
N MET C 127 -3.53 -12.33 -18.05
CA MET C 127 -4.06 -12.97 -19.25
C MET C 127 -4.98 -14.15 -18.97
N LYS C 128 -4.88 -14.72 -17.77
CA LYS C 128 -5.74 -15.85 -17.43
C LYS C 128 -7.05 -15.40 -16.80
N GLN C 129 -6.99 -14.31 -16.05
CA GLN C 129 -8.18 -13.75 -15.44
C GLN C 129 -9.05 -13.11 -16.50
N SER C 130 -8.42 -12.61 -17.57
CA SER C 130 -9.13 -11.97 -18.67
C SER C 130 -9.63 -13.01 -19.69
N ASN C 131 -9.30 -14.29 -19.47
CA ASN C 131 -9.80 -15.36 -20.32
C ASN C 131 -11.05 -16.02 -19.73
N SER C 142 -12.67 -10.48 -26.08
CA SER C 142 -11.37 -10.59 -25.43
C SER C 142 -10.87 -9.23 -24.90
N THR C 143 -10.11 -9.28 -23.81
CA THR C 143 -9.64 -8.08 -23.12
C THR C 143 -8.14 -7.88 -23.35
N PRO C 144 -7.78 -6.91 -24.20
CA PRO C 144 -6.37 -6.66 -24.53
C PRO C 144 -5.60 -6.13 -23.34
N LEU C 145 -4.34 -6.54 -23.21
CA LEU C 145 -3.48 -6.01 -22.17
C LEU C 145 -2.54 -5.00 -22.83
N VAL C 146 -2.56 -3.77 -22.35
CA VAL C 146 -1.70 -2.69 -22.84
C VAL C 146 -0.55 -2.50 -21.86
N ILE C 147 0.67 -2.70 -22.34
CA ILE C 147 1.87 -2.58 -21.51
C ILE C 147 2.76 -1.43 -21.98
N VAL C 148 3.15 -0.58 -21.05
CA VAL C 148 4.04 0.51 -21.37
C VAL C 148 5.35 0.39 -20.60
N GLY C 149 6.46 0.31 -21.32
CA GLY C 149 7.78 0.23 -20.70
C GLY C 149 8.33 1.61 -20.40
N GLY C 150 9.56 1.69 -19.89
CA GLY C 150 10.43 0.54 -19.71
C GLY C 150 11.22 0.27 -20.99
N ASP C 151 12.49 -0.13 -20.85
CA ASP C 151 13.26 -0.46 -22.04
C ASP C 151 12.82 -1.85 -22.53
N HIS C 152 13.22 -2.22 -23.74
CA HIS C 152 12.67 -3.41 -24.39
C HIS C 152 13.06 -4.75 -23.78
N SER C 153 13.96 -4.74 -22.79
CA SER C 153 14.33 -5.98 -22.10
C SER C 153 13.09 -6.65 -21.46
N MET C 154 12.07 -5.85 -21.16
CA MET C 154 10.85 -6.37 -20.54
C MET C 154 10.17 -7.45 -21.39
N ALA C 155 10.45 -7.48 -22.69
CA ALA C 155 9.69 -8.34 -23.59
C ALA C 155 9.89 -9.82 -23.35
N THR C 156 11.06 -10.22 -22.83
CA THR C 156 11.26 -11.62 -22.50
C THR C 156 10.22 -12.09 -21.47
N GLY C 157 9.96 -11.25 -20.47
CA GLY C 157 8.97 -11.54 -19.45
C GLY C 157 7.54 -11.44 -19.94
N THR C 158 7.23 -10.39 -20.71
CA THR C 158 5.86 -10.22 -21.17
C THR C 158 5.45 -11.35 -22.12
N ILE C 159 6.33 -11.73 -23.02
CA ILE C 159 6.01 -12.81 -23.96
C ILE C 159 5.98 -14.18 -23.25
N LEU C 160 6.91 -14.39 -22.33
CA LEU C 160 6.94 -15.64 -21.58
C LEU C 160 5.60 -15.78 -20.82
N GLY C 161 5.23 -14.74 -20.09
CA GLY C 161 4.00 -14.76 -19.32
C GLY C 161 2.80 -14.96 -20.23
N HIS C 162 2.78 -14.19 -21.32
CA HIS C 162 1.69 -14.25 -22.29
C HIS C 162 1.53 -15.66 -22.85
N ALA C 163 2.65 -16.27 -23.25
CA ALA C 163 2.64 -17.59 -23.87
C ALA C 163 2.15 -18.68 -22.93
N GLU C 164 2.24 -18.44 -21.62
CA GLU C 164 1.75 -19.38 -20.63
C GLU C 164 0.23 -19.45 -20.69
N ALA C 165 -0.38 -18.29 -20.89
CA ALA C 165 -1.83 -18.20 -21.02
C ALA C 165 -2.30 -18.50 -22.44
N LYS C 166 -1.49 -18.15 -23.43
CA LYS C 166 -1.87 -18.38 -24.83
C LYS C 166 -0.71 -18.98 -25.58
N PRO C 167 -0.50 -20.29 -25.46
CA PRO C 167 0.74 -20.91 -25.93
C PRO C 167 0.90 -20.83 -27.44
N ASP C 168 -0.21 -20.62 -28.14
CA ASP C 168 -0.22 -20.62 -29.60
C ASP C 168 0.01 -19.25 -30.24
N LEU C 169 0.40 -18.26 -29.46
CA LEU C 169 0.45 -16.88 -29.93
C LEU C 169 1.45 -16.64 -31.06
N CYS C 170 1.28 -15.50 -31.76
CA CYS C 170 2.31 -15.02 -32.68
C CYS C 170 2.79 -13.64 -32.19
N VAL C 171 3.97 -13.24 -32.67
CA VAL C 171 4.57 -11.99 -32.23
C VAL C 171 4.85 -11.12 -33.46
N LEU C 172 4.39 -9.87 -33.41
CA LEU C 172 4.73 -8.90 -34.44
C LEU C 172 5.63 -7.88 -33.77
N TRP C 173 6.86 -7.77 -34.27
CA TRP C 173 7.91 -6.98 -33.61
C TRP C 173 8.21 -5.77 -34.50
N ILE C 174 7.84 -4.58 -34.02
CA ILE C 174 7.95 -3.33 -34.77
C ILE C 174 9.11 -2.55 -34.16
N ASP C 175 10.22 -2.41 -34.88
CA ASP C 175 11.46 -1.92 -34.26
C ASP C 175 12.46 -1.58 -35.36
N ALA C 176 13.31 -0.60 -35.12
CA ALA C 176 14.44 -0.35 -36.02
C ALA C 176 15.47 -1.48 -35.87
N HIS C 177 15.41 -2.19 -34.75
CA HIS C 177 16.43 -3.17 -34.35
C HIS C 177 15.88 -4.60 -34.19
N GLY C 178 16.75 -5.59 -34.33
CA GLY C 178 16.35 -6.98 -34.21
C GLY C 178 16.09 -7.46 -32.78
N ASP C 179 16.73 -6.83 -31.81
CA ASP C 179 16.59 -7.25 -30.42
C ASP C 179 16.75 -8.77 -30.24
N ILE C 180 17.62 -9.37 -31.05
CA ILE C 180 17.78 -10.82 -31.05
C ILE C 180 19.25 -11.26 -30.96
N ASN C 181 20.11 -10.39 -30.47
CA ASN C 181 21.49 -10.76 -30.23
C ASN C 181 21.56 -11.85 -29.18
N THR C 182 22.33 -12.90 -29.46
CA THR C 182 22.68 -13.89 -28.46
C THR C 182 23.82 -13.28 -27.63
N PRO C 183 23.88 -13.62 -26.33
CA PRO C 183 24.79 -12.91 -25.43
C PRO C 183 26.25 -12.83 -25.90
N LEU C 184 26.81 -13.92 -26.38
CA LEU C 184 28.21 -13.88 -26.77
C LEU C 184 28.47 -13.01 -28.00
N ASN C 185 27.41 -12.65 -28.73
CA ASN C 185 27.55 -11.83 -29.93
C ASN C 185 27.28 -10.35 -29.71
N SER C 186 26.73 -10.00 -28.55
CA SER C 186 26.39 -8.61 -28.28
C SER C 186 27.65 -7.76 -28.06
N ALA C 187 27.84 -6.74 -28.89
CA ALA C 187 28.95 -5.82 -28.68
C ALA C 187 28.68 -4.92 -27.48
N SER C 188 27.41 -4.67 -27.16
CA SER C 188 27.08 -3.73 -26.08
C SER C 188 26.96 -4.37 -24.71
N GLY C 189 26.51 -5.63 -24.66
CA GLY C 189 26.12 -6.25 -23.41
C GLY C 189 24.81 -5.71 -22.85
N ASN C 190 24.13 -4.84 -23.62
CA ASN C 190 22.84 -4.27 -23.20
C ASN C 190 21.69 -5.26 -23.40
N MET C 191 21.04 -5.68 -22.31
CA MET C 191 19.98 -6.70 -22.39
C MET C 191 18.80 -6.34 -23.29
N HIS C 192 18.55 -5.05 -23.52
CA HIS C 192 17.39 -4.69 -24.35
C HIS C 192 17.60 -5.08 -25.82
N GLY C 193 18.83 -5.44 -26.18
CA GLY C 193 19.16 -5.88 -27.53
C GLY C 193 19.16 -7.40 -27.70
N MET C 194 18.73 -8.09 -26.64
CA MET C 194 18.76 -9.56 -26.58
C MET C 194 17.44 -10.27 -26.23
N PRO C 195 16.34 -9.52 -25.99
CA PRO C 195 15.18 -10.19 -25.35
C PRO C 195 14.58 -11.36 -26.15
N LEU C 196 14.62 -11.32 -27.47
CA LEU C 196 14.11 -12.43 -28.27
C LEU C 196 15.00 -13.67 -28.28
N SER C 197 16.30 -13.50 -28.08
CA SER C 197 17.20 -14.65 -28.17
C SER C 197 16.84 -15.70 -27.11
N PHE C 198 16.40 -15.26 -25.93
CA PHE C 198 16.08 -16.18 -24.84
C PHE C 198 14.79 -16.97 -25.08
N LEU C 199 13.97 -16.49 -26.02
CA LEU C 199 12.63 -17.03 -26.26
C LEU C 199 12.53 -17.97 -27.46
N VAL C 200 13.43 -17.80 -28.40
CA VAL C 200 13.38 -18.51 -29.68
C VAL C 200 14.02 -19.90 -29.58
N LYS C 201 13.21 -20.92 -29.79
CA LYS C 201 13.64 -22.30 -29.59
C LYS C 201 14.86 -22.68 -30.42
N GLU C 202 14.88 -22.25 -31.67
CA GLU C 202 15.95 -22.58 -32.61
C GLU C 202 17.31 -21.97 -32.22
N LEU C 203 17.31 -21.06 -31.27
CA LEU C 203 18.53 -20.34 -30.89
C LEU C 203 19.15 -20.87 -29.60
N GLN C 204 18.57 -21.90 -29.01
CA GLN C 204 18.97 -22.30 -27.67
C GLN C 204 20.37 -22.91 -27.56
N ASP C 205 20.95 -23.35 -28.67
CA ASP C 205 22.35 -23.78 -28.62
C ASP C 205 23.32 -22.58 -28.64
N GLN C 206 22.80 -21.36 -28.70
CA GLN C 206 23.64 -20.17 -28.66
C GLN C 206 23.47 -19.40 -27.36
N ILE C 207 22.60 -19.88 -26.48
CA ILE C 207 22.41 -19.22 -25.19
C ILE C 207 23.30 -19.89 -24.13
N PRO C 208 24.22 -19.13 -23.53
CA PRO C 208 25.07 -19.76 -22.53
C PRO C 208 24.26 -20.16 -21.31
N TRP C 209 24.55 -21.34 -20.76
CA TRP C 209 23.83 -21.76 -19.57
C TRP C 209 24.18 -20.91 -18.35
N LEU C 210 23.14 -20.49 -17.64
CA LEU C 210 23.28 -19.85 -16.34
C LEU C 210 22.17 -20.36 -15.44
N ASP C 211 22.51 -20.70 -14.20
CA ASP C 211 21.56 -21.26 -13.25
C ASP C 211 20.26 -20.45 -13.17
N ASP C 212 20.39 -19.14 -13.00
CA ASP C 212 19.23 -18.31 -12.78
C ASP C 212 18.35 -18.11 -14.02
N PHE C 213 18.80 -18.60 -15.17
CA PHE C 213 18.01 -18.51 -16.41
C PHE C 213 17.19 -19.77 -16.67
N GLU C 214 17.24 -20.72 -15.74
CA GLU C 214 16.56 -22.01 -15.94
C GLU C 214 15.06 -21.87 -16.18
N GLY C 215 14.41 -20.99 -15.41
CA GLY C 215 12.97 -20.80 -15.53
C GLY C 215 12.53 -19.90 -16.67
N ILE C 216 13.49 -19.42 -17.46
CA ILE C 216 13.15 -18.67 -18.65
C ILE C 216 13.19 -19.64 -19.81
N LYS C 217 12.06 -20.28 -20.07
CA LYS C 217 12.00 -21.30 -21.12
C LYS C 217 11.63 -20.69 -22.47
N PRO C 218 12.28 -21.16 -23.54
CA PRO C 218 12.01 -20.73 -24.91
C PRO C 218 10.60 -21.15 -25.29
N CYS C 219 9.77 -20.20 -25.70
CA CYS C 219 8.37 -20.52 -25.94
C CYS C 219 7.91 -20.13 -27.34
N LEU C 220 8.84 -19.62 -28.16
CA LEU C 220 8.51 -19.19 -29.51
C LEU C 220 9.27 -20.00 -30.54
N ASN C 221 8.58 -20.39 -31.60
CA ASN C 221 9.28 -20.90 -32.77
C ASN C 221 9.64 -19.72 -33.64
N ALA C 222 10.72 -19.85 -34.40
CA ALA C 222 11.12 -18.82 -35.35
C ALA C 222 9.98 -18.48 -36.31
N SER C 223 9.18 -19.48 -36.67
CA SER C 223 8.09 -19.29 -37.62
C SER C 223 6.93 -18.44 -37.08
N ASN C 224 6.98 -18.09 -35.81
CA ASN C 224 5.88 -17.34 -35.22
C ASN C 224 6.19 -15.87 -34.95
N ILE C 225 7.33 -15.40 -35.45
CA ILE C 225 7.72 -13.99 -35.30
C ILE C 225 7.78 -13.32 -36.66
N ALA C 226 7.35 -12.05 -36.73
CA ALA C 226 7.58 -11.24 -37.93
C ALA C 226 8.01 -9.84 -37.50
N TYR C 227 9.04 -9.31 -38.16
CA TYR C 227 9.53 -7.98 -37.88
C TYR C 227 8.99 -7.00 -38.93
N ILE C 228 8.67 -5.78 -38.49
CA ILE C 228 8.46 -4.68 -39.41
C ILE C 228 9.24 -3.45 -38.96
N GLY C 229 10.00 -2.84 -39.85
CA GLY C 229 10.59 -1.54 -39.57
C GLY C 229 12.09 -1.55 -39.44
N LEU C 230 12.69 -2.72 -39.58
CA LEU C 230 14.14 -2.90 -39.36
C LEU C 230 15.01 -2.00 -40.24
N ARG C 231 16.07 -1.44 -39.66
CA ARG C 231 17.02 -0.62 -40.41
C ARG C 231 18.41 -0.57 -39.79
N ASP C 232 18.61 -1.26 -38.66
CA ASP C 232 19.92 -1.27 -38.02
C ASP C 232 20.19 -2.62 -37.34
N LEU C 233 20.21 -3.68 -38.15
CA LEU C 233 20.52 -5.02 -37.66
C LEU C 233 22.03 -5.18 -37.49
N ASP C 234 22.43 -5.89 -36.43
CA ASP C 234 23.81 -6.34 -36.32
C ASP C 234 24.00 -7.55 -37.24
N ALA C 235 25.22 -7.75 -37.74
CA ALA C 235 25.50 -8.82 -38.70
C ALA C 235 25.06 -10.20 -38.21
N HIS C 236 25.27 -10.49 -36.94
CA HIS C 236 24.88 -11.78 -36.42
C HIS C 236 23.39 -11.94 -36.23
N GLU C 237 22.68 -10.85 -35.99
CA GLU C 237 21.21 -10.91 -36.06
C GLU C 237 20.74 -11.25 -37.47
N THR C 238 21.32 -10.60 -38.47
CA THR C 238 20.97 -10.88 -39.85
C THR C 238 21.20 -12.36 -40.17
N HIS C 239 22.34 -12.88 -39.75
CA HIS C 239 22.65 -14.29 -39.96
C HIS C 239 21.59 -15.22 -39.33
N ASP C 240 21.27 -14.96 -38.07
CA ASP C 240 20.29 -15.80 -37.37
C ASP C 240 18.89 -15.68 -37.94
N ILE C 241 18.50 -14.45 -38.28
CA ILE C 241 17.17 -14.22 -38.85
C ILE C 241 16.97 -15.01 -40.14
N ARG C 242 17.95 -14.91 -41.04
CA ARG C 242 17.87 -15.60 -42.33
C ARG C 242 18.07 -17.10 -42.19
N LYS C 243 18.96 -17.50 -41.29
CA LYS C 243 19.23 -18.93 -41.10
C LYS C 243 18.00 -19.68 -40.62
N HIS C 244 17.27 -19.10 -39.67
CA HIS C 244 16.09 -19.75 -39.11
C HIS C 244 14.78 -19.31 -39.76
N GLY C 245 14.90 -18.50 -40.82
CA GLY C 245 13.74 -18.10 -41.61
C GLY C 245 12.69 -17.28 -40.88
N ILE C 246 13.12 -16.41 -39.98
CA ILE C 246 12.18 -15.49 -39.33
C ILE C 246 11.68 -14.49 -40.37
N ALA C 247 10.36 -14.29 -40.44
CA ALA C 247 9.80 -13.33 -41.39
C ALA C 247 10.25 -11.91 -41.00
N TYR C 248 10.75 -11.15 -41.98
CA TYR C 248 11.18 -9.81 -41.65
C TYR C 248 11.01 -8.82 -42.79
N PHE C 249 10.54 -7.63 -42.43
CA PHE C 249 10.29 -6.59 -43.40
C PHE C 249 11.00 -5.31 -42.94
N THR C 250 12.08 -4.97 -43.65
CA THR C 250 12.93 -3.85 -43.30
C THR C 250 12.36 -2.55 -43.88
N MET C 251 12.91 -1.39 -43.52
CA MET C 251 12.47 -0.14 -44.14
C MET C 251 12.65 -0.19 -45.66
N LEU C 252 13.62 -0.97 -46.13
CA LEU C 252 13.80 -1.17 -47.57
C LEU C 252 12.58 -1.86 -48.17
N ASP C 253 12.07 -2.88 -47.49
CA ASP C 253 10.84 -3.53 -47.93
C ASP C 253 9.63 -2.61 -47.82
N VAL C 254 9.59 -1.78 -46.79
CA VAL C 254 8.51 -0.81 -46.66
C VAL C 254 8.55 0.16 -47.86
N ASP C 255 9.75 0.61 -48.23
CA ASP C 255 9.90 1.54 -49.37
C ASP C 255 9.43 0.89 -50.68
N ARG C 256 9.86 -0.35 -50.91
CA ARG C 256 9.58 -1.01 -52.18
C ARG C 256 8.17 -1.59 -52.28
N MET C 257 7.64 -2.11 -51.17
CA MET C 257 6.36 -2.79 -51.20
C MET C 257 5.21 -1.87 -50.78
N GLY C 258 5.53 -0.90 -49.94
CA GLY C 258 4.51 -0.09 -49.29
C GLY C 258 4.06 -0.75 -47.99
N ILE C 259 3.72 0.05 -46.98
CA ILE C 259 3.28 -0.50 -45.69
C ILE C 259 2.04 -1.41 -45.82
N GLU C 260 1.12 -1.10 -46.73
CA GLU C 260 -0.08 -1.93 -46.85
C GLU C 260 0.29 -3.39 -47.16
N ALA C 261 1.10 -3.62 -48.19
CA ALA C 261 1.55 -4.98 -48.50
C ALA C 261 2.40 -5.59 -47.37
N VAL C 262 3.27 -4.79 -46.75
CA VAL C 262 4.10 -5.32 -45.67
C VAL C 262 3.26 -5.88 -44.53
N ILE C 263 2.24 -5.15 -44.12
CA ILE C 263 1.35 -5.59 -43.05
C ILE C 263 0.67 -6.88 -43.45
N LYS C 264 0.14 -6.91 -44.67
CA LYS C 264 -0.55 -8.09 -45.16
C LYS C 264 0.38 -9.31 -45.18
N GLU C 265 1.61 -9.14 -45.64
CA GLU C 265 2.56 -10.24 -45.71
C GLU C 265 3.02 -10.72 -44.33
N ALA C 266 3.13 -9.79 -43.40
CA ALA C 266 3.54 -10.12 -42.04
C ALA C 266 2.47 -10.98 -41.37
N LEU C 267 1.21 -10.55 -41.49
CA LEU C 267 0.10 -11.31 -40.91
C LEU C 267 -0.08 -12.67 -41.58
N LEU C 268 0.17 -12.74 -42.88
CA LEU C 268 0.10 -13.99 -43.62
C LEU C 268 1.21 -14.96 -43.18
N ALA C 269 2.39 -14.42 -42.89
CA ALA C 269 3.52 -15.25 -42.47
C ALA C 269 3.28 -15.86 -41.09
N VAL C 270 2.75 -15.11 -40.13
CA VAL C 270 2.64 -15.65 -38.77
C VAL C 270 1.22 -15.91 -38.25
N ASN C 271 0.19 -15.48 -38.98
CA ASN C 271 -1.19 -15.65 -38.54
C ASN C 271 -2.14 -15.77 -39.74
N PRO C 272 -1.88 -16.73 -40.63
CA PRO C 272 -2.50 -16.79 -41.96
C PRO C 272 -4.02 -16.77 -41.92
N ARG C 273 -4.61 -17.31 -40.86
CA ARG C 273 -6.06 -17.44 -40.78
C ARG C 273 -6.62 -16.72 -39.56
N LEU C 274 -5.83 -15.83 -38.97
CA LEU C 274 -6.25 -15.10 -37.77
C LEU C 274 -6.69 -16.05 -36.65
N GLU C 275 -6.06 -17.21 -36.58
CA GLU C 275 -6.38 -18.20 -35.55
C GLU C 275 -5.61 -17.95 -34.24
N LYS C 276 -4.46 -17.27 -34.33
CA LYS C 276 -3.57 -17.12 -33.18
C LYS C 276 -3.75 -15.77 -32.46
N ALA C 277 -3.63 -15.77 -31.14
CA ALA C 277 -3.55 -14.52 -30.39
C ALA C 277 -2.30 -13.75 -30.84
N ILE C 278 -2.38 -12.42 -30.84
CA ILE C 278 -1.24 -11.60 -31.27
C ILE C 278 -0.58 -10.81 -30.14
N HIS C 279 0.74 -10.93 -30.07
CA HIS C 279 1.56 -10.12 -29.19
C HIS C 279 2.26 -9.07 -30.04
N LEU C 280 1.85 -7.81 -29.89
CA LEU C 280 2.43 -6.74 -30.69
C LEU C 280 3.47 -6.02 -29.83
N SER C 281 4.74 -6.17 -30.19
CA SER C 281 5.81 -5.53 -29.42
C SER C 281 6.31 -4.34 -30.22
N PHE C 282 5.93 -3.14 -29.76
CA PHE C 282 6.18 -1.92 -30.51
C PHE C 282 7.26 -1.07 -29.83
N ASP C 283 8.46 -1.04 -30.41
CA ASP C 283 9.51 -0.15 -29.96
C ASP C 283 9.24 1.22 -30.58
N ILE C 284 9.10 2.24 -29.74
CA ILE C 284 8.86 3.58 -30.23
C ILE C 284 9.92 3.98 -31.25
N ASP C 285 11.13 3.42 -31.16
CA ASP C 285 12.19 3.81 -32.11
C ASP C 285 12.00 3.25 -33.54
N ALA C 286 11.01 2.38 -33.73
CA ALA C 286 10.61 2.02 -35.09
C ALA C 286 10.14 3.26 -35.88
N LEU C 287 9.55 4.23 -35.17
CA LEU C 287 9.11 5.47 -35.78
C LEU C 287 10.32 6.37 -36.06
N ASP C 288 10.22 7.19 -37.11
CA ASP C 288 11.24 8.17 -37.40
C ASP C 288 11.48 9.10 -36.21
N PRO C 289 12.76 9.41 -35.94
CA PRO C 289 13.12 10.35 -34.86
C PRO C 289 12.46 11.72 -35.01
N LEU C 290 12.00 12.09 -36.20
CA LEU C 290 11.22 13.32 -36.36
C LEU C 290 9.90 13.29 -35.57
N VAL C 291 9.32 12.11 -35.35
CA VAL C 291 8.07 12.06 -34.59
C VAL C 291 8.23 11.42 -33.21
N ALA C 292 9.32 10.70 -33.01
CA ALA C 292 9.57 10.09 -31.72
C ALA C 292 11.04 10.29 -31.33
N PRO C 293 11.44 11.54 -31.05
CA PRO C 293 12.86 11.76 -30.76
C PRO C 293 13.33 11.26 -29.39
N SER C 294 12.44 11.18 -28.41
CA SER C 294 12.87 10.90 -27.04
C SER C 294 12.95 9.39 -26.77
N THR C 295 13.99 8.79 -27.32
CA THR C 295 14.22 7.36 -27.20
C THR C 295 15.74 7.16 -27.31
N GLY C 296 16.25 6.10 -26.68
CA GLY C 296 17.69 5.97 -26.51
C GLY C 296 18.52 5.63 -27.73
N THR C 297 17.96 4.88 -28.67
CA THR C 297 18.71 4.45 -29.85
C THR C 297 17.91 4.78 -31.12
N ALA C 298 17.77 6.08 -31.38
CA ALA C 298 17.02 6.60 -32.51
C ALA C 298 17.79 6.39 -33.80
N VAL C 299 17.10 5.96 -34.85
CA VAL C 299 17.73 5.71 -36.16
C VAL C 299 16.95 6.43 -37.26
N PRO C 300 17.63 7.31 -38.00
CA PRO C 300 17.00 8.08 -39.08
C PRO C 300 16.31 7.19 -40.11
N GLY C 301 15.31 7.74 -40.81
CA GLY C 301 14.66 7.00 -41.88
C GLY C 301 13.65 5.94 -41.43
N GLY C 302 12.85 6.27 -40.42
CA GLY C 302 11.93 5.28 -39.86
C GLY C 302 10.53 5.34 -40.43
N LEU C 303 9.62 4.58 -39.81
CA LEU C 303 8.21 4.64 -40.16
C LEU C 303 7.66 6.05 -39.92
N THR C 304 6.77 6.52 -40.78
CA THR C 304 6.05 7.76 -40.48
C THR C 304 5.04 7.39 -39.41
N LEU C 305 4.50 8.39 -38.71
CA LEU C 305 3.42 8.11 -37.76
C LEU C 305 2.29 7.39 -38.47
N ARG C 306 1.92 7.88 -39.65
CA ARG C 306 0.87 7.25 -40.45
C ARG C 306 1.13 5.78 -40.70
N GLU C 307 2.36 5.42 -41.09
CA GLU C 307 2.69 4.00 -41.31
C GLU C 307 2.55 3.20 -40.00
N GLY C 308 3.00 3.79 -38.89
CA GLY C 308 2.88 3.14 -37.60
C GLY C 308 1.42 2.95 -37.24
N LEU C 309 0.62 3.97 -37.53
CA LEU C 309 -0.83 3.89 -37.31
C LEU C 309 -1.49 2.76 -38.11
N ARG C 310 -1.10 2.59 -39.38
CA ARG C 310 -1.66 1.53 -40.21
C ARG C 310 -1.37 0.13 -39.67
N ILE C 311 -0.14 -0.10 -39.20
CA ILE C 311 0.22 -1.38 -38.58
C ILE C 311 -0.74 -1.66 -37.42
N CYS C 312 -0.89 -0.67 -36.55
CA CYS C 312 -1.72 -0.82 -35.36
C CYS C 312 -3.21 -0.96 -35.68
N GLU C 313 -3.66 -0.22 -36.68
CA GLU C 313 -5.05 -0.27 -37.12
C GLU C 313 -5.39 -1.66 -37.64
N GLU C 314 -4.50 -2.23 -38.46
CA GLU C 314 -4.74 -3.53 -39.06
C GLU C 314 -4.63 -4.66 -38.04
N VAL C 315 -3.66 -4.54 -37.13
CA VAL C 315 -3.51 -5.54 -36.07
C VAL C 315 -4.74 -5.54 -35.18
N SER C 316 -5.19 -4.35 -34.79
CA SER C 316 -6.38 -4.19 -33.98
C SER C 316 -7.61 -4.80 -34.64
N ALA C 317 -7.77 -4.52 -35.93
CA ALA C 317 -8.96 -4.94 -36.64
C ALA C 317 -9.04 -6.46 -36.82
N THR C 318 -7.93 -7.17 -36.61
CA THR C 318 -8.00 -8.62 -36.69
C THR C 318 -8.94 -9.16 -35.62
N GLY C 319 -9.15 -8.40 -34.56
CA GLY C 319 -9.84 -8.91 -33.39
C GLY C 319 -9.01 -9.87 -32.54
N LYS C 320 -7.74 -10.06 -32.90
CA LYS C 320 -6.88 -11.01 -32.19
C LYS C 320 -5.79 -10.35 -31.35
N LEU C 321 -5.81 -9.03 -31.26
CA LEU C 321 -4.84 -8.34 -30.42
C LEU C 321 -5.00 -8.75 -28.95
N SER C 322 -3.98 -9.43 -28.44
CA SER C 322 -4.02 -9.97 -27.08
C SER C 322 -3.18 -9.15 -26.12
N VAL C 323 -1.94 -8.84 -26.54
CA VAL C 323 -1.09 -7.92 -25.81
C VAL C 323 -0.47 -6.90 -26.77
N VAL C 324 -0.48 -5.62 -26.39
CA VAL C 324 0.38 -4.65 -27.07
C VAL C 324 1.28 -4.03 -26.02
N GLU C 325 2.57 -4.00 -26.35
CA GLU C 325 3.53 -3.32 -25.49
C GLU C 325 4.30 -2.25 -26.27
N LEU C 326 4.52 -1.13 -25.60
CA LEU C 326 5.21 0.02 -26.18
C LEU C 326 6.47 0.28 -25.39
N ALA C 327 7.62 0.03 -26.00
CA ALA C 327 8.91 0.10 -25.29
C ALA C 327 9.74 1.30 -25.69
N GLU C 328 10.66 1.67 -24.81
CA GLU C 328 11.77 2.60 -25.08
C GLU C 328 11.44 4.11 -25.07
N LEU C 329 10.27 4.49 -24.56
CA LEU C 329 10.02 5.89 -24.24
C LEU C 329 11.05 6.34 -23.22
N ASN C 330 11.69 7.48 -23.44
CA ASN C 330 12.57 8.04 -22.43
C ASN C 330 12.38 9.55 -22.36
N PRO C 331 11.54 10.01 -21.41
CA PRO C 331 11.21 11.43 -21.25
C PRO C 331 12.39 12.23 -20.74
N LEU C 332 13.50 11.58 -20.38
CA LEU C 332 14.67 12.31 -19.93
C LEU C 332 15.59 12.62 -21.10
N LEU C 333 15.16 12.25 -22.31
CA LEU C 333 15.93 12.58 -23.51
C LEU C 333 15.25 13.64 -24.35
N GLY C 334 16.05 14.57 -24.87
CA GLY C 334 15.55 15.58 -25.77
C GLY C 334 14.98 16.77 -25.05
N SER C 335 14.52 17.75 -25.82
CA SER C 335 13.93 18.95 -25.27
C SER C 335 12.52 18.65 -24.79
N GLN C 336 11.93 19.61 -24.09
CA GLN C 336 10.57 19.47 -23.62
C GLN C 336 9.63 19.24 -24.82
N GLU C 337 9.88 19.96 -25.91
CA GLU C 337 9.06 19.76 -27.11
C GLU C 337 9.27 18.36 -27.70
N ASP C 338 10.51 17.88 -27.67
CA ASP C 338 10.81 16.51 -28.11
C ASP C 338 9.99 15.50 -27.32
N VAL C 339 9.95 15.69 -26.01
CA VAL C 339 9.17 14.81 -25.15
C VAL C 339 7.67 14.85 -25.47
N LEU C 340 7.13 16.06 -25.69
CA LEU C 340 5.73 16.18 -26.09
C LEU C 340 5.41 15.47 -27.40
N LYS C 341 6.29 15.62 -28.38
CA LYS C 341 6.12 14.93 -29.66
C LYS C 341 6.10 13.43 -29.47
N THR C 342 7.02 12.95 -28.66
CA THR C 342 7.16 11.52 -28.46
C THR C 342 5.94 10.97 -27.70
N GLN C 343 5.48 11.72 -26.70
CA GLN C 343 4.31 11.33 -25.91
C GLN C 343 3.07 11.29 -26.79
N SER C 344 2.95 12.30 -27.64
CA SER C 344 1.85 12.37 -28.59
C SER C 344 1.84 11.18 -29.55
N SER C 345 2.98 10.87 -30.16
CA SER C 345 3.04 9.70 -31.06
C SER C 345 2.61 8.41 -30.37
N ALA C 346 3.09 8.20 -29.14
CA ALA C 346 2.78 6.96 -28.41
C ALA C 346 1.30 6.85 -28.12
N VAL C 347 0.69 7.97 -27.72
CA VAL C 347 -0.73 7.99 -27.44
C VAL C 347 -1.57 7.64 -28.67
N HIS C 348 -1.26 8.27 -29.81
CA HIS C 348 -1.93 7.97 -31.07
C HIS C 348 -1.76 6.51 -31.47
N ILE C 349 -0.54 6.00 -31.35
CA ILE C 349 -0.25 4.59 -31.60
C ILE C 349 -1.08 3.67 -30.68
N LEU C 350 -1.04 3.93 -29.38
CA LEU C 350 -1.78 3.07 -28.44
C LEU C 350 -3.30 3.14 -28.63
N ARG C 351 -3.81 4.34 -28.92
CA ARG C 351 -5.24 4.49 -29.21
C ARG C 351 -5.69 3.66 -30.41
N ALA C 352 -4.86 3.67 -31.45
CA ALA C 352 -5.12 2.87 -32.64
C ALA C 352 -5.13 1.37 -32.37
N CYS C 353 -4.22 0.90 -31.52
CA CYS C 353 -4.21 -0.52 -31.15
C CYS C 353 -5.55 -0.93 -30.52
N LEU C 354 -6.13 -0.04 -29.73
CA LEU C 354 -7.38 -0.38 -29.04
C LEU C 354 -8.62 -0.20 -29.92
N GLY C 355 -8.43 0.31 -31.14
CA GLY C 355 -9.50 0.36 -32.12
C GLY C 355 -9.95 1.74 -32.52
N HIS C 356 -9.23 2.78 -32.09
CA HIS C 356 -9.60 4.13 -32.55
C HIS C 356 -9.43 4.23 -34.06
N CYS C 357 -10.41 4.83 -34.72
CA CYS C 357 -10.43 4.87 -36.17
C CYS C 357 -10.34 6.32 -36.67
N ARG C 358 -9.48 6.53 -37.66
CA ARG C 358 -9.22 7.87 -38.18
C ARG C 358 -10.32 8.34 -39.11
N SER C 359 -11.12 7.41 -39.60
CA SER C 359 -12.26 7.75 -40.45
C SER C 359 -13.50 8.12 -39.65
N GLY C 360 -13.36 8.14 -38.32
CA GLY C 360 -14.41 8.60 -37.44
C GLY C 360 -15.18 7.48 -36.75
N HIS C 361 -15.82 7.83 -35.64
CA HIS C 361 -16.69 6.91 -34.92
C HIS C 361 -18.09 7.51 -34.84
N LEU C 362 -19.11 6.65 -34.85
CA LEU C 362 -20.48 7.07 -34.72
C LEU C 362 -20.80 7.29 -33.24
N PRO C 363 -21.80 8.13 -32.93
CA PRO C 363 -22.08 8.36 -31.51
C PRO C 363 -22.70 7.13 -30.87
N PHE C 364 -22.53 6.98 -29.56
CA PHE C 364 -23.22 5.90 -28.88
C PHE C 364 -24.72 6.20 -28.78
N LYS C 365 -25.04 7.49 -28.67
CA LYS C 365 -26.43 7.93 -28.72
C LYS C 365 -26.54 9.11 -29.68
N VAL C 366 -27.31 8.94 -30.75
CA VAL C 366 -27.50 10.02 -31.72
C VAL C 366 -28.32 11.15 -31.09
N ARG C 367 -27.82 12.37 -31.22
CA ARG C 367 -28.55 13.52 -30.68
C ARG C 367 -29.38 14.18 -31.78
N ASN C 368 -30.52 14.71 -31.39
CA ASN C 368 -31.35 15.47 -32.31
C ASN C 368 -31.86 16.75 -31.65
N LEU C 369 -31.77 17.86 -32.36
CA LEU C 369 -32.29 19.13 -31.86
C LEU C 369 -33.72 18.95 -31.33
N THR C 370 -34.45 18.04 -31.94
CA THR C 370 -35.82 17.76 -31.54
C THR C 370 -35.93 17.18 -30.12
N ASP C 371 -34.89 16.47 -29.67
CA ASP C 371 -34.82 15.93 -28.30
C ASP C 371 -34.95 17.03 -27.23
N GLN C 372 -34.56 18.24 -27.58
CA GLN C 372 -34.53 19.34 -26.62
C GLN C 372 -35.76 20.25 -26.79
N GLY C 373 -36.62 19.92 -27.75
CA GLY C 373 -37.81 20.72 -28.02
C GLY C 373 -37.52 22.10 -28.61
N ILE C 374 -36.30 22.31 -29.09
CA ILE C 374 -35.88 23.60 -29.62
C ILE C 374 -36.42 23.83 -31.04
N MET C 375 -36.70 25.09 -31.38
CA MET C 375 -37.20 25.45 -32.70
C MET C 375 -36.05 25.55 -33.73
N SER C 376 -36.09 24.75 -34.78
CA SER C 376 -35.04 24.81 -35.81
C SER C 376 -35.31 25.88 -36.85
N ARG C 377 -34.28 26.22 -37.63
CA ARG C 377 -34.44 27.15 -38.73
C ARG C 377 -35.46 26.61 -39.72
N ALA C 378 -35.30 25.34 -40.09
CA ALA C 378 -36.24 24.64 -40.96
C ALA C 378 -37.68 24.79 -40.48
N ALA C 379 -37.92 24.39 -39.24
CA ALA C 379 -39.27 24.48 -38.67
C ALA C 379 -39.77 25.93 -38.63
N HIS C 380 -38.94 26.85 -38.19
CA HIS C 380 -39.33 28.25 -38.18
C HIS C 380 -39.66 28.75 -39.59
N MET C 381 -38.96 28.20 -40.59
CA MET C 381 -39.11 28.68 -41.96
C MET C 381 -40.38 28.13 -42.61
N GLN C 382 -40.78 26.93 -42.21
CA GLN C 382 -41.99 26.31 -42.74
C GLN C 382 -43.24 26.66 -41.92
N THR C 383 -43.07 27.50 -40.90
CA THR C 383 -44.19 27.97 -40.07
C THR C 383 -43.96 29.39 -39.57
N LEU D 40 20.48 -52.23 0.41
CA LEU D 40 20.83 -51.02 1.14
C LEU D 40 19.71 -50.60 2.09
N LEU D 41 20.09 -50.16 3.29
CA LEU D 41 19.15 -49.59 4.25
C LEU D 41 18.61 -48.24 3.77
N TYR D 42 19.50 -47.44 3.19
CA TYR D 42 19.12 -46.15 2.66
C TYR D 42 19.61 -46.07 1.21
N THR D 43 18.68 -45.86 0.28
CA THR D 43 19.02 -45.79 -1.14
C THR D 43 19.12 -44.35 -1.64
N SER D 44 18.56 -43.42 -0.87
CA SER D 44 18.66 -42.00 -1.19
C SER D 44 18.88 -41.16 0.05
N ALA D 45 19.39 -39.95 -0.14
CA ALA D 45 19.65 -39.05 0.99
C ALA D 45 19.63 -37.58 0.56
N ASN D 46 19.39 -36.70 1.52
CA ASN D 46 19.45 -35.27 1.29
C ASN D 46 20.64 -34.64 2.00
N PHE D 47 21.20 -33.59 1.39
CA PHE D 47 22.37 -32.91 1.92
C PHE D 47 22.07 -31.43 2.05
N LEU D 48 22.32 -30.87 3.22
CA LEU D 48 21.98 -29.48 3.52
C LEU D 48 23.09 -28.83 4.35
N GLY D 49 23.60 -27.69 3.88
CA GLY D 49 24.60 -26.94 4.62
C GLY D 49 23.97 -25.83 5.47
N ILE D 50 24.56 -25.60 6.64
CA ILE D 50 24.12 -24.52 7.51
C ILE D 50 25.37 -23.83 8.07
N PRO D 51 25.82 -22.74 7.40
CA PRO D 51 27.10 -22.07 7.69
C PRO D 51 27.07 -21.18 8.93
N THR D 52 26.39 -21.62 9.99
CA THR D 52 26.35 -20.86 11.23
C THR D 52 27.74 -20.48 11.75
N ASN D 53 27.92 -19.21 12.06
CA ASN D 53 29.17 -18.74 12.63
C ASN D 53 28.94 -17.76 13.79
N ARG D 54 27.68 -17.41 14.04
CA ARG D 54 27.36 -16.51 15.14
C ARG D 54 27.13 -17.24 16.47
N GLY D 55 27.46 -18.53 16.53
CA GLY D 55 27.37 -19.27 17.77
C GLY D 55 28.62 -19.19 18.62
N GLN D 56 29.71 -18.75 18.01
CA GLN D 56 31.02 -18.72 18.68
C GLN D 56 31.92 -17.73 17.95
N PRO D 57 32.96 -17.22 18.65
CA PRO D 57 33.81 -16.11 18.20
C PRO D 57 34.74 -16.42 17.02
N LYS D 58 35.23 -17.65 16.92
CA LYS D 58 36.22 -17.99 15.89
C LYS D 58 35.62 -18.08 14.49
N ILE D 59 36.06 -17.20 13.59
CA ILE D 59 35.60 -17.23 12.21
C ILE D 59 36.09 -18.48 11.49
N GLY D 60 35.25 -19.03 10.62
CA GLY D 60 35.61 -20.19 9.85
C GLY D 60 34.58 -21.32 9.80
N THR D 61 33.72 -21.41 10.81
CA THR D 61 32.71 -22.49 10.79
C THR D 61 31.79 -22.38 9.57
N TYR D 62 31.59 -21.16 9.08
CA TYR D 62 30.75 -20.95 7.90
C TYR D 62 31.30 -21.64 6.64
N GLN D 63 32.58 -21.99 6.65
CA GLN D 63 33.17 -22.74 5.52
C GLN D 63 33.05 -24.25 5.70
N GLY D 64 32.42 -24.69 6.79
CA GLY D 64 32.22 -26.11 7.04
C GLY D 64 31.55 -26.84 5.88
N PRO D 65 30.37 -26.35 5.44
CA PRO D 65 29.66 -27.01 4.36
C PRO D 65 30.52 -27.17 3.10
N GLU D 66 31.27 -26.13 2.73
CA GLU D 66 32.09 -26.18 1.52
C GLU D 66 33.26 -27.15 1.67
N LEU D 67 33.80 -27.24 2.88
CA LEU D 67 34.86 -28.22 3.15
C LEU D 67 34.42 -29.62 2.72
N ILE D 68 33.14 -29.92 2.92
CA ILE D 68 32.61 -31.25 2.58
C ILE D 68 32.25 -31.35 1.10
N ARG D 69 31.72 -30.27 0.53
CA ARG D 69 31.43 -30.25 -0.90
C ARG D 69 32.70 -30.37 -1.76
N LYS D 70 33.78 -29.76 -1.29
CA LYS D 70 35.08 -29.82 -1.99
C LYS D 70 35.70 -31.20 -1.91
N SER D 71 35.32 -31.97 -0.90
CA SER D 71 35.87 -33.31 -0.73
C SER D 71 35.24 -34.26 -1.75
N ASN D 72 35.68 -35.51 -1.78
CA ASN D 72 35.05 -36.49 -2.65
C ASN D 72 33.89 -37.24 -1.95
N PHE D 73 33.33 -36.61 -0.90
CA PHE D 73 32.20 -37.20 -0.18
C PHE D 73 31.07 -37.63 -1.12
N PHE D 74 30.60 -36.69 -1.95
CA PHE D 74 29.53 -36.99 -2.89
C PHE D 74 29.85 -38.13 -3.85
N GLN D 75 31.10 -38.18 -4.32
CA GLN D 75 31.54 -39.22 -5.25
C GLN D 75 31.52 -40.59 -4.60
N LEU D 76 32.04 -40.67 -3.37
CA LEU D 76 32.10 -41.94 -2.65
C LEU D 76 30.70 -42.47 -2.32
N VAL D 77 29.82 -41.57 -1.87
CA VAL D 77 28.44 -41.93 -1.56
C VAL D 77 27.72 -42.51 -2.78
N ALA D 78 27.90 -41.85 -3.92
CA ALA D 78 27.33 -42.31 -5.18
C ALA D 78 27.89 -43.68 -5.57
N GLU D 79 29.17 -43.90 -5.29
CA GLU D 79 29.81 -45.18 -5.61
C GLU D 79 29.35 -46.27 -4.64
N ASP D 80 28.79 -45.85 -3.51
CA ASP D 80 28.16 -46.78 -2.58
C ASP D 80 26.77 -47.19 -3.09
N GLY D 81 26.31 -46.50 -4.13
CA GLY D 81 25.02 -46.78 -4.75
C GLY D 81 23.90 -45.90 -4.23
N ILE D 82 24.28 -44.80 -3.58
CA ILE D 82 23.31 -43.93 -2.93
C ILE D 82 23.04 -42.65 -3.73
N GLN D 83 21.77 -42.34 -3.90
CA GLN D 83 21.37 -41.10 -4.58
C GLN D 83 21.36 -39.93 -3.60
N LEU D 84 22.39 -39.08 -3.69
CA LEU D 84 22.54 -37.96 -2.76
C LEU D 84 22.10 -36.64 -3.42
N THR D 85 21.06 -36.02 -2.87
CA THR D 85 20.54 -34.77 -3.41
C THR D 85 20.97 -33.56 -2.61
N ASP D 86 21.74 -32.67 -3.24
CA ASP D 86 22.18 -31.44 -2.60
C ASP D 86 21.04 -30.42 -2.52
N CYS D 87 20.64 -30.07 -1.32
CA CYS D 87 19.52 -29.16 -1.10
C CYS D 87 19.96 -27.74 -0.79
N GLY D 88 21.23 -27.45 -1.05
CA GLY D 88 21.77 -26.10 -0.88
C GLY D 88 22.17 -25.78 0.55
N ASP D 89 22.24 -24.49 0.85
CA ASP D 89 22.59 -24.02 2.19
C ASP D 89 21.47 -23.16 2.75
N ILE D 90 21.32 -23.19 4.07
CA ILE D 90 20.49 -22.25 4.77
C ILE D 90 21.26 -20.95 4.97
N ILE D 91 20.60 -19.81 4.73
CA ILE D 91 21.24 -18.51 4.92
C ILE D 91 21.00 -18.00 6.35
N PRO D 92 22.06 -17.99 7.18
CA PRO D 92 21.89 -17.56 8.57
C PRO D 92 21.60 -16.07 8.67
N VAL D 93 20.73 -15.69 9.61
CA VAL D 93 20.52 -14.28 9.92
C VAL D 93 21.68 -13.80 10.80
N GLU D 94 22.37 -12.76 10.34
CA GLU D 94 23.49 -12.21 11.08
C GLU D 94 23.31 -10.69 11.25
N LEU D 95 22.61 -10.30 12.29
CA LEU D 95 22.38 -8.88 12.58
C LEU D 95 23.71 -8.19 12.96
N ASN D 96 23.69 -6.86 13.03
CA ASN D 96 24.87 -6.12 13.44
C ASN D 96 24.85 -5.83 14.94
N GLU D 97 25.97 -5.36 15.46
CA GLU D 97 26.09 -5.05 16.89
C GLU D 97 24.85 -4.31 17.42
N ALA D 98 24.52 -3.19 16.79
CA ALA D 98 23.46 -2.31 17.28
C ALA D 98 22.10 -2.99 17.28
N GLU D 99 21.85 -3.81 16.26
CA GLU D 99 20.62 -4.60 16.16
C GLU D 99 20.55 -5.73 17.19
N ASP D 100 21.71 -6.19 17.65
CA ASP D 100 21.78 -7.43 18.43
C ASP D 100 22.70 -7.32 19.65
N PRO D 101 22.31 -6.50 20.65
CA PRO D 101 23.12 -6.34 21.86
C PRO D 101 23.03 -7.58 22.76
N GLN D 102 23.98 -7.72 23.67
CA GLN D 102 23.96 -8.84 24.62
C GLN D 102 22.70 -8.80 25.49
N ARG D 103 22.08 -9.95 25.67
CA ARG D 103 20.95 -10.08 26.58
C ARG D 103 21.18 -11.27 27.51
N PHE D 104 21.15 -11.02 28.81
CA PHE D 104 21.41 -12.04 29.81
C PHE D 104 22.76 -12.72 29.54
N GLY D 105 23.69 -11.96 28.96
CA GLY D 105 25.03 -12.45 28.68
C GLY D 105 25.16 -13.10 27.31
N MET D 106 24.02 -13.38 26.68
CA MET D 106 24.01 -14.07 25.39
C MET D 106 24.46 -13.18 24.25
N LYS D 107 25.42 -13.67 23.48
CA LYS D 107 25.95 -12.95 22.33
C LYS D 107 25.26 -13.41 21.05
N TRP D 108 24.84 -12.44 20.25
CA TRP D 108 24.12 -12.71 19.00
C TRP D 108 22.84 -13.50 19.25
N SER D 109 22.19 -13.21 20.38
CA SER D 109 20.96 -13.90 20.77
C SER D 109 19.80 -13.74 19.77
N ARG D 110 19.62 -12.53 19.24
CA ARG D 110 18.54 -12.29 18.28
C ARG D 110 18.84 -12.90 16.91
N SER D 111 20.10 -12.88 16.51
CA SER D 111 20.52 -13.58 15.30
C SER D 111 20.25 -15.07 15.48
N PHE D 112 20.47 -15.55 16.70
CA PHE D 112 20.23 -16.95 17.02
C PHE D 112 18.76 -17.31 16.84
N SER D 113 17.88 -16.57 17.53
CA SER D 113 16.45 -16.83 17.48
C SER D 113 15.91 -16.79 16.06
N LEU D 114 16.32 -15.77 15.30
CA LEU D 114 15.91 -15.65 13.90
C LEU D 114 16.48 -16.77 13.02
N THR D 115 17.74 -17.14 13.26
CA THR D 115 18.35 -18.21 12.49
C THR D 115 17.71 -19.55 12.84
N THR D 116 17.56 -19.80 14.14
CA THR D 116 16.92 -21.02 14.64
C THR D 116 15.60 -21.30 13.92
N LEU D 117 14.70 -20.31 13.92
CA LEU D 117 13.41 -20.43 13.25
C LEU D 117 13.53 -20.69 11.76
N ARG D 118 14.49 -20.04 11.11
CA ARG D 118 14.70 -20.22 9.68
C ARG D 118 15.19 -21.64 9.36
N ILE D 119 16.06 -22.16 10.22
CA ILE D 119 16.54 -23.54 10.07
C ILE D 119 15.42 -24.56 10.23
N ALA D 120 14.65 -24.41 11.31
CA ALA D 120 13.57 -25.34 11.64
C ALA D 120 12.57 -25.47 10.50
N GLU D 121 12.14 -24.34 9.95
CA GLU D 121 11.15 -24.35 8.88
C GLU D 121 11.67 -25.15 7.69
N ARG D 122 12.92 -24.89 7.30
CA ARG D 122 13.54 -25.60 6.17
C ARG D 122 13.69 -27.10 6.44
N VAL D 123 14.15 -27.47 7.63
CA VAL D 123 14.31 -28.87 7.98
C VAL D 123 12.97 -29.60 8.05
N GLU D 124 11.98 -28.96 8.69
CA GLU D 124 10.64 -29.53 8.76
C GLU D 124 10.14 -29.88 7.36
N GLU D 125 10.29 -28.95 6.43
CA GLU D 125 9.86 -29.17 5.04
C GLU D 125 10.55 -30.38 4.41
N LEU D 126 11.87 -30.44 4.53
CA LEU D 126 12.64 -31.51 3.94
C LEU D 126 12.29 -32.87 4.55
N MET D 127 12.00 -32.88 5.85
CA MET D 127 11.63 -34.13 6.52
C MET D 127 10.22 -34.57 6.12
N LYS D 128 9.29 -33.61 6.05
CA LYS D 128 7.93 -33.87 5.62
C LYS D 128 7.87 -34.45 4.20
N GLN D 129 8.68 -33.90 3.32
CA GLN D 129 8.70 -34.35 1.93
C GLN D 129 9.10 -35.83 1.84
N SER D 142 13.60 -45.18 3.94
CA SER D 142 13.60 -43.80 4.39
C SER D 142 14.78 -43.01 3.81
N THR D 143 14.69 -41.68 3.90
CA THR D 143 15.70 -40.81 3.32
C THR D 143 16.31 -39.93 4.41
N PRO D 144 17.54 -40.28 4.83
CA PRO D 144 18.25 -39.53 5.86
C PRO D 144 18.57 -38.10 5.39
N LEU D 145 18.55 -37.15 6.33
CA LEU D 145 18.99 -35.78 6.04
C LEU D 145 20.40 -35.61 6.61
N VAL D 146 21.35 -35.29 5.74
CA VAL D 146 22.73 -35.03 6.16
C VAL D 146 23.01 -33.54 6.20
N ILE D 147 23.21 -33.02 7.40
CA ILE D 147 23.47 -31.59 7.59
C ILE D 147 24.93 -31.36 8.00
N VAL D 148 25.58 -30.42 7.33
CA VAL D 148 26.94 -30.02 7.69
C VAL D 148 26.96 -28.56 8.16
N GLY D 149 27.46 -28.33 9.37
CA GLY D 149 27.64 -26.98 9.91
C GLY D 149 28.97 -26.38 9.47
N GLY D 150 29.30 -25.19 9.97
CA GLY D 150 28.48 -24.45 10.92
C GLY D 150 28.78 -24.85 12.36
N ASP D 151 28.78 -23.87 13.26
CA ASP D 151 28.94 -24.19 14.68
C ASP D 151 27.67 -24.83 15.25
N HIS D 152 27.76 -25.41 16.44
CA HIS D 152 26.71 -26.29 16.97
C HIS D 152 25.41 -25.56 17.40
N SER D 153 25.37 -24.24 17.29
CA SER D 153 24.17 -23.49 17.66
C SER D 153 23.02 -23.75 16.68
N MET D 154 23.36 -24.32 15.52
CA MET D 154 22.35 -24.71 14.52
C MET D 154 21.49 -25.86 15.04
N ALA D 155 21.99 -26.55 16.07
CA ALA D 155 21.31 -27.76 16.54
C ALA D 155 19.90 -27.45 17.02
N THR D 156 19.73 -26.31 17.68
CA THR D 156 18.42 -25.91 18.18
C THR D 156 17.40 -25.93 17.04
N GLY D 157 17.77 -25.32 15.92
CA GLY D 157 16.88 -25.22 14.77
C GLY D 157 16.66 -26.53 14.03
N THR D 158 17.70 -27.35 13.91
CA THR D 158 17.57 -28.61 13.20
C THR D 158 16.70 -29.61 13.97
N ILE D 159 16.91 -29.70 15.28
CA ILE D 159 16.09 -30.60 16.09
C ILE D 159 14.64 -30.12 16.11
N LEU D 160 14.46 -28.81 16.32
CA LEU D 160 13.13 -28.20 16.37
C LEU D 160 12.32 -28.51 15.12
N GLY D 161 12.93 -28.36 13.96
CA GLY D 161 12.26 -28.64 12.70
C GLY D 161 12.06 -30.14 12.48
N HIS D 162 13.03 -30.91 12.94
CA HIS D 162 12.99 -32.36 12.80
C HIS D 162 11.84 -32.94 13.61
N ALA D 163 11.71 -32.46 14.85
CA ALA D 163 10.68 -32.93 15.77
C ALA D 163 9.29 -32.56 15.28
N GLU D 164 9.21 -31.55 14.41
CA GLU D 164 7.94 -31.17 13.79
C GLU D 164 7.46 -32.25 12.83
N ALA D 165 8.42 -32.94 12.20
CA ALA D 165 8.09 -34.06 11.33
C ALA D 165 8.06 -35.39 12.10
N LYS D 166 8.96 -35.55 13.06
CA LYS D 166 9.02 -36.76 13.88
C LYS D 166 9.00 -36.39 15.36
N PRO D 167 7.80 -36.10 15.90
CA PRO D 167 7.62 -35.66 17.28
C PRO D 167 8.24 -36.60 18.32
N ASP D 168 8.27 -37.90 18.02
CA ASP D 168 8.76 -38.89 18.99
C ASP D 168 10.21 -39.34 18.74
N LEU D 169 11.02 -38.45 18.18
CA LEU D 169 12.41 -38.80 17.86
C LEU D 169 13.30 -38.86 19.10
N CYS D 170 14.49 -39.44 18.96
CA CYS D 170 15.46 -39.42 20.03
C CYS D 170 16.75 -38.76 19.56
N VAL D 171 17.51 -38.22 20.51
CA VAL D 171 18.73 -37.50 20.16
C VAL D 171 19.97 -38.21 20.70
N LEU D 172 20.90 -38.49 19.81
CA LEU D 172 22.22 -38.98 20.19
C LEU D 172 23.22 -37.86 19.96
N TRP D 173 23.78 -37.35 21.06
CA TRP D 173 24.64 -36.17 21.03
C TRP D 173 26.09 -36.58 21.24
N ILE D 174 26.86 -36.62 20.16
CA ILE D 174 28.26 -37.03 20.24
C ILE D 174 29.15 -35.78 20.34
N ASP D 175 29.83 -35.64 21.48
CA ASP D 175 30.47 -34.36 21.78
C ASP D 175 31.42 -34.44 22.97
N ALA D 176 32.47 -33.61 22.95
CA ALA D 176 33.31 -33.42 24.13
C ALA D 176 32.53 -32.62 25.17
N HIS D 177 31.54 -31.86 24.71
CA HIS D 177 30.83 -30.88 25.55
C HIS D 177 29.34 -31.17 25.66
N GLY D 178 28.71 -30.72 26.73
CA GLY D 178 27.29 -30.94 26.96
C GLY D 178 26.39 -30.04 26.12
N ASP D 179 26.91 -28.88 25.69
CA ASP D 179 26.13 -27.91 24.93
C ASP D 179 24.74 -27.67 25.52
N ILE D 180 24.64 -27.70 26.84
CA ILE D 180 23.34 -27.62 27.49
C ILE D 180 23.31 -26.54 28.58
N ASN D 181 24.25 -25.59 28.49
CA ASN D 181 24.27 -24.48 29.43
C ASN D 181 23.01 -23.63 29.33
N THR D 182 22.58 -23.10 30.48
CA THR D 182 21.50 -22.11 30.49
C THR D 182 22.10 -20.72 30.41
N PRO D 183 21.38 -19.78 29.77
CA PRO D 183 21.93 -18.44 29.52
C PRO D 183 22.66 -17.83 30.73
N LEU D 184 22.03 -17.88 31.90
CA LEU D 184 22.62 -17.25 33.08
C LEU D 184 23.77 -18.05 33.71
N ASN D 185 23.88 -19.34 33.36
CA ASN D 185 24.99 -20.15 33.86
C ASN D 185 26.20 -20.16 32.91
N SER D 186 26.01 -19.64 31.70
CA SER D 186 27.06 -19.64 30.69
C SER D 186 28.13 -18.60 30.96
N ALA D 187 29.38 -19.04 31.09
CA ALA D 187 30.48 -18.12 31.36
C ALA D 187 31.04 -17.49 30.08
N SER D 188 30.61 -17.99 28.93
CA SER D 188 31.13 -17.50 27.66
C SER D 188 30.11 -16.64 26.92
N GLY D 189 28.83 -16.90 27.17
CA GLY D 189 27.77 -16.27 26.42
C GLY D 189 27.69 -16.75 24.97
N ASN D 190 28.50 -17.73 24.60
CA ASN D 190 28.51 -18.26 23.23
C ASN D 190 27.34 -19.21 22.99
N MET D 191 26.54 -18.97 21.96
CA MET D 191 25.31 -19.71 21.74
C MET D 191 25.52 -21.20 21.42
N HIS D 192 26.63 -21.55 20.78
CA HIS D 192 26.92 -22.95 20.44
C HIS D 192 27.06 -23.85 21.67
N GLY D 193 27.17 -23.25 22.85
CA GLY D 193 27.22 -23.99 24.09
C GLY D 193 25.88 -24.08 24.83
N MET D 194 24.81 -23.60 24.21
CA MET D 194 23.49 -23.64 24.83
C MET D 194 22.38 -24.30 24.00
N PRO D 195 22.71 -24.90 22.82
CA PRO D 195 21.65 -25.31 21.90
C PRO D 195 20.58 -26.21 22.54
N LEU D 196 21.00 -27.07 23.47
CA LEU D 196 20.08 -28.05 24.06
C LEU D 196 19.16 -27.44 25.12
N SER D 197 19.65 -26.46 25.86
CA SER D 197 18.87 -25.88 26.96
C SER D 197 17.50 -25.35 26.50
N PHE D 198 17.42 -24.88 25.26
CA PHE D 198 16.18 -24.34 24.72
C PHE D 198 15.19 -25.42 24.25
N LEU D 199 15.66 -26.66 24.15
CA LEU D 199 14.83 -27.76 23.67
C LEU D 199 14.29 -28.66 24.78
N VAL D 200 15.01 -28.74 25.89
CA VAL D 200 14.65 -29.66 26.97
C VAL D 200 13.53 -29.11 27.87
N LYS D 201 12.36 -29.75 27.81
CA LYS D 201 11.18 -29.37 28.58
C LYS D 201 11.48 -29.13 30.07
N GLU D 202 12.32 -29.98 30.65
CA GLU D 202 12.64 -29.92 32.07
C GLU D 202 13.50 -28.70 32.46
N LEU D 203 14.03 -28.00 31.48
CA LEU D 203 14.94 -26.88 31.76
C LEU D 203 14.30 -25.50 31.58
N GLN D 204 13.01 -25.48 31.26
CA GLN D 204 12.37 -24.24 30.81
C GLN D 204 12.15 -23.16 31.88
N ASP D 205 12.16 -23.54 33.15
CA ASP D 205 12.13 -22.57 34.22
C ASP D 205 13.54 -22.05 34.52
N GLN D 206 14.47 -22.40 33.65
CA GLN D 206 15.86 -21.98 33.75
C GLN D 206 16.25 -21.09 32.57
N ILE D 207 15.35 -20.99 31.59
CA ILE D 207 15.54 -20.15 30.42
C ILE D 207 14.85 -18.82 30.62
N PRO D 208 15.61 -17.71 30.61
CA PRO D 208 15.04 -16.36 30.70
C PRO D 208 14.13 -16.05 29.52
N TRP D 209 12.91 -15.59 29.79
CA TRP D 209 11.95 -15.29 28.74
C TRP D 209 12.35 -14.11 27.85
N LEU D 210 12.26 -14.31 26.55
CA LEU D 210 12.49 -13.26 25.57
C LEU D 210 11.48 -13.41 24.43
N ASP D 211 10.91 -12.29 23.99
CA ASP D 211 9.82 -12.29 23.02
C ASP D 211 10.15 -13.08 21.76
N ASP D 212 11.31 -12.78 21.18
CA ASP D 212 11.75 -13.42 19.94
C ASP D 212 12.09 -14.90 20.13
N PHE D 213 12.14 -15.35 21.38
CA PHE D 213 12.43 -16.75 21.70
C PHE D 213 11.16 -17.58 21.92
N GLU D 214 10.01 -16.96 21.69
CA GLU D 214 8.73 -17.61 21.93
C GLU D 214 8.44 -18.72 20.91
N GLY D 215 8.88 -18.52 19.67
CA GLY D 215 8.63 -19.49 18.61
C GLY D 215 9.44 -20.77 18.77
N ILE D 216 10.40 -20.75 19.68
CA ILE D 216 11.23 -21.91 19.93
C ILE D 216 10.62 -22.79 21.02
N LYS D 217 9.80 -23.75 20.60
CA LYS D 217 9.10 -24.64 21.52
C LYS D 217 9.98 -25.80 21.98
N PRO D 218 10.13 -25.97 23.31
CA PRO D 218 10.87 -27.10 23.88
C PRO D 218 10.22 -28.42 23.47
N CYS D 219 10.86 -29.16 22.58
CA CYS D 219 10.25 -30.33 21.96
C CYS D 219 10.94 -31.64 22.38
N LEU D 220 11.75 -31.58 23.44
CA LEU D 220 12.49 -32.74 23.88
C LEU D 220 12.30 -33.00 25.37
N ASN D 221 12.15 -34.27 25.73
CA ASN D 221 12.24 -34.69 27.12
C ASN D 221 13.65 -35.15 27.42
N ALA D 222 14.13 -34.86 28.64
CA ALA D 222 15.46 -35.26 29.06
C ALA D 222 15.71 -36.76 28.82
N SER D 223 14.63 -37.54 28.87
CA SER D 223 14.72 -38.98 28.69
C SER D 223 14.87 -39.41 27.22
N ASN D 224 14.91 -38.46 26.31
CA ASN D 224 15.04 -38.78 24.89
C ASN D 224 16.40 -38.38 24.29
N ILE D 225 17.31 -37.96 25.15
CA ILE D 225 18.67 -37.58 24.74
C ILE D 225 19.69 -38.51 25.42
N ALA D 226 20.76 -38.81 24.69
CA ALA D 226 21.91 -39.51 25.28
C ALA D 226 23.22 -38.93 24.74
N TYR D 227 24.16 -38.68 25.64
CA TYR D 227 25.49 -38.16 25.26
C TYR D 227 26.54 -39.27 25.15
N ILE D 228 27.42 -39.16 24.15
CA ILE D 228 28.63 -39.98 24.09
C ILE D 228 29.87 -39.13 23.81
N GLY D 229 30.93 -39.29 24.61
CA GLY D 229 32.21 -38.66 24.33
C GLY D 229 32.59 -37.47 25.21
N LEU D 230 31.73 -37.14 26.15
CA LEU D 230 31.93 -35.99 27.04
C LEU D 230 33.25 -36.08 27.81
N ARG D 231 33.90 -34.93 28.00
CA ARG D 231 35.14 -34.86 28.76
C ARG D 231 35.46 -33.44 29.23
N ASP D 232 34.55 -32.51 28.94
CA ASP D 232 34.74 -31.10 29.29
C ASP D 232 33.41 -30.42 29.69
N LEU D 233 32.67 -31.04 30.60
CA LEU D 233 31.40 -30.48 31.08
C LEU D 233 31.62 -29.29 32.01
N ASP D 234 30.70 -28.32 31.95
CA ASP D 234 30.68 -27.25 32.96
C ASP D 234 29.95 -27.78 34.19
N ALA D 235 30.26 -27.22 35.35
CA ALA D 235 29.71 -27.73 36.61
C ALA D 235 28.19 -27.69 36.62
N HIS D 236 27.62 -26.64 36.03
CA HIS D 236 26.17 -26.49 35.99
C HIS D 236 25.49 -27.40 34.98
N GLU D 237 26.25 -27.86 33.99
CA GLU D 237 25.73 -28.86 33.06
C GLU D 237 25.68 -30.22 33.76
N THR D 238 26.75 -30.54 34.48
CA THR D 238 26.84 -31.78 35.23
C THR D 238 25.62 -31.89 36.16
N HIS D 239 25.30 -30.79 36.82
CA HIS D 239 24.16 -30.70 37.72
C HIS D 239 22.84 -31.01 37.00
N ASP D 240 22.57 -30.29 35.90
CA ASP D 240 21.31 -30.45 35.17
C ASP D 240 21.18 -31.84 34.54
N ILE D 241 22.28 -32.31 33.95
CA ILE D 241 22.30 -33.65 33.35
C ILE D 241 21.98 -34.73 34.39
N ARG D 242 22.59 -34.64 35.57
CA ARG D 242 22.33 -35.63 36.62
C ARG D 242 20.94 -35.44 37.23
N LYS D 243 20.57 -34.19 37.51
CA LYS D 243 19.30 -33.87 38.15
C LYS D 243 18.10 -34.38 37.34
N HIS D 244 18.22 -34.31 36.01
CA HIS D 244 17.09 -34.66 35.17
C HIS D 244 17.25 -36.04 34.51
N GLY D 245 18.22 -36.81 34.99
CA GLY D 245 18.42 -38.17 34.53
C GLY D 245 18.67 -38.36 33.05
N ILE D 246 19.36 -37.41 32.42
CA ILE D 246 19.76 -37.56 31.02
C ILE D 246 20.86 -38.62 30.90
N ALA D 247 20.68 -39.58 29.98
CA ALA D 247 21.71 -40.60 29.72
C ALA D 247 23.00 -39.98 29.16
N TYR D 248 24.14 -40.27 29.78
CA TYR D 248 25.41 -39.74 29.30
C TYR D 248 26.59 -40.67 29.53
N PHE D 249 27.41 -40.81 28.50
CA PHE D 249 28.58 -41.67 28.59
C PHE D 249 29.79 -40.85 28.21
N THR D 250 30.63 -40.57 29.21
CA THR D 250 31.81 -39.74 29.03
C THR D 250 32.95 -40.60 28.53
N MET D 251 34.09 -39.98 28.27
CA MET D 251 35.27 -40.75 27.86
C MET D 251 35.72 -41.71 28.98
N LEU D 252 35.45 -41.35 30.23
CA LEU D 252 35.72 -42.26 31.36
C LEU D 252 34.88 -43.54 31.16
N ASP D 253 33.60 -43.35 30.85
CA ASP D 253 32.72 -44.49 30.57
C ASP D 253 33.25 -45.28 29.39
N VAL D 254 33.68 -44.59 28.34
CA VAL D 254 34.20 -45.27 27.15
C VAL D 254 35.45 -46.10 27.47
N ASP D 255 36.30 -45.57 28.32
CA ASP D 255 37.51 -46.26 28.78
C ASP D 255 37.18 -47.53 29.55
N ARG D 256 36.24 -47.43 30.49
CA ARG D 256 35.94 -48.54 31.39
C ARG D 256 35.01 -49.58 30.75
N MET D 257 34.09 -49.11 29.91
CA MET D 257 33.08 -49.97 29.29
C MET D 257 33.44 -50.46 27.89
N GLY D 258 34.23 -49.68 27.15
CA GLY D 258 34.45 -49.93 25.74
C GLY D 258 33.32 -49.31 24.92
N ILE D 259 33.64 -48.84 23.71
CA ILE D 259 32.64 -48.14 22.89
C ILE D 259 31.46 -49.03 22.49
N GLU D 260 31.73 -50.32 22.32
CA GLU D 260 30.66 -51.26 21.93
C GLU D 260 29.54 -51.28 22.97
N ALA D 261 29.90 -51.42 24.25
CA ALA D 261 28.92 -51.40 25.33
C ALA D 261 28.25 -50.04 25.45
N VAL D 262 29.03 -48.97 25.31
CA VAL D 262 28.49 -47.61 25.38
C VAL D 262 27.42 -47.35 24.33
N ILE D 263 27.70 -47.70 23.07
CA ILE D 263 26.72 -47.52 21.99
C ILE D 263 25.45 -48.32 22.31
N LYS D 264 25.64 -49.54 22.79
CA LYS D 264 24.51 -50.40 23.13
C LYS D 264 23.65 -49.78 24.23
N GLU D 265 24.28 -49.33 25.30
CA GLU D 265 23.55 -48.76 26.44
C GLU D 265 22.87 -47.44 26.07
N ALA D 266 23.50 -46.69 25.17
CA ALA D 266 22.97 -45.39 24.75
C ALA D 266 21.65 -45.58 23.99
N LEU D 267 21.66 -46.51 23.03
CA LEU D 267 20.47 -46.85 22.25
C LEU D 267 19.39 -47.48 23.12
N LEU D 268 19.79 -48.29 24.08
CA LEU D 268 18.85 -48.87 25.06
C LEU D 268 18.13 -47.75 25.81
N ALA D 269 18.90 -46.73 26.21
CA ALA D 269 18.36 -45.67 27.05
C ALA D 269 17.32 -44.80 26.34
N VAL D 270 17.54 -44.47 25.06
CA VAL D 270 16.64 -43.56 24.37
C VAL D 270 15.87 -44.16 23.18
N ASN D 271 16.27 -45.37 22.76
CA ASN D 271 15.61 -46.04 21.62
C ASN D 271 15.56 -47.58 21.81
N PRO D 272 14.98 -48.02 22.95
CA PRO D 272 15.01 -49.41 23.44
C PRO D 272 14.73 -50.49 22.38
N ARG D 273 13.72 -50.27 21.56
CA ARG D 273 13.30 -51.30 20.60
C ARG D 273 13.35 -50.75 19.18
N LEU D 274 14.19 -49.75 18.97
CA LEU D 274 14.37 -49.17 17.64
C LEU D 274 13.05 -48.66 17.06
N GLU D 275 12.21 -48.08 17.91
CA GLU D 275 10.90 -47.58 17.48
C GLU D 275 10.96 -46.10 17.07
N LYS D 276 12.01 -45.40 17.47
CA LYS D 276 12.09 -43.95 17.28
C LYS D 276 13.04 -43.54 16.17
N ALA D 277 12.64 -42.55 15.38
CA ALA D 277 13.56 -41.92 14.44
C ALA D 277 14.73 -41.32 15.23
N ILE D 278 15.94 -41.41 14.68
CA ILE D 278 17.11 -40.93 15.39
C ILE D 278 17.69 -39.63 14.81
N HIS D 279 17.94 -38.68 15.71
CA HIS D 279 18.67 -37.47 15.38
C HIS D 279 20.10 -37.62 15.91
N LEU D 280 21.05 -37.86 15.02
CA LEU D 280 22.45 -37.99 15.42
C LEU D 280 23.17 -36.65 15.29
N SER D 281 23.50 -36.03 16.42
CA SER D 281 24.19 -34.75 16.40
C SER D 281 25.66 -34.97 16.74
N PHE D 282 26.51 -34.91 15.71
CA PHE D 282 27.92 -35.25 15.86
C PHE D 282 28.82 -34.01 15.80
N ASP D 283 29.31 -33.57 16.96
CA ASP D 283 30.28 -32.48 17.02
C ASP D 283 31.65 -33.08 16.73
N ILE D 284 32.30 -32.56 15.68
CA ILE D 284 33.57 -33.12 15.24
C ILE D 284 34.59 -33.16 16.39
N ASP D 285 34.43 -32.25 17.36
CA ASP D 285 35.39 -32.18 18.46
C ASP D 285 35.23 -33.31 19.48
N ALA D 286 34.22 -34.14 19.29
CA ALA D 286 34.12 -35.40 20.03
C ALA D 286 35.34 -36.27 19.72
N LEU D 287 35.80 -36.22 18.47
CA LEU D 287 36.99 -36.96 18.04
C LEU D 287 38.25 -36.36 18.65
N ASP D 288 39.29 -37.16 18.77
CA ASP D 288 40.56 -36.68 19.32
C ASP D 288 41.20 -35.63 18.41
N PRO D 289 41.78 -34.57 19.01
CA PRO D 289 42.43 -33.53 18.21
C PRO D 289 43.47 -34.07 17.21
N LEU D 290 44.08 -35.23 17.51
CA LEU D 290 45.06 -35.85 16.60
C LEU D 290 44.41 -36.26 15.28
N VAL D 291 43.09 -36.39 15.32
CA VAL D 291 42.30 -36.83 14.17
C VAL D 291 41.42 -35.71 13.57
N ALA D 292 40.99 -34.77 14.42
CA ALA D 292 40.13 -33.66 13.98
C ALA D 292 40.60 -32.33 14.58
N PRO D 293 41.82 -31.90 14.20
CA PRO D 293 42.46 -30.70 14.78
C PRO D 293 41.71 -29.40 14.46
N SER D 294 41.09 -29.33 13.29
CA SER D 294 40.52 -28.05 12.83
C SER D 294 39.12 -27.77 13.38
N THR D 295 39.07 -27.39 14.64
CA THR D 295 37.81 -27.18 15.34
C THR D 295 38.03 -26.22 16.49
N GLY D 296 37.01 -25.44 16.82
CA GLY D 296 37.16 -24.30 17.70
C GLY D 296 37.52 -24.60 19.15
N THR D 297 37.00 -25.71 19.66
CA THR D 297 37.20 -26.03 21.08
C THR D 297 37.66 -27.48 21.25
N ALA D 298 38.90 -27.74 20.83
CA ALA D 298 39.49 -29.07 20.84
C ALA D 298 39.89 -29.47 22.26
N VAL D 299 39.68 -30.75 22.58
CA VAL D 299 39.98 -31.27 23.92
C VAL D 299 40.65 -32.63 23.80
N PRO D 300 41.88 -32.74 24.34
CA PRO D 300 42.67 -33.98 24.33
C PRO D 300 41.89 -35.18 24.88
N GLY D 301 42.28 -36.38 24.45
CA GLY D 301 41.69 -37.61 24.96
C GLY D 301 40.30 -37.91 24.41
N GLY D 302 40.10 -37.64 23.13
CA GLY D 302 38.80 -37.85 22.49
C GLY D 302 38.63 -39.24 21.91
N LEU D 303 37.50 -39.44 21.23
CA LEU D 303 37.21 -40.70 20.54
C LEU D 303 38.25 -40.90 19.45
N THR D 304 38.66 -42.15 19.24
CA THR D 304 39.48 -42.45 18.06
C THR D 304 38.54 -42.39 16.88
N LEU D 305 39.09 -42.30 15.67
CA LEU D 305 38.26 -42.31 14.47
C LEU D 305 37.45 -43.61 14.43
N ARG D 306 38.10 -44.70 14.83
CA ARG D 306 37.46 -46.02 14.83
C ARG D 306 36.24 -46.05 15.76
N GLU D 307 36.40 -45.50 16.97
CA GLU D 307 35.28 -45.38 17.90
C GLU D 307 34.16 -44.51 17.30
N GLY D 308 34.54 -43.39 16.69
CA GLY D 308 33.57 -42.54 15.99
C GLY D 308 32.84 -43.32 14.90
N LEU D 309 33.60 -44.08 14.11
CA LEU D 309 33.00 -44.91 13.07
C LEU D 309 32.01 -45.94 13.64
N ARG D 310 32.39 -46.60 14.73
CA ARG D 310 31.53 -47.63 15.34
C ARG D 310 30.18 -47.04 15.71
N ILE D 311 30.20 -45.83 16.28
CA ILE D 311 28.98 -45.14 16.65
C ILE D 311 28.09 -44.95 15.42
N CYS D 312 28.69 -44.41 14.36
CA CYS D 312 27.94 -44.13 13.14
C CYS D 312 27.47 -45.40 12.43
N GLU D 313 28.32 -46.43 12.44
CA GLU D 313 27.98 -47.72 11.85
C GLU D 313 26.78 -48.33 12.57
N GLU D 314 26.80 -48.25 13.89
CA GLU D 314 25.72 -48.84 14.68
C GLU D 314 24.42 -48.06 14.52
N VAL D 315 24.49 -46.74 14.71
CA VAL D 315 23.33 -45.88 14.49
C VAL D 315 22.73 -46.11 13.08
N SER D 316 23.60 -46.17 12.08
CA SER D 316 23.13 -46.41 10.71
C SER D 316 22.37 -47.72 10.59
N ALA D 317 22.97 -48.79 11.09
CA ALA D 317 22.44 -50.15 10.95
C ALA D 317 21.09 -50.36 11.61
N THR D 318 20.67 -49.42 12.45
CA THR D 318 19.35 -49.48 13.07
C THR D 318 18.22 -49.31 12.03
N GLY D 319 18.55 -48.67 10.91
CA GLY D 319 17.53 -48.33 9.92
C GLY D 319 16.72 -47.10 10.34
N LYS D 320 16.99 -46.57 11.52
CA LYS D 320 16.25 -45.42 12.05
C LYS D 320 16.99 -44.08 11.97
N LEU D 321 18.13 -44.03 11.28
CA LEU D 321 18.83 -42.77 11.13
C LEU D 321 17.98 -41.81 10.30
N SER D 322 17.51 -40.73 10.92
CA SER D 322 16.60 -39.81 10.28
C SER D 322 17.31 -38.50 9.88
N VAL D 323 18.09 -37.96 10.81
CA VAL D 323 18.96 -36.82 10.54
C VAL D 323 20.33 -37.04 11.18
N VAL D 324 21.39 -36.75 10.44
CA VAL D 324 22.74 -36.66 11.00
C VAL D 324 23.30 -35.28 10.69
N GLU D 325 23.72 -34.56 11.72
CA GLU D 325 24.37 -33.26 11.53
C GLU D 325 25.78 -33.28 12.09
N LEU D 326 26.72 -32.77 11.30
CA LEU D 326 28.13 -32.71 11.69
C LEU D 326 28.51 -31.27 11.94
N ALA D 327 28.80 -30.94 13.19
CA ALA D 327 29.03 -29.55 13.57
C ALA D 327 30.49 -29.24 13.88
N GLU D 328 30.82 -27.95 13.83
CA GLU D 328 32.08 -27.40 14.34
C GLU D 328 33.34 -27.61 13.49
N LEU D 329 33.17 -28.02 12.23
CA LEU D 329 34.30 -27.96 11.30
C LEU D 329 34.72 -26.51 11.15
N ASN D 330 36.02 -26.23 11.29
CA ASN D 330 36.54 -24.91 11.00
C ASN D 330 37.84 -24.95 10.18
N PRO D 331 37.69 -24.90 8.85
CA PRO D 331 38.78 -24.95 7.86
C PRO D 331 39.78 -23.80 8.03
N LEU D 332 39.40 -22.74 8.75
CA LEU D 332 40.31 -21.62 8.99
C LEU D 332 41.21 -21.81 10.21
N LEU D 333 41.14 -22.97 10.85
CA LEU D 333 42.02 -23.28 11.98
C LEU D 333 43.06 -24.36 11.65
N GLY D 334 44.25 -24.21 12.21
CA GLY D 334 45.31 -25.20 12.03
C GLY D 334 46.01 -25.14 10.68
N SER D 335 46.96 -26.06 10.46
CA SER D 335 47.71 -26.09 9.21
C SER D 335 46.89 -26.69 8.08
N GLN D 336 47.38 -26.51 6.86
CA GLN D 336 46.80 -27.15 5.70
C GLN D 336 46.58 -28.64 5.95
N GLU D 337 47.56 -29.29 6.58
CA GLU D 337 47.44 -30.73 6.88
C GLU D 337 46.39 -31.03 7.97
N ASP D 338 46.32 -30.17 8.99
CA ASP D 338 45.28 -30.28 10.01
C ASP D 338 43.89 -30.27 9.35
N VAL D 339 43.71 -29.36 8.40
CA VAL D 339 42.44 -29.24 7.68
C VAL D 339 42.11 -30.51 6.89
N LEU D 340 43.11 -31.04 6.18
CA LEU D 340 42.94 -32.28 5.41
C LEU D 340 42.56 -33.46 6.31
N LYS D 341 43.25 -33.58 7.45
CA LYS D 341 42.92 -34.60 8.44
C LYS D 341 41.48 -34.45 8.94
N THR D 342 41.10 -33.23 9.30
CA THR D 342 39.77 -32.94 9.81
C THR D 342 38.72 -33.27 8.75
N GLN D 343 38.95 -32.81 7.52
CA GLN D 343 38.07 -33.08 6.37
C GLN D 343 37.93 -34.59 6.12
N SER D 344 39.05 -35.29 6.10
CA SER D 344 39.06 -36.74 5.93
C SER D 344 38.22 -37.45 7.01
N SER D 345 38.48 -37.11 8.27
CA SER D 345 37.71 -37.67 9.38
C SER D 345 36.21 -37.43 9.21
N ALA D 346 35.85 -36.19 8.91
CA ALA D 346 34.45 -35.83 8.66
C ALA D 346 33.82 -36.71 7.57
N VAL D 347 34.55 -36.93 6.49
CA VAL D 347 34.04 -37.69 5.35
C VAL D 347 33.80 -39.17 5.69
N HIS D 348 34.78 -39.78 6.36
CA HIS D 348 34.65 -41.17 6.78
C HIS D 348 33.46 -41.34 7.72
N ILE D 349 33.32 -40.40 8.66
CA ILE D 349 32.22 -40.39 9.62
C ILE D 349 30.84 -40.35 8.93
N LEU D 350 30.65 -39.39 8.03
CA LEU D 350 29.39 -39.23 7.28
C LEU D 350 29.06 -40.41 6.36
N ARG D 351 30.07 -40.95 5.70
CA ARG D 351 29.92 -42.14 4.87
C ARG D 351 29.38 -43.31 5.69
N ALA D 352 29.98 -43.54 6.85
CA ALA D 352 29.53 -44.59 7.74
C ALA D 352 28.05 -44.39 8.08
N CYS D 353 27.69 -43.15 8.41
CA CYS D 353 26.31 -42.83 8.76
C CYS D 353 25.34 -43.23 7.67
N LEU D 354 25.75 -43.06 6.41
CA LEU D 354 24.90 -43.40 5.29
C LEU D 354 24.94 -44.89 4.94
N GLY D 355 25.79 -45.64 5.65
CA GLY D 355 25.83 -47.08 5.47
C GLY D 355 27.08 -47.72 4.89
N HIS D 356 28.14 -46.94 4.69
CA HIS D 356 29.39 -47.53 4.20
C HIS D 356 29.90 -48.60 5.16
N CYS D 357 30.33 -49.73 4.60
CA CYS D 357 30.82 -50.86 5.38
C CYS D 357 32.33 -50.99 5.21
N ARG D 358 33.04 -51.12 6.31
CA ARG D 358 34.49 -51.28 6.27
C ARG D 358 34.87 -52.72 5.90
N SER D 359 33.90 -53.63 6.01
CA SER D 359 34.11 -55.03 5.63
C SER D 359 33.79 -55.28 4.16
N GLY D 360 33.52 -54.20 3.42
CA GLY D 360 33.33 -54.29 1.98
C GLY D 360 31.89 -54.42 1.53
N HIS D 361 31.64 -53.98 0.29
CA HIS D 361 30.32 -54.11 -0.33
C HIS D 361 30.41 -55.01 -1.56
N LEU D 362 29.29 -55.62 -1.92
CA LEU D 362 29.26 -56.48 -3.10
C LEU D 362 29.01 -55.66 -4.36
N PRO D 363 29.52 -56.13 -5.50
CA PRO D 363 29.36 -55.44 -6.80
C PRO D 363 27.90 -55.36 -7.22
N PHE D 364 27.58 -54.37 -8.05
CA PHE D 364 26.24 -54.26 -8.62
C PHE D 364 26.13 -55.18 -9.84
N LYS D 365 27.27 -55.55 -10.40
CA LYS D 365 27.30 -56.38 -11.59
C LYS D 365 28.58 -57.19 -11.61
N VAL D 366 28.49 -58.47 -11.27
CA VAL D 366 29.66 -59.33 -11.16
C VAL D 366 30.31 -59.56 -12.52
N ARG D 367 31.45 -58.93 -12.75
CA ARG D 367 32.14 -59.03 -14.03
C ARG D 367 32.94 -60.32 -14.13
N ASN D 368 32.62 -61.13 -15.13
CA ASN D 368 33.36 -62.36 -15.39
C ASN D 368 33.96 -62.34 -16.79
N LEU D 369 35.25 -62.63 -16.91
CA LEU D 369 35.93 -62.54 -18.20
C LEU D 369 35.42 -63.52 -19.23
N THR D 370 34.61 -64.49 -18.80
CA THR D 370 34.05 -65.46 -19.74
C THR D 370 32.87 -64.84 -20.51
N ASP D 371 32.24 -63.84 -19.91
CA ASP D 371 31.14 -63.14 -20.57
C ASP D 371 31.66 -61.91 -21.32
N GLN D 372 32.97 -61.69 -21.24
CA GLN D 372 33.62 -60.60 -21.96
C GLN D 372 34.37 -61.16 -23.16
N GLY D 373 34.22 -62.46 -23.40
CA GLY D 373 34.85 -63.11 -24.53
C GLY D 373 36.38 -63.05 -24.50
N ILE D 374 36.95 -63.24 -23.33
CA ILE D 374 38.41 -63.23 -23.18
C ILE D 374 38.91 -64.59 -22.69
N MET D 375 40.08 -65.00 -23.20
CA MET D 375 40.61 -66.32 -22.93
C MET D 375 41.45 -66.32 -21.64
N SER D 376 40.92 -66.99 -20.61
CA SER D 376 41.55 -67.01 -19.30
C SER D 376 42.68 -68.03 -19.22
N ARG D 377 43.49 -67.92 -18.17
CA ARG D 377 44.57 -68.88 -17.93
C ARG D 377 44.03 -70.28 -17.68
N ALA D 378 42.95 -70.37 -16.89
CA ALA D 378 42.33 -71.65 -16.58
C ALA D 378 41.89 -72.38 -17.85
N ALA D 379 41.25 -71.65 -18.76
CA ALA D 379 40.80 -72.21 -20.02
C ALA D 379 41.98 -72.64 -20.90
N HIS D 380 42.99 -71.78 -21.01
CA HIS D 380 44.18 -72.08 -21.81
C HIS D 380 44.87 -73.33 -21.28
N MET D 381 44.84 -73.48 -19.97
CA MET D 381 45.44 -74.63 -19.31
C MET D 381 44.59 -75.89 -19.47
MN MN E . -40.34 21.18 -2.59
MN MN F . -42.04 22.85 -0.32
C1 GOL G . -54.03 14.94 -15.51
O1 GOL G . -52.96 14.32 -16.18
C2 GOL G . -54.23 16.34 -16.06
O2 GOL G . -55.06 16.23 -17.21
C3 GOL G . -54.90 17.17 -14.98
O3 GOL G . -55.34 18.41 -15.51
C1 GOL H . -46.94 28.98 -19.30
O1 GOL H . -47.27 29.51 -20.56
C2 GOL H . -47.13 27.46 -19.33
O2 GOL H . -46.44 26.97 -20.46
C3 GOL H . -46.56 26.90 -18.02
O3 GOL H . -46.76 25.49 -17.92
N ABH I . -47.17 16.99 0.37
CA ABH I . -48.04 17.81 -0.47
C ABH I . -48.44 17.07 -1.74
O ABH I . -47.93 15.94 -1.98
OT ABH I . -49.29 17.59 -2.50
CB ABH I . -47.37 19.15 -0.80
CG ABH I . -46.19 19.07 -1.77
CD ABH I . -45.37 20.38 -1.80
CE ABH I . -44.42 20.37 -2.99
B ABH I . -43.09 21.24 -2.81
O2 ABH I . -42.25 21.41 -4.07
O1 ABH I . -42.35 21.12 -1.49
O3 ABH I . -43.62 22.68 -2.66
MN MN J . 6.30 18.62 23.76
MN MN K . 5.16 19.46 26.73
C1 GOL L . 26.16 19.46 25.79
O1 GOL L . 25.87 19.18 24.43
C2 GOL L . 26.09 18.17 26.58
O2 GOL L . 27.34 17.52 26.53
C3 GOL L . 25.66 18.45 28.02
O3 GOL L . 25.94 17.31 28.82
C1 GOL M . 19.75 4.62 28.12
O1 GOL M . 20.32 3.41 27.69
C2 GOL M . 20.19 5.74 27.19
O2 GOL M . 20.63 5.13 26.00
C3 GOL M . 19.01 6.67 26.89
O3 GOL M . 19.49 7.88 26.33
N ABH N . 9.78 25.77 26.95
CA ABH N . 10.61 24.94 27.83
C ABH N . 12.01 24.76 27.26
O ABH N . 12.89 24.20 27.92
OT ABH N . 12.23 25.20 26.11
CB ABH N . 9.95 23.58 28.11
CG ABH N . 9.89 22.65 26.90
CD ABH N . 9.09 21.36 27.17
CE ABH N . 9.37 20.32 26.08
B ABH N . 8.13 19.38 25.73
O2 ABH N . 8.39 18.21 24.82
O1 ABH N . 6.81 20.05 25.50
O3 ABH N . 7.87 18.68 27.07
MN MN O . 13.58 -2.75 -29.26
MN MN P . 14.87 -0.39 -31.14
C1 GOL Q . 27.16 -5.36 -15.21
O1 GOL Q . 26.36 -6.34 -14.58
C2 GOL Q . 26.93 -4.00 -14.57
O2 GOL Q . 27.40 -4.02 -13.23
C3 GOL Q . 27.71 -2.96 -15.36
O3 GOL Q . 27.78 -1.77 -14.62
C1 GOL R . 15.73 5.35 -11.13
O1 GOL R . 15.17 5.59 -9.86
C2 GOL R . 16.08 3.88 -11.26
O2 GOL R . 15.24 3.12 -10.43
C3 GOL R . 15.91 3.43 -12.72
O3 GOL R . 16.40 2.11 -12.85
N ABH S . 21.75 -4.24 -31.55
CA ABH S . 22.17 -3.22 -30.60
C ABH S . 22.62 -3.90 -29.32
O ABH S . 23.12 -3.21 -28.40
OT ABH S . 22.47 -5.14 -29.23
CB ABH S . 21.04 -2.20 -30.36
CG ABH S . 19.85 -2.71 -29.54
CD ABH S . 18.66 -1.73 -29.52
CE ABH S . 17.71 -2.11 -28.38
B ABH S . 16.17 -1.79 -28.66
O2 ABH S . 15.18 -2.14 -27.57
O1 ABH S . 15.67 -2.01 -30.05
O3 ABH S . 16.13 -0.25 -28.63
MN MN T . 29.02 -29.12 20.29
MN MN U . 32.03 -29.63 21.39
N ABH V . 30.71 -25.12 27.76
CA ABH V . 31.53 -24.18 27.01
C ABH V . 30.71 -22.94 26.75
O ABH V . 31.27 -21.96 26.21
OT ABH V . 29.50 -22.94 27.09
CB ABH V . 32.05 -24.83 25.70
CG ABH V . 30.99 -24.89 24.59
CD ABH V . 31.44 -25.72 23.40
CE ABH V . 30.47 -25.58 22.22
B ABH V . 30.46 -26.84 21.26
O2 ABH V . 29.71 -26.66 19.95
O1 ABH V . 30.43 -28.22 21.91
O3 ABH V . 31.90 -26.86 20.72
#